data_4P79
# 
_entry.id   4P79 
# 
_audit_conform.dict_name       mmcif_pdbx.dic 
_audit_conform.dict_version    5.399 
_audit_conform.dict_location   http://mmcif.pdb.org/dictionaries/ascii/mmcif_pdbx.dic 
# 
loop_
_database_2.database_id 
_database_2.database_code 
_database_2.pdbx_database_accession 
_database_2.pdbx_DOI 
PDB   4P79         pdb_00004p79 10.2210/pdb4p79/pdb 
WWPDB D_1000200139 ?            ?                   
# 
loop_
_pdbx_audit_revision_history.ordinal 
_pdbx_audit_revision_history.data_content_type 
_pdbx_audit_revision_history.major_revision 
_pdbx_audit_revision_history.minor_revision 
_pdbx_audit_revision_history.revision_date 
1 'Structure model' 1 0 2014-04-30 
2 'Structure model' 1 1 2014-05-07 
3 'Structure model' 1 2 2017-09-27 
4 'Structure model' 1 3 2017-10-11 
5 'Structure model' 1 4 2023-12-27 
6 'Structure model' 1 5 2024-11-20 
# 
_pdbx_audit_revision_details.ordinal             1 
_pdbx_audit_revision_details.revision_ordinal    1 
_pdbx_audit_revision_details.data_content_type   'Structure model' 
_pdbx_audit_revision_details.provider            repository 
_pdbx_audit_revision_details.type                'Initial release' 
_pdbx_audit_revision_details.description         ? 
_pdbx_audit_revision_details.details             ? 
# 
loop_
_pdbx_audit_revision_group.ordinal 
_pdbx_audit_revision_group.revision_ordinal 
_pdbx_audit_revision_group.data_content_type 
_pdbx_audit_revision_group.group 
1  2 'Structure model' 'Derived calculations'   
2  3 'Structure model' 'Data collection'        
3  3 'Structure model' 'Database references'    
4  3 'Structure model' 'Derived calculations'   
5  3 'Structure model' Other                    
6  3 'Structure model' 'Refinement description' 
7  3 'Structure model' 'Source and taxonomy'    
8  4 'Structure model' 'Data collection'        
9  5 'Structure model' 'Data collection'        
10 5 'Structure model' 'Database references'    
11 5 'Structure model' 'Refinement description' 
12 6 'Structure model' 'Structure summary'      
# 
loop_
_pdbx_audit_revision_category.ordinal 
_pdbx_audit_revision_category.revision_ordinal 
_pdbx_audit_revision_category.data_content_type 
_pdbx_audit_revision_category.category 
1  3 'Structure model' citation                  
2  3 'Structure model' diffrn_source             
3  3 'Structure model' entity_src_gen            
4  3 'Structure model' pdbx_database_status      
5  3 'Structure model' pdbx_struct_assembly      
6  3 'Structure model' pdbx_struct_oper_list     
7  3 'Structure model' software                  
8  4 'Structure model' reflns_shell              
9  5 'Structure model' chem_comp_atom            
10 5 'Structure model' chem_comp_bond            
11 5 'Structure model' database_2                
12 5 'Structure model' refine_hist               
13 6 'Structure model' pdbx_entry_details        
14 6 'Structure model' pdbx_modification_feature 
# 
loop_
_pdbx_audit_revision_item.ordinal 
_pdbx_audit_revision_item.revision_ordinal 
_pdbx_audit_revision_item.data_content_type 
_pdbx_audit_revision_item.item 
1  3 'Structure model' '_citation.journal_id_CSD'                    
2  3 'Structure model' '_diffrn_source.pdbx_synchrotron_site'        
3  3 'Structure model' '_entity_src_gen.pdbx_alt_source_flag'        
4  3 'Structure model' '_pdbx_database_status.pdb_format_compatible' 
5  3 'Structure model' '_pdbx_struct_assembly.oligomeric_details'    
6  3 'Structure model' '_pdbx_struct_oper_list.symmetry_operation'   
7  3 'Structure model' '_software.classification'                    
8  4 'Structure model' '_reflns_shell.percent_possible_all'          
9  5 'Structure model' '_database_2.pdbx_DOI'                        
10 5 'Structure model' '_database_2.pdbx_database_accession'         
11 5 'Structure model' '_refine_hist.pdbx_number_atoms_nucleic_acid' 
12 5 'Structure model' '_refine_hist.pdbx_number_atoms_protein'      
# 
_pdbx_database_status.status_code                     REL 
_pdbx_database_status.status_code_sf                  REL 
_pdbx_database_status.status_code_mr                  . 
_pdbx_database_status.entry_id                        4P79 
_pdbx_database_status.recvd_initial_deposition_date   2014-03-26 
_pdbx_database_status.SG_entry                        N 
_pdbx_database_status.deposit_site                    RCSB 
_pdbx_database_status.process_site                    RCSB 
_pdbx_database_status.status_code_cs                  . 
_pdbx_database_status.methods_development_category    . 
_pdbx_database_status.pdb_format_compatible           Y 
_pdbx_database_status.status_code_nmr_data            ? 
# 
loop_
_audit_author.name 
_audit_author.pdbx_ordinal 
'Suzuki, H.'    1  
'Nishizawa, T.' 2  
'Tani, K.'      3  
'Yamazaki, Y.'  4  
'Tamura, A.'    5  
'Ishitani, R.'  6  
'Dohmae, N.'    7  
'Tsukita, S.'   8  
'Nureki, O.'    9  
'Fujiyoshi, Y.' 10 
# 
_citation.abstract                  . 
_citation.abstract_id_CAS           . 
_citation.book_id_ISBN              . 
_citation.book_publisher            ? 
_citation.book_publisher_city       . 
_citation.book_title                . 
_citation.coordinate_linkage        . 
_citation.country                   US 
_citation.database_id_Medline       . 
_citation.details                   . 
_citation.id                        primary 
_citation.journal_abbrev            Science 
_citation.journal_id_ASTM           SCIEAS 
_citation.journal_id_CSD            0038 
_citation.journal_id_ISSN           1095-9203 
_citation.journal_full              . 
_citation.journal_issue             . 
_citation.journal_volume            344 
_citation.language                  . 
_citation.page_first                304 
_citation.page_last                 307 
_citation.title                     'Crystal structure of a claudin provides insight into the architecture of tight junctions.' 
_citation.year                      2014 
_citation.database_id_CSD           . 
_citation.pdbx_database_id_DOI      10.1126/science.1248571 
_citation.pdbx_database_id_PubMed   24744376 
_citation.unpublished_flag          . 
# 
loop_
_citation_author.citation_id 
_citation_author.name 
_citation_author.ordinal 
_citation_author.identifier_ORCID 
primary 'Suzuki, H.'    1  ? 
primary 'Nishizawa, T.' 2  ? 
primary 'Tani, K.'      3  ? 
primary 'Yamazaki, Y.'  4  ? 
primary 'Tamura, A.'    5  ? 
primary 'Ishitani, R.'  6  ? 
primary 'Dohmae, N.'    7  ? 
primary 'Tsukita, S.'   8  ? 
primary 'Nureki, O.'    9  ? 
primary 'Fujiyoshi, Y.' 10 ? 
# 
loop_
_entity.id 
_entity.type 
_entity.src_method 
_entity.pdbx_description 
_entity.formula_weight 
_entity.pdbx_number_of_molecules 
_entity.pdbx_ec 
_entity.pdbx_mutation 
_entity.pdbx_fragment 
_entity.details 
1 polymer     man Claudin-15                                       21444.658 1  ? 'C102A, C183A, C184A, and 185A' 'TM region' ? 
2 non-polymer syn '(2R)-2,3-dihydroxypropyl (9Z)-octadec-9-enoate' 356.540   2  ? ?                               ?           ? 
3 water       nat water                                            18.015    21 ? ?                               ?           ? 
# 
_entity_poly.entity_id                      1 
_entity_poly.type                           'polypeptide(L)' 
_entity_poly.nstd_linkage                   no 
_entity_poly.nstd_monomer                   yes 
_entity_poly.pdbx_seq_one_letter_code       
;GSEF(MSE)SVAVETFGFF(MSE)SALGLL(MSE)LGLTLSNSYWRVSTVHGNVITTNTIFENLWYSCATDSLGVSNCWD
FPS(MSE)LALSGYVQGCRAL(MSE)ITAILLGFLGLFLG(MSE)VGLRATNVGN(MSE)DLSKKAKLLAIAGTLHILAG
ACG(MSE)VAISWYAVNITTDFFNPLYAGTKYELGPALYLGWSASLLSILGGICVFSTAAASSKEEPATR
;
_entity_poly.pdbx_seq_one_letter_code_can   
;GSEFMSVAVETFGFFMSALGLLMLGLTLSNSYWRVSTVHGNVITTNTIFENLWYSCATDSLGVSNCWDFPSMLALSGYVQ
GCRALMITAILLGFLGLFLGMVGLRATNVGNMDLSKKAKLLAIAGTLHILAGACGMVAISWYAVNITTDFFNPLYAGTKY
ELGPALYLGWSASLLSILGGICVFSTAAASSKEEPATR
;
_entity_poly.pdbx_strand_id                 A 
_entity_poly.pdbx_target_identifier         ? 
# 
loop_
_pdbx_entity_nonpoly.entity_id 
_pdbx_entity_nonpoly.name 
_pdbx_entity_nonpoly.comp_id 
2 '(2R)-2,3-dihydroxypropyl (9Z)-octadec-9-enoate' OLC 
3 water                                            HOH 
# 
loop_
_entity_poly_seq.entity_id 
_entity_poly_seq.num 
_entity_poly_seq.mon_id 
_entity_poly_seq.hetero 
1 1   GLY n 
1 2   SER n 
1 3   GLU n 
1 4   PHE n 
1 5   MSE n 
1 6   SER n 
1 7   VAL n 
1 8   ALA n 
1 9   VAL n 
1 10  GLU n 
1 11  THR n 
1 12  PHE n 
1 13  GLY n 
1 14  PHE n 
1 15  PHE n 
1 16  MSE n 
1 17  SER n 
1 18  ALA n 
1 19  LEU n 
1 20  GLY n 
1 21  LEU n 
1 22  LEU n 
1 23  MSE n 
1 24  LEU n 
1 25  GLY n 
1 26  LEU n 
1 27  THR n 
1 28  LEU n 
1 29  SER n 
1 30  ASN n 
1 31  SER n 
1 32  TYR n 
1 33  TRP n 
1 34  ARG n 
1 35  VAL n 
1 36  SER n 
1 37  THR n 
1 38  VAL n 
1 39  HIS n 
1 40  GLY n 
1 41  ASN n 
1 42  VAL n 
1 43  ILE n 
1 44  THR n 
1 45  THR n 
1 46  ASN n 
1 47  THR n 
1 48  ILE n 
1 49  PHE n 
1 50  GLU n 
1 51  ASN n 
1 52  LEU n 
1 53  TRP n 
1 54  TYR n 
1 55  SER n 
1 56  CYS n 
1 57  ALA n 
1 58  THR n 
1 59  ASP n 
1 60  SER n 
1 61  LEU n 
1 62  GLY n 
1 63  VAL n 
1 64  SER n 
1 65  ASN n 
1 66  CYS n 
1 67  TRP n 
1 68  ASP n 
1 69  PHE n 
1 70  PRO n 
1 71  SER n 
1 72  MSE n 
1 73  LEU n 
1 74  ALA n 
1 75  LEU n 
1 76  SER n 
1 77  GLY n 
1 78  TYR n 
1 79  VAL n 
1 80  GLN n 
1 81  GLY n 
1 82  CYS n 
1 83  ARG n 
1 84  ALA n 
1 85  LEU n 
1 86  MSE n 
1 87  ILE n 
1 88  THR n 
1 89  ALA n 
1 90  ILE n 
1 91  LEU n 
1 92  LEU n 
1 93  GLY n 
1 94  PHE n 
1 95  LEU n 
1 96  GLY n 
1 97  LEU n 
1 98  PHE n 
1 99  LEU n 
1 100 GLY n 
1 101 MSE n 
1 102 VAL n 
1 103 GLY n 
1 104 LEU n 
1 105 ARG n 
1 106 ALA n 
1 107 THR n 
1 108 ASN n 
1 109 VAL n 
1 110 GLY n 
1 111 ASN n 
1 112 MSE n 
1 113 ASP n 
1 114 LEU n 
1 115 SER n 
1 116 LYS n 
1 117 LYS n 
1 118 ALA n 
1 119 LYS n 
1 120 LEU n 
1 121 LEU n 
1 122 ALA n 
1 123 ILE n 
1 124 ALA n 
1 125 GLY n 
1 126 THR n 
1 127 LEU n 
1 128 HIS n 
1 129 ILE n 
1 130 LEU n 
1 131 ALA n 
1 132 GLY n 
1 133 ALA n 
1 134 CYS n 
1 135 GLY n 
1 136 MSE n 
1 137 VAL n 
1 138 ALA n 
1 139 ILE n 
1 140 SER n 
1 141 TRP n 
1 142 TYR n 
1 143 ALA n 
1 144 VAL n 
1 145 ASN n 
1 146 ILE n 
1 147 THR n 
1 148 THR n 
1 149 ASP n 
1 150 PHE n 
1 151 PHE n 
1 152 ASN n 
1 153 PRO n 
1 154 LEU n 
1 155 TYR n 
1 156 ALA n 
1 157 GLY n 
1 158 THR n 
1 159 LYS n 
1 160 TYR n 
1 161 GLU n 
1 162 LEU n 
1 163 GLY n 
1 164 PRO n 
1 165 ALA n 
1 166 LEU n 
1 167 TYR n 
1 168 LEU n 
1 169 GLY n 
1 170 TRP n 
1 171 SER n 
1 172 ALA n 
1 173 SER n 
1 174 LEU n 
1 175 LEU n 
1 176 SER n 
1 177 ILE n 
1 178 LEU n 
1 179 GLY n 
1 180 GLY n 
1 181 ILE n 
1 182 CYS n 
1 183 VAL n 
1 184 PHE n 
1 185 SER n 
1 186 THR n 
1 187 ALA n 
1 188 ALA n 
1 189 ALA n 
1 190 SER n 
1 191 SER n 
1 192 LYS n 
1 193 GLU n 
1 194 GLU n 
1 195 PRO n 
1 196 ALA n 
1 197 THR n 
1 198 ARG n 
# 
_entity_src_gen.entity_id                          1 
_entity_src_gen.pdbx_src_id                        1 
_entity_src_gen.pdbx_alt_source_flag               sample 
_entity_src_gen.pdbx_seq_type                      'Biological sequence' 
_entity_src_gen.pdbx_beg_seq_num                   1 
_entity_src_gen.pdbx_end_seq_num                   198 
_entity_src_gen.gene_src_common_name               Mouse 
_entity_src_gen.gene_src_genus                     ? 
_entity_src_gen.pdbx_gene_src_gene                 Cldn15 
_entity_src_gen.gene_src_species                   ? 
_entity_src_gen.gene_src_strain                    ? 
_entity_src_gen.gene_src_tissue                    ? 
_entity_src_gen.gene_src_tissue_fraction           ? 
_entity_src_gen.gene_src_details                   ? 
_entity_src_gen.pdbx_gene_src_fragment             ? 
_entity_src_gen.pdbx_gene_src_scientific_name      'Mus musculus' 
_entity_src_gen.pdbx_gene_src_ncbi_taxonomy_id     10090 
_entity_src_gen.pdbx_gene_src_variant              ? 
_entity_src_gen.pdbx_gene_src_cell_line            ? 
_entity_src_gen.pdbx_gene_src_atcc                 ? 
_entity_src_gen.pdbx_gene_src_organ                ? 
_entity_src_gen.pdbx_gene_src_organelle            ? 
_entity_src_gen.pdbx_gene_src_cell                 ? 
_entity_src_gen.pdbx_gene_src_cellular_location    ? 
_entity_src_gen.host_org_common_name               ? 
_entity_src_gen.pdbx_host_org_scientific_name      'Spodoptera frugiperda' 
_entity_src_gen.pdbx_host_org_ncbi_taxonomy_id     7108 
_entity_src_gen.host_org_genus                     ? 
_entity_src_gen.pdbx_host_org_gene                 ? 
_entity_src_gen.pdbx_host_org_organ                ? 
_entity_src_gen.host_org_species                   ? 
_entity_src_gen.pdbx_host_org_tissue               ? 
_entity_src_gen.pdbx_host_org_tissue_fraction      ? 
_entity_src_gen.pdbx_host_org_strain               ? 
_entity_src_gen.pdbx_host_org_variant              ? 
_entity_src_gen.pdbx_host_org_cell_line            Sf9 
_entity_src_gen.pdbx_host_org_atcc                 ? 
_entity_src_gen.pdbx_host_org_culture_collection   ? 
_entity_src_gen.pdbx_host_org_cell                 ? 
_entity_src_gen.pdbx_host_org_organelle            ? 
_entity_src_gen.pdbx_host_org_cellular_location    ? 
_entity_src_gen.pdbx_host_org_vector_type          plasmid 
_entity_src_gen.pdbx_host_org_vector               ? 
_entity_src_gen.host_org_details                   ? 
_entity_src_gen.expression_system_id               ? 
_entity_src_gen.plasmid_name                       pFastBac1 
_entity_src_gen.plasmid_details                    ? 
_entity_src_gen.pdbx_description                   ? 
# 
loop_
_chem_comp.id 
_chem_comp.type 
_chem_comp.mon_nstd_flag 
_chem_comp.name 
_chem_comp.pdbx_synonyms 
_chem_comp.formula 
_chem_comp.formula_weight 
ALA 'L-peptide linking' y ALANINE                                          ?                   'C3 H7 N O2'     89.093  
ARG 'L-peptide linking' y ARGININE                                         ?                   'C6 H15 N4 O2 1' 175.209 
ASN 'L-peptide linking' y ASPARAGINE                                       ?                   'C4 H8 N2 O3'    132.118 
ASP 'L-peptide linking' y 'ASPARTIC ACID'                                  ?                   'C4 H7 N O4'     133.103 
CYS 'L-peptide linking' y CYSTEINE                                         ?                   'C3 H7 N O2 S'   121.158 
GLN 'L-peptide linking' y GLUTAMINE                                        ?                   'C5 H10 N2 O3'   146.144 
GLU 'L-peptide linking' y 'GLUTAMIC ACID'                                  ?                   'C5 H9 N O4'     147.129 
GLY 'peptide linking'   y GLYCINE                                          ?                   'C2 H5 N O2'     75.067  
HIS 'L-peptide linking' y HISTIDINE                                        ?                   'C6 H10 N3 O2 1' 156.162 
HOH non-polymer         . WATER                                            ?                   'H2 O'           18.015  
ILE 'L-peptide linking' y ISOLEUCINE                                       ?                   'C6 H13 N O2'    131.173 
LEU 'L-peptide linking' y LEUCINE                                          ?                   'C6 H13 N O2'    131.173 
LYS 'L-peptide linking' y LYSINE                                           ?                   'C6 H15 N2 O2 1' 147.195 
MSE 'L-peptide linking' n SELENOMETHIONINE                                 ?                   'C5 H11 N O2 Se' 196.106 
OLC non-polymer         . '(2R)-2,3-dihydroxypropyl (9Z)-octadec-9-enoate' 1-Oleoyl-R-glycerol 'C21 H40 O4'     356.540 
PHE 'L-peptide linking' y PHENYLALANINE                                    ?                   'C9 H11 N O2'    165.189 
PRO 'L-peptide linking' y PROLINE                                          ?                   'C5 H9 N O2'     115.130 
SER 'L-peptide linking' y SERINE                                           ?                   'C3 H7 N O3'     105.093 
THR 'L-peptide linking' y THREONINE                                        ?                   'C4 H9 N O3'     119.119 
TRP 'L-peptide linking' y TRYPTOPHAN                                       ?                   'C11 H12 N2 O2'  204.225 
TYR 'L-peptide linking' y TYROSINE                                         ?                   'C9 H11 N O3'    181.189 
VAL 'L-peptide linking' y VALINE                                           ?                   'C5 H11 N O2'    117.146 
# 
loop_
_pdbx_poly_seq_scheme.asym_id 
_pdbx_poly_seq_scheme.entity_id 
_pdbx_poly_seq_scheme.seq_id 
_pdbx_poly_seq_scheme.mon_id 
_pdbx_poly_seq_scheme.ndb_seq_num 
_pdbx_poly_seq_scheme.pdb_seq_num 
_pdbx_poly_seq_scheme.auth_seq_num 
_pdbx_poly_seq_scheme.pdb_mon_id 
_pdbx_poly_seq_scheme.auth_mon_id 
_pdbx_poly_seq_scheme.pdb_strand_id 
_pdbx_poly_seq_scheme.pdb_ins_code 
_pdbx_poly_seq_scheme.hetero 
A 1 1   GLY 1   -3  ?   ?   ?   A . n 
A 1 2   SER 2   -2  -2  SER SER A . n 
A 1 3   GLU 3   -1  -1  GLU GLU A . n 
A 1 4   PHE 4   0   0   PHE PHE A . n 
A 1 5   MSE 5   1   1   MSE MSE A . n 
A 1 6   SER 6   2   2   SER SER A . n 
A 1 7   VAL 7   3   3   VAL VAL A . n 
A 1 8   ALA 8   4   4   ALA ALA A . n 
A 1 9   VAL 9   5   5   VAL VAL A . n 
A 1 10  GLU 10  6   6   GLU GLU A . n 
A 1 11  THR 11  7   7   THR THR A . n 
A 1 12  PHE 12  8   8   PHE PHE A . n 
A 1 13  GLY 13  9   9   GLY GLY A . n 
A 1 14  PHE 14  10  10  PHE PHE A . n 
A 1 15  PHE 15  11  11  PHE PHE A . n 
A 1 16  MSE 16  12  12  MSE MSE A . n 
A 1 17  SER 17  13  13  SER SER A . n 
A 1 18  ALA 18  14  14  ALA ALA A . n 
A 1 19  LEU 19  15  15  LEU LEU A . n 
A 1 20  GLY 20  16  16  GLY GLY A . n 
A 1 21  LEU 21  17  17  LEU LEU A . n 
A 1 22  LEU 22  18  18  LEU LEU A . n 
A 1 23  MSE 23  19  19  MSE MSE A . n 
A 1 24  LEU 24  20  20  LEU LEU A . n 
A 1 25  GLY 25  21  21  GLY GLY A . n 
A 1 26  LEU 26  22  22  LEU LEU A . n 
A 1 27  THR 27  23  23  THR THR A . n 
A 1 28  LEU 28  24  24  LEU LEU A . n 
A 1 29  SER 29  25  25  SER SER A . n 
A 1 30  ASN 30  26  26  ASN ASN A . n 
A 1 31  SER 31  27  27  SER SER A . n 
A 1 32  TYR 32  28  28  TYR TYR A . n 
A 1 33  TRP 33  29  29  TRP TRP A . n 
A 1 34  ARG 34  30  30  ARG ARG A . n 
A 1 35  VAL 35  31  31  VAL VAL A . n 
A 1 36  SER 36  32  32  SER SER A . n 
A 1 37  THR 37  33  33  THR THR A . n 
A 1 38  VAL 38  34  ?   ?   ?   A . n 
A 1 39  HIS 39  35  ?   ?   ?   A . n 
A 1 40  GLY 40  36  ?   ?   ?   A . n 
A 1 41  ASN 41  37  ?   ?   ?   A . n 
A 1 42  VAL 42  38  ?   ?   ?   A . n 
A 1 43  ILE 43  39  ?   ?   ?   A . n 
A 1 44  THR 44  40  ?   ?   ?   A . n 
A 1 45  THR 45  41  ?   ?   ?   A . n 
A 1 46  ASN 46  42  42  ASN ASN A . n 
A 1 47  THR 47  43  43  THR THR A . n 
A 1 48  ILE 48  44  44  ILE ILE A . n 
A 1 49  PHE 49  45  45  PHE PHE A . n 
A 1 50  GLU 50  46  46  GLU GLU A . n 
A 1 51  ASN 51  47  47  ASN ASN A . n 
A 1 52  LEU 52  48  48  LEU LEU A . n 
A 1 53  TRP 53  49  49  TRP TRP A . n 
A 1 54  TYR 54  50  50  TYR TYR A . n 
A 1 55  SER 55  51  51  SER SER A . n 
A 1 56  CYS 56  52  52  CYS CYS A . n 
A 1 57  ALA 57  53  53  ALA ALA A . n 
A 1 58  THR 58  54  54  THR THR A . n 
A 1 59  ASP 59  55  55  ASP ASP A . n 
A 1 60  SER 60  56  56  SER SER A . n 
A 1 61  LEU 61  57  57  LEU LEU A . n 
A 1 62  GLY 62  58  58  GLY GLY A . n 
A 1 63  VAL 63  59  59  VAL VAL A . n 
A 1 64  SER 64  60  60  SER SER A . n 
A 1 65  ASN 65  61  61  ASN ASN A . n 
A 1 66  CYS 66  62  62  CYS CYS A . n 
A 1 67  TRP 67  63  63  TRP TRP A . n 
A 1 68  ASP 68  64  64  ASP ASP A . n 
A 1 69  PHE 69  65  65  PHE PHE A . n 
A 1 70  PRO 70  66  66  PRO PRO A . n 
A 1 71  SER 71  67  67  SER SER A . n 
A 1 72  MSE 72  68  68  MSE MSE A . n 
A 1 73  LEU 73  69  69  LEU LEU A . n 
A 1 74  ALA 74  70  70  ALA ALA A . n 
A 1 75  LEU 75  71  71  LEU LEU A . n 
A 1 76  SER 76  72  72  SER SER A . n 
A 1 77  GLY 77  73  73  GLY GLY A . n 
A 1 78  TYR 78  74  74  TYR TYR A . n 
A 1 79  VAL 79  75  75  VAL VAL A . n 
A 1 80  GLN 80  76  76  GLN GLN A . n 
A 1 81  GLY 81  77  77  GLY GLY A . n 
A 1 82  CYS 82  78  78  CYS CYS A . n 
A 1 83  ARG 83  79  79  ARG ARG A . n 
A 1 84  ALA 84  80  80  ALA ALA A . n 
A 1 85  LEU 85  81  81  LEU LEU A . n 
A 1 86  MSE 86  82  82  MSE MSE A . n 
A 1 87  ILE 87  83  83  ILE ILE A . n 
A 1 88  THR 88  84  84  THR THR A . n 
A 1 89  ALA 89  85  85  ALA ALA A . n 
A 1 90  ILE 90  86  86  ILE ILE A . n 
A 1 91  LEU 91  87  87  LEU LEU A . n 
A 1 92  LEU 92  88  88  LEU LEU A . n 
A 1 93  GLY 93  89  89  GLY GLY A . n 
A 1 94  PHE 94  90  90  PHE PHE A . n 
A 1 95  LEU 95  91  91  LEU LEU A . n 
A 1 96  GLY 96  92  92  GLY GLY A . n 
A 1 97  LEU 97  93  93  LEU LEU A . n 
A 1 98  PHE 98  94  94  PHE PHE A . n 
A 1 99  LEU 99  95  95  LEU LEU A . n 
A 1 100 GLY 100 96  96  GLY GLY A . n 
A 1 101 MSE 101 97  97  MSE MSE A . n 
A 1 102 VAL 102 98  98  VAL VAL A . n 
A 1 103 GLY 103 99  99  GLY GLY A . n 
A 1 104 LEU 104 100 100 LEU LEU A . n 
A 1 105 ARG 105 101 101 ARG ARG A . n 
A 1 106 ALA 106 102 102 ALA ALA A . n 
A 1 107 THR 107 103 103 THR THR A . n 
A 1 108 ASN 108 104 104 ASN ASN A . n 
A 1 109 VAL 109 105 105 VAL VAL A . n 
A 1 110 GLY 110 106 106 GLY GLY A . n 
A 1 111 ASN 111 107 107 ASN ASN A . n 
A 1 112 MSE 112 108 108 MSE MSE A . n 
A 1 113 ASP 113 109 109 ASP ASP A . n 
A 1 114 LEU 114 110 110 LEU LEU A . n 
A 1 115 SER 115 111 111 SER SER A . n 
A 1 116 LYS 116 112 112 LYS LYS A . n 
A 1 117 LYS 117 113 113 LYS LYS A . n 
A 1 118 ALA 118 114 114 ALA ALA A . n 
A 1 119 LYS 119 115 115 LYS LYS A . n 
A 1 120 LEU 120 116 116 LEU LEU A . n 
A 1 121 LEU 121 117 117 LEU LEU A . n 
A 1 122 ALA 122 118 118 ALA ALA A . n 
A 1 123 ILE 123 119 119 ILE ILE A . n 
A 1 124 ALA 124 120 120 ALA ALA A . n 
A 1 125 GLY 125 121 121 GLY GLY A . n 
A 1 126 THR 126 122 122 THR THR A . n 
A 1 127 LEU 127 123 123 LEU LEU A . n 
A 1 128 HIS 128 124 124 HIS HIS A . n 
A 1 129 ILE 129 125 125 ILE ILE A . n 
A 1 130 LEU 130 126 126 LEU LEU A . n 
A 1 131 ALA 131 127 127 ALA ALA A . n 
A 1 132 GLY 132 128 128 GLY GLY A . n 
A 1 133 ALA 133 129 129 ALA ALA A . n 
A 1 134 CYS 134 130 130 CYS CYS A . n 
A 1 135 GLY 135 131 131 GLY GLY A . n 
A 1 136 MSE 136 132 132 MSE MSE A . n 
A 1 137 VAL 137 133 133 VAL VAL A . n 
A 1 138 ALA 138 134 134 ALA ALA A . n 
A 1 139 ILE 139 135 135 ILE ILE A . n 
A 1 140 SER 140 136 136 SER SER A . n 
A 1 141 TRP 141 137 137 TRP TRP A . n 
A 1 142 TYR 142 138 138 TYR TYR A . n 
A 1 143 ALA 143 139 139 ALA ALA A . n 
A 1 144 VAL 144 140 140 VAL VAL A . n 
A 1 145 ASN 145 141 141 ASN ASN A . n 
A 1 146 ILE 146 142 142 ILE ILE A . n 
A 1 147 THR 147 143 143 THR THR A . n 
A 1 148 THR 148 144 144 THR THR A . n 
A 1 149 ASP 149 145 145 ASP ASP A . n 
A 1 150 PHE 150 146 146 PHE PHE A . n 
A 1 151 PHE 151 147 147 PHE PHE A . n 
A 1 152 ASN 152 148 148 ASN ASN A . n 
A 1 153 PRO 153 149 149 PRO PRO A . n 
A 1 154 LEU 154 150 150 LEU LEU A . n 
A 1 155 TYR 155 151 151 TYR TYR A . n 
A 1 156 ALA 156 152 152 ALA ALA A . n 
A 1 157 GLY 157 153 153 GLY GLY A . n 
A 1 158 THR 158 154 154 THR THR A . n 
A 1 159 LYS 159 155 155 LYS LYS A . n 
A 1 160 TYR 160 156 156 TYR TYR A . n 
A 1 161 GLU 161 157 157 GLU GLU A . n 
A 1 162 LEU 162 158 158 LEU LEU A . n 
A 1 163 GLY 163 159 159 GLY GLY A . n 
A 1 164 PRO 164 160 160 PRO PRO A . n 
A 1 165 ALA 165 161 161 ALA ALA A . n 
A 1 166 LEU 166 162 162 LEU LEU A . n 
A 1 167 TYR 167 163 163 TYR TYR A . n 
A 1 168 LEU 168 164 164 LEU LEU A . n 
A 1 169 GLY 169 165 165 GLY GLY A . n 
A 1 170 TRP 170 166 166 TRP TRP A . n 
A 1 171 SER 171 167 167 SER SER A . n 
A 1 172 ALA 172 168 168 ALA ALA A . n 
A 1 173 SER 173 169 169 SER SER A . n 
A 1 174 LEU 174 170 170 LEU LEU A . n 
A 1 175 LEU 175 171 171 LEU LEU A . n 
A 1 176 SER 176 172 172 SER SER A . n 
A 1 177 ILE 177 173 173 ILE ILE A . n 
A 1 178 LEU 178 174 174 LEU LEU A . n 
A 1 179 GLY 179 175 175 GLY GLY A . n 
A 1 180 GLY 180 176 176 GLY GLY A . n 
A 1 181 ILE 181 177 177 ILE ILE A . n 
A 1 182 CYS 182 178 178 CYS CYS A . n 
A 1 183 VAL 183 179 179 VAL VAL A . n 
A 1 184 PHE 184 180 180 PHE PHE A . n 
A 1 185 SER 185 181 181 SER SER A . n 
A 1 186 THR 186 182 182 THR THR A . n 
A 1 187 ALA 187 183 183 ALA ALA A . n 
A 1 188 ALA 188 184 184 ALA ALA A . n 
A 1 189 ALA 189 185 185 ALA ALA A . n 
A 1 190 SER 190 186 186 SER SER A . n 
A 1 191 SER 191 187 ?   ?   ?   A . n 
A 1 192 LYS 192 188 ?   ?   ?   A . n 
A 1 193 GLU 193 189 ?   ?   ?   A . n 
A 1 194 GLU 194 190 ?   ?   ?   A . n 
A 1 195 PRO 195 191 ?   ?   ?   A . n 
A 1 196 ALA 196 192 ?   ?   ?   A . n 
A 1 197 THR 197 193 ?   ?   ?   A . n 
A 1 198 ARG 198 194 ?   ?   ?   A . n 
# 
loop_
_pdbx_nonpoly_scheme.asym_id 
_pdbx_nonpoly_scheme.entity_id 
_pdbx_nonpoly_scheme.mon_id 
_pdbx_nonpoly_scheme.ndb_seq_num 
_pdbx_nonpoly_scheme.pdb_seq_num 
_pdbx_nonpoly_scheme.auth_seq_num 
_pdbx_nonpoly_scheme.pdb_mon_id 
_pdbx_nonpoly_scheme.auth_mon_id 
_pdbx_nonpoly_scheme.pdb_strand_id 
_pdbx_nonpoly_scheme.pdb_ins_code 
B 2 OLC 1  201 1  OLC OLC A . 
C 2 OLC 1  202 2  OLC OLC A . 
D 3 HOH 1  301 21 HOH HOH A . 
D 3 HOH 2  302 14 HOH HOH A . 
D 3 HOH 3  303 2  HOH HOH A . 
D 3 HOH 4  304 13 HOH HOH A . 
D 3 HOH 5  305 5  HOH HOH A . 
D 3 HOH 6  306 19 HOH HOH A . 
D 3 HOH 7  307 4  HOH HOH A . 
D 3 HOH 8  308 10 HOH HOH A . 
D 3 HOH 9  309 11 HOH HOH A . 
D 3 HOH 10 310 15 HOH HOH A . 
D 3 HOH 11 311 1  HOH HOH A . 
D 3 HOH 12 312 3  HOH HOH A . 
D 3 HOH 13 313 6  HOH HOH A . 
D 3 HOH 14 314 7  HOH HOH A . 
D 3 HOH 15 315 8  HOH HOH A . 
D 3 HOH 16 316 9  HOH HOH A . 
D 3 HOH 17 317 12 HOH HOH A . 
D 3 HOH 18 318 16 HOH HOH A . 
D 3 HOH 19 319 17 HOH HOH A . 
D 3 HOH 20 320 18 HOH HOH A . 
D 3 HOH 21 321 20 HOH HOH A . 
# 
loop_
_pdbx_unobs_or_zero_occ_atoms.id 
_pdbx_unobs_or_zero_occ_atoms.PDB_model_num 
_pdbx_unobs_or_zero_occ_atoms.polymer_flag 
_pdbx_unobs_or_zero_occ_atoms.occupancy_flag 
_pdbx_unobs_or_zero_occ_atoms.auth_asym_id 
_pdbx_unobs_or_zero_occ_atoms.auth_comp_id 
_pdbx_unobs_or_zero_occ_atoms.auth_seq_id 
_pdbx_unobs_or_zero_occ_atoms.PDB_ins_code 
_pdbx_unobs_or_zero_occ_atoms.auth_atom_id 
_pdbx_unobs_or_zero_occ_atoms.label_alt_id 
_pdbx_unobs_or_zero_occ_atoms.label_asym_id 
_pdbx_unobs_or_zero_occ_atoms.label_comp_id 
_pdbx_unobs_or_zero_occ_atoms.label_seq_id 
_pdbx_unobs_or_zero_occ_atoms.label_atom_id 
1  1 Y 1 A SER -2  ? OG  ? A SER 2   OG  
2  1 Y 1 A GLU -1  ? CG  ? A GLU 3   CG  
3  1 Y 1 A GLU -1  ? CD  ? A GLU 3   CD  
4  1 Y 1 A GLU -1  ? OE1 ? A GLU 3   OE1 
5  1 Y 1 A GLU -1  ? OE2 ? A GLU 3   OE2 
6  1 Y 1 A VAL 3   ? CG1 ? A VAL 7   CG1 
7  1 Y 1 A VAL 3   ? CG2 ? A VAL 7   CG2 
8  1 Y 1 A LEU 57  ? CG  ? A LEU 61  CG  
9  1 Y 1 A LEU 57  ? CD1 ? A LEU 61  CD1 
10 1 Y 1 A LEU 57  ? CD2 ? A LEU 61  CD2 
11 1 Y 1 A ARG 101 ? CG  ? A ARG 105 CG  
12 1 Y 1 A ARG 101 ? CD  ? A ARG 105 CD  
13 1 Y 1 A ARG 101 ? NE  ? A ARG 105 NE  
14 1 Y 1 A ARG 101 ? CZ  ? A ARG 105 CZ  
15 1 Y 1 A ARG 101 ? NH1 ? A ARG 105 NH1 
16 1 Y 1 A ARG 101 ? NH2 ? A ARG 105 NH2 
17 1 Y 1 A LEU 110 ? CG  ? A LEU 114 CG  
18 1 Y 1 A LEU 110 ? CD1 ? A LEU 114 CD1 
19 1 Y 1 A LEU 110 ? CD2 ? A LEU 114 CD2 
20 1 Y 1 A LYS 115 ? CG  ? A LYS 119 CG  
21 1 Y 1 A LYS 115 ? CD  ? A LYS 119 CD  
22 1 Y 1 A LYS 115 ? CE  ? A LYS 119 CE  
23 1 Y 1 A LYS 115 ? NZ  ? A LYS 119 NZ  
24 1 Y 1 A SER 186 ? OG  ? A SER 190 OG  
25 1 N 1 A OLC 202 ? C18 ? C OLC 1   C18 
26 1 N 1 A OLC 202 ? C17 ? C OLC 1   C17 
27 1 N 1 A OLC 202 ? C11 ? C OLC 1   C11 
28 1 N 1 A OLC 202 ? C16 ? C OLC 1   C16 
29 1 N 1 A OLC 202 ? C12 ? C OLC 1   C12 
30 1 N 1 A OLC 202 ? C15 ? C OLC 1   C15 
31 1 N 1 A OLC 202 ? C13 ? C OLC 1   C13 
32 1 N 1 A OLC 202 ? C14 ? C OLC 1   C14 
# 
loop_
_software.citation_id 
_software.classification 
_software.compiler_name 
_software.compiler_version 
_software.contact_author 
_software.contact_author_email 
_software.date 
_software.description 
_software.dependencies 
_software.hardware 
_software.language 
_software.location 
_software.mods 
_software.name 
_software.os 
_software.os_version 
_software.type 
_software.version 
_software.pdbx_ordinal 
? 'data scaling'    . . . . . . . . . . . XDS         . . . .                             1 
? 'data extraction' . . . . . . . . . . . PDB_EXTRACT . . . 3.14                          2 
? refinement        . . . . . . . . . . . PHENIX      . . . '(phenix.refine: 1.8.3_1479)' 3 
# 
_cell.length_a           123.250 
_cell.length_b           28.403 
_cell.length_c           58.587 
_cell.angle_alpha        90.000 
_cell.angle_beta         100.840 
_cell.angle_gamma        90.000 
_cell.entry_id           4P79 
_cell.Z_PDB              4 
_cell.pdbx_unique_axis   ? 
# 
_symmetry.entry_id                         4P79 
_symmetry.cell_setting                     . 
_symmetry.Int_Tables_number                5 
_symmetry.space_group_name_Hall            . 
_symmetry.space_group_name_H-M             'C 1 2 1' 
_symmetry.pdbx_full_space_group_name_H-M   . 
# 
_exptl.absorpt_coefficient_mu     . 
_exptl.absorpt_correction_T_max   . 
_exptl.absorpt_correction_T_min   . 
_exptl.absorpt_correction_type    . 
_exptl.absorpt_process_details    . 
_exptl.entry_id                   4P79 
_exptl.crystals_number            1 
_exptl.details                    . 
_exptl.method                     'X-RAY DIFFRACTION' 
_exptl.method_details             . 
# 
_exptl_crystal.colour                      . 
_exptl_crystal.density_diffrn              . 
_exptl_crystal.density_Matthews            2.35 
_exptl_crystal.density_method              . 
_exptl_crystal.density_percent_sol         47.62 
_exptl_crystal.description                 . 
_exptl_crystal.F_000                       . 
_exptl_crystal.id                          1 
_exptl_crystal.preparation                 . 
_exptl_crystal.size_max                    . 
_exptl_crystal.size_mid                    . 
_exptl_crystal.size_min                    . 
_exptl_crystal.size_rad                    . 
_exptl_crystal.colour_lustre               . 
_exptl_crystal.colour_modifier             . 
_exptl_crystal.colour_primary              . 
_exptl_crystal.density_meas                . 
_exptl_crystal.density_meas_esd            . 
_exptl_crystal.density_meas_gt             . 
_exptl_crystal.density_meas_lt             . 
_exptl_crystal.density_meas_temp           . 
_exptl_crystal.density_meas_temp_esd       . 
_exptl_crystal.density_meas_temp_gt        . 
_exptl_crystal.density_meas_temp_lt        . 
_exptl_crystal.pdbx_crystal_image_url      . 
_exptl_crystal.pdbx_crystal_image_format   . 
_exptl_crystal.pdbx_mosaicity              . 
_exptl_crystal.pdbx_mosaicity_esd          . 
# 
_exptl_crystal_grow.apparatus       . 
_exptl_crystal_grow.atmosphere      . 
_exptl_crystal_grow.crystal_id      1 
_exptl_crystal_grow.details         . 
_exptl_crystal_grow.method          'LIPIDIC CUBIC PHASE' 
_exptl_crystal_grow.method_ref      . 
_exptl_crystal_grow.pH              7.5 
_exptl_crystal_grow.pressure        . 
_exptl_crystal_grow.pressure_esd    . 
_exptl_crystal_grow.seeding         . 
_exptl_crystal_grow.seeding_ref     . 
_exptl_crystal_grow.temp            293 
_exptl_crystal_grow.temp_details    . 
_exptl_crystal_grow.temp_esd        . 
_exptl_crystal_grow.time            . 
_exptl_crystal_grow.pdbx_details    '30% PEG400, 10 mM HEPES-NaOH, 2 mM 2-mercaptoethanol' 
_exptl_crystal_grow.pdbx_pH_range   7.0-7.5 
# 
_diffrn.ambient_environment    . 
_diffrn.ambient_temp           100 
_diffrn.ambient_temp_details   . 
_diffrn.ambient_temp_esd       . 
_diffrn.crystal_id             1 
_diffrn.crystal_support        . 
_diffrn.crystal_treatment      . 
_diffrn.details                . 
_diffrn.id                     1 
_diffrn.ambient_pressure       . 
_diffrn.ambient_pressure_esd   . 
_diffrn.ambient_pressure_gt    . 
_diffrn.ambient_pressure_lt    . 
_diffrn.ambient_temp_gt        . 
_diffrn.ambient_temp_lt        . 
# 
_diffrn_detector.details                      . 
_diffrn_detector.detector                     CCD 
_diffrn_detector.diffrn_id                    1 
_diffrn_detector.type                         'RAYONIX MX300HE' 
_diffrn_detector.area_resol_mean              . 
_diffrn_detector.dtime                        . 
_diffrn_detector.pdbx_frames_total            . 
_diffrn_detector.pdbx_collection_time_total   . 
_diffrn_detector.pdbx_collection_date         2013-07-08 
# 
_diffrn_radiation.collimation                      . 
_diffrn_radiation.diffrn_id                        1 
_diffrn_radiation.filter_edge                      . 
_diffrn_radiation.inhomogeneity                    . 
_diffrn_radiation.monochromator                    'Double-crystal monochromator' 
_diffrn_radiation.polarisn_norm                    . 
_diffrn_radiation.polarisn_ratio                   . 
_diffrn_radiation.probe                            . 
_diffrn_radiation.type                             . 
_diffrn_radiation.xray_symbol                      . 
_diffrn_radiation.wavelength_id                    1 
_diffrn_radiation.pdbx_monochromatic_or_laue_m_l   . 
_diffrn_radiation.pdbx_wavelength_list             . 
_diffrn_radiation.pdbx_wavelength                  . 
_diffrn_radiation.pdbx_diffrn_protocol             MAD 
_diffrn_radiation.pdbx_analyzer                    . 
_diffrn_radiation.pdbx_scattering_type             x-ray 
# 
_diffrn_radiation_wavelength.id           1 
_diffrn_radiation_wavelength.wavelength   0.9792 
_diffrn_radiation_wavelength.wt           1.0 
# 
_diffrn_source.current                     . 
_diffrn_source.details                     . 
_diffrn_source.diffrn_id                   1 
_diffrn_source.power                       . 
_diffrn_source.size                        . 
_diffrn_source.source                      SYNCHROTRON 
_diffrn_source.target                      . 
_diffrn_source.type                        'SPRING-8 BEAMLINE BL32XU' 
_diffrn_source.voltage                     . 
_diffrn_source.take-off_angle              . 
_diffrn_source.pdbx_wavelength_list        0.9792 
_diffrn_source.pdbx_wavelength             . 
_diffrn_source.pdbx_synchrotron_beamline   BL32XU 
_diffrn_source.pdbx_synchrotron_site       SPring-8 
# 
_reflns.B_iso_Wilson_estimate            38.600 
_reflns.entry_id                         4P79 
_reflns.data_reduction_details           . 
_reflns.data_reduction_method            . 
_reflns.d_resolution_high                2.400 
_reflns.d_resolution_low                 38.2650 
_reflns.details                          . 
_reflns.limit_h_max                      . 
_reflns.limit_h_min                      . 
_reflns.limit_k_max                      . 
_reflns.limit_k_min                      . 
_reflns.limit_l_max                      . 
_reflns.limit_l_min                      . 
_reflns.number_all                       . 
_reflns.number_obs                       14967 
_reflns.observed_criterion               . 
_reflns.observed_criterion_F_max         . 
_reflns.observed_criterion_F_min         . 
_reflns.observed_criterion_I_max         . 
_reflns.observed_criterion_I_min         . 
_reflns.observed_criterion_sigma_F       . 
_reflns.observed_criterion_sigma_I       -3.000 
_reflns.percent_possible_obs             97.700 
_reflns.R_free_details                   . 
_reflns.Rmerge_F_all                     . 
_reflns.Rmerge_F_obs                     0.995 
_reflns.Friedel_coverage                 . 
_reflns.number_gt                        . 
_reflns.threshold_expression             . 
_reflns.pdbx_redundancy                  7.6 
_reflns.pdbx_Rmerge_I_obs                0.227 
_reflns.pdbx_Rmerge_I_all                . 
_reflns.pdbx_Rsym_value                  . 
_reflns.pdbx_netI_over_av_sigmaI         . 
_reflns.pdbx_netI_over_sigmaI            7.920 
_reflns.pdbx_res_netI_over_av_sigmaI_2   . 
_reflns.pdbx_res_netI_over_sigmaI_2      . 
_reflns.pdbx_chi_squared                 1.014 
_reflns.pdbx_scaling_rejects             . 
_reflns.pdbx_d_res_high_opt              . 
_reflns.pdbx_d_res_low_opt               . 
_reflns.pdbx_d_res_opt_method            . 
_reflns.phase_calculation_details        . 
_reflns.pdbx_Rrim_I_all                  0.243 
_reflns.pdbx_Rpim_I_all                  . 
_reflns.pdbx_d_opt                       . 
_reflns.pdbx_number_measured_all         113916 
_reflns.pdbx_diffrn_id                   1 
_reflns.pdbx_ordinal                     1 
# 
loop_
_reflns_shell.d_res_high 
_reflns_shell.d_res_low 
_reflns_shell.meanI_over_sigI_all 
_reflns_shell.meanI_over_sigI_obs 
_reflns_shell.number_measured_all 
_reflns_shell.number_measured_obs 
_reflns_shell.number_possible 
_reflns_shell.number_unique_all 
_reflns_shell.number_unique_obs 
_reflns_shell.percent_possible_all 
_reflns_shell.percent_possible_obs 
_reflns_shell.Rmerge_F_all 
_reflns_shell.Rmerge_F_obs 
_reflns_shell.Rmerge_I_all 
_reflns_shell.Rmerge_I_obs 
_reflns_shell.meanI_over_sigI_gt 
_reflns_shell.meanI_over_uI_all 
_reflns_shell.meanI_over_uI_gt 
_reflns_shell.number_measured_gt 
_reflns_shell.number_unique_gt 
_reflns_shell.percent_possible_gt 
_reflns_shell.Rmerge_F_gt 
_reflns_shell.Rmerge_I_gt 
_reflns_shell.pdbx_redundancy 
_reflns_shell.pdbx_Rsym_value 
_reflns_shell.pdbx_chi_squared 
_reflns_shell.pdbx_netI_over_sigmaI_all 
_reflns_shell.pdbx_netI_over_sigmaI_obs 
_reflns_shell.pdbx_Rrim_I_all 
_reflns_shell.pdbx_Rpim_I_all 
_reflns_shell.pdbx_rejects 
_reflns_shell.pdbx_ordinal 
_reflns_shell.pdbx_diffrn_id 
2.400  2.460  . 1.330  . 7131 1116 . 1097 98.300  . . 0.531 . 1.813 . . . . . . . . . . . . . 1.971 . 0 1  1 
2.460  2.530  . 1.640  . 8687 1134 . 1134 100.000 . . 0.637 . 1.695 . . . . . . . . . . . . . 1.818 . 0 2  1 
2.530  2.600  . 2.270  . 8381 1085 . 1086 100.0   . . 0.817 . 1.206 . . . . . . . . . . . . . 1.293 . 0 3  1 
2.600  2.680  . 2.260  . 7928 1027 . 1023 99.600  . . 0.832 . 1.162 . . . . . . . . . . . . . 1.245 . 0 4  1 
2.680  2.770  . 3.040  . 7783 1014 . 1013 99.900  . . 0.828 . 0.899 . . . . . . . . . . . . . 0.964 . 0 5  1 
2.770  2.860  . 3.620  . 7707 997  . 998  100.0   . . 0.921 . 0.698 . . . . . . . . . . . . . 0.747 . 0 6  1 
2.860  2.970  . 4.090  . 6960 895  . 899  100.0   . . 0.900 . 0.634 . . . . . . . . . . . . . 0.679 . 0 7  1 
2.970  3.090  . 4.450  . 7219 935  . 933  99.800  . . 0.939 . 0.547 . . . . . . . . . . . . . 0.586 . 0 8  1 
3.090  3.230  . 5.210  . 6896 891  . 888  99.700  . . 0.962 . 0.462 . . . . . . . . . . . . . 0.495 . 0 9  1 
3.230  3.390  . 6.790  . 6315 818  . 816  99.800  . . 0.973 . 0.329 . . . . . . . . . . . . . 0.353 . 0 10 1 
3.390  3.570  . 9.580  . 6152 795  . 793  99.700  . . 0.985 . 0.224 . . . . . . . . . . . . . 0.240 . 0 11 1 
3.570  3.790  . 11.680 . 5619 730  . 730  100.000 . . 0.989 . 0.179 . . . . . . . . . . . . . 0.192 . 0 12 1 
3.790  4.050  . 14.950 . 5517 713  . 717  100.0   . . 0.992 . 0.128 . . . . . . . . . . . . . 0.137 . 0 13 1 
4.050  4.370  . 16.940 . 4438 640  . 601  93.900  . . 0.996 . 0.099 . . . . . . . . . . . . . 0.106 . 0 14 1 
4.370  4.790  . 19.700 . 2506 615  . 338  55.000  . . 0.997 . 0.085 . . . . . . . . . . . . . 0.091 . 0 15 1 
4.790  5.360  . 20.610 . 4172 544  . 540  99.300  . . 0.997 . 0.085 . . . . . . . . . . . . . 0.091 . 0 16 1 
5.360  6.190  . 19.200 . 3672 473  . 475  100.0   . . 0.994 . 0.101 . . . . . . . . . . . . . 0.108 . 0 17 1 
6.190  7.580  . 21.490 . 3132 405  . 404  99.800  . . 0.997 . 0.074 . . . . . . . . . . . . . 0.080 . 0 18 1 
7.580  10.720 . 27.030 . 2440 316  . 315  99.700  . . 0.997 . 0.058 . . . . . . . . . . . . . 0.062 . 0 19 1 
10.720 .      . 28.030 . 1261 173  . 167  96.500  . . 0.997 . 0.048 . . . . . . . . . . . . . 0.051 . 0 20 1 
# 
_refine.aniso_B[1][1]                            . 
_refine.aniso_B[1][2]                            . 
_refine.aniso_B[1][3]                            . 
_refine.aniso_B[2][2]                            . 
_refine.aniso_B[2][3]                            . 
_refine.aniso_B[3][3]                            . 
_refine.B_iso_max                                133.190 
_refine.B_iso_mean                               46.3018 
_refine.B_iso_min                                27.820 
_refine.correlation_coeff_Fo_to_Fc               . 
_refine.correlation_coeff_Fo_to_Fc_free          . 
_refine.details                                  . 
_refine.diff_density_max                         . 
_refine.diff_density_max_esd                     . 
_refine.diff_density_min                         . 
_refine.diff_density_min_esd                     . 
_refine.diff_density_rms                         . 
_refine.diff_density_rms_esd                     . 
_refine.entry_id                                 4P79 
_refine.pdbx_refine_id                           'X-RAY DIFFRACTION' 
_refine.ls_abs_structure_details                 . 
_refine.ls_abs_structure_Flack                   . 
_refine.ls_abs_structure_Flack_esd               . 
_refine.ls_abs_structure_Rogers                  . 
_refine.ls_abs_structure_Rogers_esd              . 
_refine.ls_d_res_high                            2.4000 
_refine.ls_d_res_low                             38.2650 
_refine.ls_extinction_coef                       . 
_refine.ls_extinction_coef_esd                   . 
_refine.ls_extinction_expression                 . 
_refine.ls_extinction_method                     . 
_refine.ls_goodness_of_fit_all                   . 
_refine.ls_goodness_of_fit_all_esd               . 
_refine.ls_goodness_of_fit_obs                   . 
_refine.ls_goodness_of_fit_obs_esd               . 
_refine.ls_hydrogen_treatment                    . 
_refine.ls_matrix_type                           . 
_refine.ls_number_constraints                    . 
_refine.ls_number_parameters                     . 
_refine.ls_number_reflns_all                     . 
_refine.ls_number_reflns_obs                     14911 
_refine.ls_number_reflns_R_free                  1495 
_refine.ls_number_reflns_R_work                  13416 
_refine.ls_number_restraints                     . 
_refine.ls_percent_reflns_obs                    97.7300 
_refine.ls_percent_reflns_R_free                 10.0300 
_refine.ls_R_factor_all                          . 
_refine.ls_R_factor_obs                          0.2242 
_refine.ls_R_factor_R_free                       0.2527 
_refine.ls_R_factor_R_free_error                 . 
_refine.ls_R_factor_R_free_error_details         . 
_refine.ls_R_factor_R_work                       0.2209 
_refine.ls_R_Fsqd_factor_obs                     . 
_refine.ls_R_I_factor_obs                        . 
_refine.ls_redundancy_reflns_all                 . 
_refine.ls_redundancy_reflns_obs                 . 
_refine.ls_restrained_S_all                      . 
_refine.ls_restrained_S_obs                      . 
_refine.ls_shift_over_esd_max                    . 
_refine.ls_shift_over_esd_mean                   . 
_refine.ls_structure_factor_coef                 . 
_refine.ls_weighting_details                     . 
_refine.ls_weighting_scheme                      . 
_refine.ls_wR_factor_all                         . 
_refine.ls_wR_factor_obs                         . 
_refine.ls_wR_factor_R_free                      . 
_refine.ls_wR_factor_R_work                      . 
_refine.occupancy_max                            . 
_refine.occupancy_min                            . 
_refine.solvent_model_details                    'FLAT BULK SOLVENT MODEL' 
_refine.solvent_model_param_bsol                 . 
_refine.solvent_model_param_ksol                 . 
_refine.ls_R_factor_gt                           . 
_refine.ls_goodness_of_fit_gt                    . 
_refine.ls_goodness_of_fit_ref                   . 
_refine.ls_shift_over_su_max                     . 
_refine.ls_shift_over_su_max_lt                  . 
_refine.ls_shift_over_su_mean                    . 
_refine.ls_shift_over_su_mean_lt                 . 
_refine.pdbx_ls_sigma_I                          . 
_refine.pdbx_ls_sigma_F                          1.350 
_refine.pdbx_ls_sigma_Fsqd                       . 
_refine.pdbx_data_cutoff_high_absF               . 
_refine.pdbx_data_cutoff_high_rms_absF           . 
_refine.pdbx_data_cutoff_low_absF                . 
_refine.pdbx_isotropic_thermal_model             . 
_refine.pdbx_ls_cross_valid_method               'FREE R-VALUE' 
_refine.pdbx_method_to_determine_struct          MAD 
_refine.pdbx_starting_model                      . 
_refine.pdbx_stereochemistry_target_values       ML 
_refine.pdbx_R_Free_selection_details            . 
_refine.pdbx_stereochem_target_val_spec_case     . 
_refine.pdbx_overall_ESU_R                       . 
_refine.pdbx_overall_ESU_R_Free                  . 
_refine.pdbx_solvent_vdw_probe_radii             1.1100 
_refine.pdbx_solvent_ion_probe_radii             . 
_refine.pdbx_solvent_shrinkage_radii             0.9000 
_refine.pdbx_real_space_R                        . 
_refine.pdbx_density_correlation                 . 
_refine.pdbx_pd_number_of_powder_patterns        . 
_refine.pdbx_pd_number_of_points                 . 
_refine.pdbx_pd_meas_number_of_points            . 
_refine.pdbx_pd_proc_ls_prof_R_factor            . 
_refine.pdbx_pd_proc_ls_prof_wR_factor           . 
_refine.pdbx_pd_Marquardt_correlation_coeff      . 
_refine.pdbx_pd_Fsqrd_R_factor                   . 
_refine.pdbx_pd_ls_matrix_band_width             . 
_refine.pdbx_overall_phase_error                 26.4200 
_refine.pdbx_overall_SU_R_free_Cruickshank_DPI   . 
_refine.pdbx_overall_SU_R_free_Blow_DPI          . 
_refine.pdbx_overall_SU_R_Blow_DPI               . 
_refine.pdbx_TLS_residual_ADP_flag               . 
_refine.pdbx_diffrn_id                           1 
_refine.overall_SU_B                             . 
_refine.overall_SU_ML                            0.3300 
_refine.overall_SU_R_Cruickshank_DPI             . 
_refine.overall_SU_R_free                        . 
_refine.overall_FOM_free_R_set                   . 
_refine.overall_FOM_work_R_set                   . 
# 
_refine_hist.cycle_id                         final 
_refine_hist.pdbx_refine_id                   'X-RAY DIFFRACTION' 
_refine_hist.d_res_high                       2.4000 
_refine_hist.d_res_low                        38.2650 
_refine_hist.pdbx_number_atoms_ligand         42 
_refine_hist.number_atoms_solvent             21 
_refine_hist.number_atoms_total               1391 
_refine_hist.pdbx_number_residues_total       181 
_refine_hist.pdbx_B_iso_mean_ligand           51.84 
_refine_hist.pdbx_B_iso_mean_solvent          43.80 
_refine_hist.pdbx_number_atoms_protein        1328 
_refine_hist.pdbx_number_atoms_nucleic_acid   0 
# 
loop_
_refine_ls_restr.pdbx_refine_id 
_refine_ls_restr.criterion 
_refine_ls_restr.dev_ideal 
_refine_ls_restr.dev_ideal_target 
_refine_ls_restr.number 
_refine_ls_restr.rejects 
_refine_ls_restr.type 
_refine_ls_restr.weight 
_refine_ls_restr.pdbx_restraint_function 
'X-RAY DIFFRACTION' . 0.002  . 1399 . f_bond_d           . . 
'X-RAY DIFFRACTION' . 0.487  . 1890 . f_angle_d          . . 
'X-RAY DIFFRACTION' . 0.019  . 221  . f_chiral_restr     . . 
'X-RAY DIFFRACTION' . 0.002  . 227  . f_plane_restr      . . 
'X-RAY DIFFRACTION' . 10.664 . 470  . f_dihedral_angle_d . . 
# 
loop_
_refine_ls_shell.pdbx_refine_id 
_refine_ls_shell.d_res_high 
_refine_ls_shell.d_res_low 
_refine_ls_shell.number_reflns_all 
_refine_ls_shell.number_reflns_obs 
_refine_ls_shell.number_reflns_R_free 
_refine_ls_shell.number_reflns_R_work 
_refine_ls_shell.percent_reflns_obs 
_refine_ls_shell.percent_reflns_R_free 
_refine_ls_shell.R_factor_all 
_refine_ls_shell.R_factor_obs 
_refine_ls_shell.R_factor_R_free 
_refine_ls_shell.R_factor_R_free_error 
_refine_ls_shell.R_factor_R_work 
_refine_ls_shell.redundancy_reflns_all 
_refine_ls_shell.redundancy_reflns_obs 
_refine_ls_shell.wR_factor_all 
_refine_ls_shell.wR_factor_obs 
_refine_ls_shell.wR_factor_R_free 
_refine_ls_shell.wR_factor_R_work 
_refine_ls_shell.pdbx_total_number_of_bins_used 
_refine_ls_shell.pdbx_phase_error 
'X-RAY DIFFRACTION' 2.4000 2.4775  1340 . 133 1207 99.0000  . . . 0.3383 . 0.3241 . . . . . . 11 . 
'X-RAY DIFFRACTION' 2.4775 2.5660  1418 . 142 1276 100.0000 . . . 0.3023 . 0.2786 . . . . . . 11 . 
'X-RAY DIFFRACTION' 2.5660 2.6687  1369 . 134 1235 100.0000 . . . 0.3250 . 0.2591 . . . . . . 11 . 
'X-RAY DIFFRACTION' 2.6687 2.7901  1398 . 139 1259 100.0000 . . . 0.2813 . 0.2469 . . . . . . 11 . 
'X-RAY DIFFRACTION' 2.7901 2.9372  1385 . 140 1245 100.0000 . . . 0.2858 . 0.2156 . . . . . . 11 . 
'X-RAY DIFFRACTION' 2.9372 3.1211  1401 . 141 1260 100.0000 . . . 0.3508 . 0.2220 . . . . . . 11 . 
'X-RAY DIFFRACTION' 3.1211 3.3620  1345 . 138 1207 100.0000 . . . 0.2218 . 0.2245 . . . . . . 11 . 
'X-RAY DIFFRACTION' 3.3620 3.7001  1408 . 142 1266 100.0000 . . . 0.2214 . 0.1897 . . . . . . 11 . 
'X-RAY DIFFRACTION' 3.7001 4.2349  1382 . 140 1242 100.0000 . . . 0.2219 . 0.1944 . . . . . . 11 . 
'X-RAY DIFFRACTION' 4.2349 5.3332  1073 . 110 963  77.0000  . . . 0.2553 . 0.2101 . . . . . . 11 . 
'X-RAY DIFFRACTION' 5.3332 38.2701 1392 . 136 1256 100.0000 . . . 0.2158 . 0.2207 . . . . . . 11 . 
# 
_struct.entry_id                     4P79 
_struct.title                        'Crystal structure of mouse claudin-15' 
_struct.pdbx_model_details           . 
_struct.pdbx_formula_weight          . 
_struct.pdbx_formula_weight_method   . 
_struct.pdbx_model_type_details      . 
_struct.pdbx_CASP_flag               . 
# 
_struct_keywords.entry_id        4P79 
_struct_keywords.text            'cell adhesion, tight junction, membrane protein, paracellular channel' 
_struct_keywords.pdbx_keywords   'CELL ADHESION' 
# 
loop_
_struct_asym.id 
_struct_asym.pdbx_blank_PDB_chainid_flag 
_struct_asym.pdbx_modified 
_struct_asym.entity_id 
_struct_asym.details 
A N N 1 ? 
B N N 2 ? 
C N N 2 ? 
D N N 3 ? 
# 
_struct_ref.id                         1 
_struct_ref.db_name                    UNP 
_struct_ref.db_code                    CLD15_MOUSE 
_struct_ref.pdbx_db_accession          Q9Z0S5 
_struct_ref.entity_id                  1 
_struct_ref.pdbx_seq_one_letter_code   
;SVAVETFGFFMSALGLLMLGLTLSNSYWRVSTVHGNVITTNTIFENLWYSCATDSLGVSNCWDFPSMLALSGYVQGCRAL
MITAILLGFLGLFLGMVGLRCTNVGNMDLSKKAKLLAIAGTLHILAGACGMVAISWYAVNITTDFFNPLYAGTKYELGPA
LYLGWSASLLSILGGICVFSTCCCSSKEEPATR
;
_struct_ref.pdbx_align_begin           2 
_struct_ref.pdbx_db_isoform            ? 
# 
_struct_ref_seq.align_id                      1 
_struct_ref_seq.ref_id                        1 
_struct_ref_seq.pdbx_PDB_id_code              4P79 
_struct_ref_seq.pdbx_strand_id                A 
_struct_ref_seq.seq_align_beg                 6 
_struct_ref_seq.pdbx_seq_align_beg_ins_code   ? 
_struct_ref_seq.seq_align_end                 198 
_struct_ref_seq.pdbx_seq_align_end_ins_code   ? 
_struct_ref_seq.pdbx_db_accession             Q9Z0S5 
_struct_ref_seq.db_align_beg                  2 
_struct_ref_seq.pdbx_db_align_beg_ins_code    ? 
_struct_ref_seq.db_align_end                  194 
_struct_ref_seq.pdbx_db_align_end_ins_code    ? 
_struct_ref_seq.pdbx_auth_seq_align_beg       2 
_struct_ref_seq.pdbx_auth_seq_align_end       194 
# 
loop_
_struct_ref_seq_dif.align_id 
_struct_ref_seq_dif.pdbx_pdb_id_code 
_struct_ref_seq_dif.mon_id 
_struct_ref_seq_dif.pdbx_pdb_strand_id 
_struct_ref_seq_dif.seq_num 
_struct_ref_seq_dif.pdbx_pdb_ins_code 
_struct_ref_seq_dif.pdbx_seq_db_name 
_struct_ref_seq_dif.pdbx_seq_db_accession_code 
_struct_ref_seq_dif.db_mon_id 
_struct_ref_seq_dif.pdbx_seq_db_seq_num 
_struct_ref_seq_dif.details 
_struct_ref_seq_dif.pdbx_auth_seq_num 
_struct_ref_seq_dif.pdbx_ordinal 
1 4P79 GLY A 1   ? UNP Q9Z0S5 ?   ?   'expression tag'      -3  1 
1 4P79 SER A 2   ? UNP Q9Z0S5 ?   ?   'expression tag'      -2  2 
1 4P79 GLU A 3   ? UNP Q9Z0S5 ?   ?   'expression tag'      -1  3 
1 4P79 PHE A 4   ? UNP Q9Z0S5 ?   ?   'expression tag'      0   4 
1 4P79 MSE A 5   ? UNP Q9Z0S5 ?   ?   'expression tag'      1   5 
1 4P79 ALA A 106 ? UNP Q9Z0S5 CYS 102 'engineered mutation' 102 6 
1 4P79 ALA A 187 ? UNP Q9Z0S5 CYS 183 'engineered mutation' 183 7 
1 4P79 ALA A 188 ? UNP Q9Z0S5 CYS 184 'engineered mutation' 184 8 
1 4P79 ALA A 189 ? UNP Q9Z0S5 CYS 185 'engineered mutation' 185 9 
# 
_pdbx_struct_assembly.id                   1 
_pdbx_struct_assembly.details              author_defined_assembly 
_pdbx_struct_assembly.method_details       ? 
_pdbx_struct_assembly.oligomeric_details   monomeric 
_pdbx_struct_assembly.oligomeric_count     1 
# 
_pdbx_struct_assembly_gen.assembly_id       1 
_pdbx_struct_assembly_gen.oper_expression   1 
_pdbx_struct_assembly_gen.asym_id_list      A,B,C,D 
# 
_pdbx_struct_oper_list.id                   1 
_pdbx_struct_oper_list.type                 'identity operation' 
_pdbx_struct_oper_list.name                 1_555 
_pdbx_struct_oper_list.symmetry_operation   x,y,z 
_pdbx_struct_oper_list.matrix[1][1]         1.0000000000 
_pdbx_struct_oper_list.matrix[1][2]         0.0000000000 
_pdbx_struct_oper_list.matrix[1][3]         0.0000000000 
_pdbx_struct_oper_list.vector[1]            0.0000000000 
_pdbx_struct_oper_list.matrix[2][1]         0.0000000000 
_pdbx_struct_oper_list.matrix[2][2]         1.0000000000 
_pdbx_struct_oper_list.matrix[2][3]         0.0000000000 
_pdbx_struct_oper_list.vector[2]            0.0000000000 
_pdbx_struct_oper_list.matrix[3][1]         0.0000000000 
_pdbx_struct_oper_list.matrix[3][2]         0.0000000000 
_pdbx_struct_oper_list.matrix[3][3]         1.0000000000 
_pdbx_struct_oper_list.vector[3]            0.0000000000 
# 
loop_
_struct_conf.conf_type_id 
_struct_conf.id 
_struct_conf.pdbx_PDB_helix_id 
_struct_conf.beg_label_comp_id 
_struct_conf.beg_label_asym_id 
_struct_conf.beg_label_seq_id 
_struct_conf.pdbx_beg_PDB_ins_code 
_struct_conf.end_label_comp_id 
_struct_conf.end_label_asym_id 
_struct_conf.end_label_seq_id 
_struct_conf.pdbx_end_PDB_ins_code 
_struct_conf.beg_auth_comp_id 
_struct_conf.beg_auth_asym_id 
_struct_conf.beg_auth_seq_id 
_struct_conf.end_auth_comp_id 
_struct_conf.end_auth_asym_id 
_struct_conf.end_auth_seq_id 
_struct_conf.pdbx_PDB_helix_class 
_struct_conf.details 
_struct_conf.pdbx_PDB_helix_length 
HELX_P HELX_P1 AA1 SER A 2   ? SER A 29  ? SER A -2  SER A 25  1 ? 28 
HELX_P HELX_P2 AA2 PRO A 70  ? GLY A 77  ? PRO A 66  GLY A 73  1 ? 8  
HELX_P HELX_P3 AA3 TYR A 78  ? LEU A 104 ? TYR A 74  LEU A 100 1 ? 27 
HELX_P HELX_P4 AA4 ASP A 113 ? PHE A 151 ? ASP A 109 PHE A 147 1 ? 39 
HELX_P HELX_P5 AA5 GLY A 163 ? ALA A 189 ? GLY A 159 ALA A 185 1 ? 27 
# 
_struct_conf_type.id          HELX_P 
_struct_conf_type.criteria    ? 
_struct_conf_type.reference   ? 
# 
loop_
_struct_conn.id 
_struct_conn.conn_type_id 
_struct_conn.pdbx_leaving_atom_flag 
_struct_conn.pdbx_PDB_id 
_struct_conn.ptnr1_label_asym_id 
_struct_conn.ptnr1_label_comp_id 
_struct_conn.ptnr1_label_seq_id 
_struct_conn.ptnr1_label_atom_id 
_struct_conn.pdbx_ptnr1_label_alt_id 
_struct_conn.pdbx_ptnr1_PDB_ins_code 
_struct_conn.pdbx_ptnr1_standard_comp_id 
_struct_conn.ptnr1_symmetry 
_struct_conn.ptnr2_label_asym_id 
_struct_conn.ptnr2_label_comp_id 
_struct_conn.ptnr2_label_seq_id 
_struct_conn.ptnr2_label_atom_id 
_struct_conn.pdbx_ptnr2_label_alt_id 
_struct_conn.pdbx_ptnr2_PDB_ins_code 
_struct_conn.ptnr1_auth_asym_id 
_struct_conn.ptnr1_auth_comp_id 
_struct_conn.ptnr1_auth_seq_id 
_struct_conn.ptnr2_auth_asym_id 
_struct_conn.ptnr2_auth_comp_id 
_struct_conn.ptnr2_auth_seq_id 
_struct_conn.ptnr2_symmetry 
_struct_conn.pdbx_ptnr3_label_atom_id 
_struct_conn.pdbx_ptnr3_label_seq_id 
_struct_conn.pdbx_ptnr3_label_comp_id 
_struct_conn.pdbx_ptnr3_label_asym_id 
_struct_conn.pdbx_ptnr3_label_alt_id 
_struct_conn.pdbx_ptnr3_PDB_ins_code 
_struct_conn.details 
_struct_conn.pdbx_dist_value 
_struct_conn.pdbx_value_order 
_struct_conn.pdbx_role 
disulf1  disulf ?    ? A CYS 56  SG ? ? ? 1_555 A CYS 66  SG ? ? A CYS 52  A CYS 62  1_555 ? ? ? ? ? ? ? 2.033 ? ? 
covale1  covale both ? A PHE 4   C  ? ? ? 1_555 A MSE 5   N  ? ? A PHE 0   A MSE 1   1_555 ? ? ? ? ? ? ? 1.330 ? ? 
covale2  covale both ? A MSE 5   C  ? ? ? 1_555 A SER 6   N  ? ? A MSE 1   A SER 2   1_555 ? ? ? ? ? ? ? 1.330 ? ? 
covale3  covale both ? A PHE 15  C  ? ? ? 1_555 A MSE 16  N  ? ? A PHE 11  A MSE 12  1_555 ? ? ? ? ? ? ? 1.331 ? ? 
covale4  covale both ? A MSE 16  C  ? ? ? 1_555 A SER 17  N  ? ? A MSE 12  A SER 13  1_555 ? ? ? ? ? ? ? 1.329 ? ? 
covale5  covale both ? A LEU 22  C  ? ? ? 1_555 A MSE 23  N  ? ? A LEU 18  A MSE 19  1_555 ? ? ? ? ? ? ? 1.328 ? ? 
covale6  covale both ? A MSE 23  C  ? ? ? 1_555 A LEU 24  N  ? ? A MSE 19  A LEU 20  1_555 ? ? ? ? ? ? ? 1.330 ? ? 
covale7  covale both ? A SER 71  C  ? ? ? 1_555 A MSE 72  N  ? ? A SER 67  A MSE 68  1_555 ? ? ? ? ? ? ? 1.330 ? ? 
covale8  covale both ? A MSE 72  C  ? ? ? 1_555 A LEU 73  N  ? ? A MSE 68  A LEU 69  1_555 ? ? ? ? ? ? ? 1.330 ? ? 
covale9  covale both ? A LEU 85  C  ? ? ? 1_555 A MSE 86  N  ? ? A LEU 81  A MSE 82  1_555 ? ? ? ? ? ? ? 1.329 ? ? 
covale10 covale both ? A MSE 86  C  ? ? ? 1_555 A ILE 87  N  ? ? A MSE 82  A ILE 83  1_555 ? ? ? ? ? ? ? 1.330 ? ? 
covale11 covale both ? A GLY 100 C  ? ? ? 1_555 A MSE 101 N  ? ? A GLY 96  A MSE 97  1_555 ? ? ? ? ? ? ? 1.330 ? ? 
covale12 covale both ? A MSE 101 C  ? ? ? 1_555 A VAL 102 N  ? ? A MSE 97  A VAL 98  1_555 ? ? ? ? ? ? ? 1.329 ? ? 
covale13 covale both ? A ASN 111 C  ? ? ? 1_555 A MSE 112 N  ? ? A ASN 107 A MSE 108 1_555 ? ? ? ? ? ? ? 1.327 ? ? 
covale14 covale both ? A MSE 112 C  ? ? ? 1_555 A ASP 113 N  ? ? A MSE 108 A ASP 109 1_555 ? ? ? ? ? ? ? 1.327 ? ? 
covale15 covale both ? A GLY 135 C  ? ? ? 1_555 A MSE 136 N  ? ? A GLY 131 A MSE 132 1_555 ? ? ? ? ? ? ? 1.327 ? ? 
covale16 covale both ? A MSE 136 C  ? ? ? 1_555 A VAL 137 N  ? ? A MSE 132 A VAL 133 1_555 ? ? ? ? ? ? ? 1.329 ? ? 
# 
loop_
_struct_conn_type.id 
_struct_conn_type.criteria 
_struct_conn_type.reference 
disulf ? ? 
covale ? ? 
# 
loop_
_pdbx_modification_feature.ordinal 
_pdbx_modification_feature.label_comp_id 
_pdbx_modification_feature.label_asym_id 
_pdbx_modification_feature.label_seq_id 
_pdbx_modification_feature.label_alt_id 
_pdbx_modification_feature.modified_residue_label_comp_id 
_pdbx_modification_feature.modified_residue_label_asym_id 
_pdbx_modification_feature.modified_residue_label_seq_id 
_pdbx_modification_feature.modified_residue_label_alt_id 
_pdbx_modification_feature.auth_comp_id 
_pdbx_modification_feature.auth_asym_id 
_pdbx_modification_feature.auth_seq_id 
_pdbx_modification_feature.PDB_ins_code 
_pdbx_modification_feature.symmetry 
_pdbx_modification_feature.modified_residue_auth_comp_id 
_pdbx_modification_feature.modified_residue_auth_asym_id 
_pdbx_modification_feature.modified_residue_auth_seq_id 
_pdbx_modification_feature.modified_residue_PDB_ins_code 
_pdbx_modification_feature.modified_residue_symmetry 
_pdbx_modification_feature.comp_id_linking_atom 
_pdbx_modification_feature.modified_residue_id_linking_atom 
_pdbx_modification_feature.modified_residue_id 
_pdbx_modification_feature.ref_pcm_id 
_pdbx_modification_feature.ref_comp_id 
_pdbx_modification_feature.type 
_pdbx_modification_feature.category 
1 MSE A 5   ? .   . .  . MSE A 1   ? 1_555 .   . .  . .     .  .  MET 1 MSE Selenomethionine 'Named protein modification' 
2 MSE A 16  ? .   . .  . MSE A 12  ? 1_555 .   . .  . .     .  .  MET 1 MSE Selenomethionine 'Named protein modification' 
3 MSE A 23  ? .   . .  . MSE A 19  ? 1_555 .   . .  . .     .  .  MET 1 MSE Selenomethionine 'Named protein modification' 
4 MSE A 72  ? .   . .  . MSE A 68  ? 1_555 .   . .  . .     .  .  MET 1 MSE Selenomethionine 'Named protein modification' 
5 MSE A 86  ? .   . .  . MSE A 82  ? 1_555 .   . .  . .     .  .  MET 1 MSE Selenomethionine 'Named protein modification' 
6 MSE A 101 ? .   . .  . MSE A 97  ? 1_555 .   . .  . .     .  .  MET 1 MSE Selenomethionine 'Named protein modification' 
7 MSE A 112 ? .   . .  . MSE A 108 ? 1_555 .   . .  . .     .  .  MET 1 MSE Selenomethionine 'Named protein modification' 
8 MSE A 136 ? .   . .  . MSE A 132 ? 1_555 .   . .  . .     .  .  MET 1 MSE Selenomethionine 'Named protein modification' 
9 CYS A 56  ? CYS A 66 ? CYS A 52  ? 1_555 CYS A 62 ? 1_555 SG SG .   . .   None             'Disulfide bridge'           
# 
_struct_mon_prot_cis.pdbx_id                1 
_struct_mon_prot_cis.label_comp_id          SER 
_struct_mon_prot_cis.label_seq_id           60 
_struct_mon_prot_cis.label_asym_id          A 
_struct_mon_prot_cis.label_alt_id           . 
_struct_mon_prot_cis.pdbx_PDB_ins_code      ? 
_struct_mon_prot_cis.auth_comp_id           SER 
_struct_mon_prot_cis.auth_seq_id            56 
_struct_mon_prot_cis.auth_asym_id           A 
_struct_mon_prot_cis.pdbx_label_comp_id_2   LEU 
_struct_mon_prot_cis.pdbx_label_seq_id_2    61 
_struct_mon_prot_cis.pdbx_label_asym_id_2   A 
_struct_mon_prot_cis.pdbx_PDB_ins_code_2    ? 
_struct_mon_prot_cis.pdbx_auth_comp_id_2    LEU 
_struct_mon_prot_cis.pdbx_auth_seq_id_2     57 
_struct_mon_prot_cis.pdbx_auth_asym_id_2    A 
_struct_mon_prot_cis.pdbx_PDB_model_num     1 
_struct_mon_prot_cis.pdbx_omega_angle       1.35 
# 
_struct_sheet.id               AA1 
_struct_sheet.type             ? 
_struct_sheet.number_strands   5 
_struct_sheet.details          ? 
# 
loop_
_struct_sheet_order.sheet_id 
_struct_sheet_order.range_id_1 
_struct_sheet_order.range_id_2 
_struct_sheet_order.offset 
_struct_sheet_order.sense 
AA1 1 2 ? anti-parallel 
AA1 2 3 ? anti-parallel 
AA1 3 4 ? anti-parallel 
AA1 4 5 ? anti-parallel 
# 
loop_
_struct_sheet_range.sheet_id 
_struct_sheet_range.id 
_struct_sheet_range.beg_label_comp_id 
_struct_sheet_range.beg_label_asym_id 
_struct_sheet_range.beg_label_seq_id 
_struct_sheet_range.pdbx_beg_PDB_ins_code 
_struct_sheet_range.end_label_comp_id 
_struct_sheet_range.end_label_asym_id 
_struct_sheet_range.end_label_seq_id 
_struct_sheet_range.pdbx_end_PDB_ins_code 
_struct_sheet_range.beg_auth_comp_id 
_struct_sheet_range.beg_auth_asym_id 
_struct_sheet_range.beg_auth_seq_id 
_struct_sheet_range.end_auth_comp_id 
_struct_sheet_range.end_auth_asym_id 
_struct_sheet_range.end_auth_seq_id 
AA1 1 SER A 64  ? ASP A 68  ? SER A 60  ASP A 64  
AA1 2 TYR A 54  ? THR A 58  ? TYR A 50  THR A 54  
AA1 3 THR A 47  ? GLU A 50  ? THR A 43  GLU A 46  
AA1 4 ARG A 34  ? SER A 36  ? ARG A 30  SER A 32  
AA1 5 TYR A 160 ? LEU A 162 ? TYR A 156 LEU A 158 
# 
loop_
_pdbx_struct_sheet_hbond.sheet_id 
_pdbx_struct_sheet_hbond.range_id_1 
_pdbx_struct_sheet_hbond.range_id_2 
_pdbx_struct_sheet_hbond.range_1_label_atom_id 
_pdbx_struct_sheet_hbond.range_1_label_comp_id 
_pdbx_struct_sheet_hbond.range_1_label_asym_id 
_pdbx_struct_sheet_hbond.range_1_label_seq_id 
_pdbx_struct_sheet_hbond.range_1_PDB_ins_code 
_pdbx_struct_sheet_hbond.range_1_auth_atom_id 
_pdbx_struct_sheet_hbond.range_1_auth_comp_id 
_pdbx_struct_sheet_hbond.range_1_auth_asym_id 
_pdbx_struct_sheet_hbond.range_1_auth_seq_id 
_pdbx_struct_sheet_hbond.range_2_label_atom_id 
_pdbx_struct_sheet_hbond.range_2_label_comp_id 
_pdbx_struct_sheet_hbond.range_2_label_asym_id 
_pdbx_struct_sheet_hbond.range_2_label_seq_id 
_pdbx_struct_sheet_hbond.range_2_PDB_ins_code 
_pdbx_struct_sheet_hbond.range_2_auth_atom_id 
_pdbx_struct_sheet_hbond.range_2_auth_comp_id 
_pdbx_struct_sheet_hbond.range_2_auth_asym_id 
_pdbx_struct_sheet_hbond.range_2_auth_seq_id 
AA1 1 2 O TRP A 67 ? O TRP A 63 N SER A 55  ? N SER A 51  
AA1 2 3 O THR A 58 ? O THR A 54 N THR A 47  ? N THR A 43  
AA1 3 4 O ILE A 48 ? O ILE A 44 N SER A 36  ? N SER A 32  
AA1 4 5 N VAL A 35 ? N VAL A 31 O GLU A 161 ? O GLU A 157 
# 
loop_
_struct_site.id 
_struct_site.pdbx_evidence_code 
_struct_site.pdbx_auth_asym_id 
_struct_site.pdbx_auth_comp_id 
_struct_site.pdbx_auth_seq_id 
_struct_site.pdbx_auth_ins_code 
_struct_site.pdbx_num_residues 
_struct_site.details 
AC1 Software A OLC 201 ? 13 'binding site for residue OLC A 201' 
AC2 Software A OLC 202 ? 7  'binding site for residue OLC A 202' 
# 
loop_
_struct_site_gen.id 
_struct_site_gen.site_id 
_struct_site_gen.pdbx_num_res 
_struct_site_gen.label_comp_id 
_struct_site_gen.label_asym_id 
_struct_site_gen.label_seq_id 
_struct_site_gen.pdbx_auth_ins_code 
_struct_site_gen.auth_comp_id 
_struct_site_gen.auth_asym_id 
_struct_site_gen.auth_seq_id 
_struct_site_gen.label_atom_id 
_struct_site_gen.label_alt_id 
_struct_site_gen.symmetry 
_struct_site_gen.details 
1  AC1 13 LEU A 21  ? LEU A 17  . ? 1_555 ? 
2  AC1 13 LEU A 22  ? LEU A 18  . ? 1_555 ? 
3  AC1 13 GLY A 25  ? GLY A 21  . ? 1_555 ? 
4  AC1 13 LEU A 28  ? LEU A 24  . ? 1_555 ? 
5  AC1 13 SER A 29  ? SER A 25  . ? 1_555 ? 
6  AC1 13 TRP A 53  ? TRP A 49  . ? 1_555 ? 
7  AC1 13 TYR A 54  ? TYR A 50  . ? 1_555 ? 
8  AC1 13 ASP A 68  ? ASP A 64  . ? 1_555 ? 
9  AC1 13 PHE A 69  ? PHE A 65  . ? 1_555 ? 
10 AC1 13 ARG A 83  ? ARG A 79  . ? 1_555 ? 
11 AC1 13 PHE A 94  ? PHE A 90  . ? 1_555 ? 
12 AC1 13 MSE A 101 ? MSE A 97  . ? 2_556 ? 
13 AC1 13 HOH D .   ? HOH A 321 . ? 1_555 ? 
14 AC2 7  THR A 11  ? THR A 7   . ? 1_555 ? 
15 AC2 7  PHE A 15  ? PHE A 11  . ? 1_555 ? 
16 AC2 7  MSE A 23  ? MSE A 19  . ? 2_556 ? 
17 AC2 7  LEU A 26  ? LEU A 22  . ? 2_556 ? 
18 AC2 7  ASN A 30  ? ASN A 26  . ? 2_556 ? 
19 AC2 7  LEU A 168 ? LEU A 164 . ? 2_556 ? 
20 AC2 7  HOH D .   ? HOH A 303 . ? 1_555 ? 
# 
_pdbx_entry_details.entry_id                   4P79 
_pdbx_entry_details.compound_details           ? 
_pdbx_entry_details.source_details             ? 
_pdbx_entry_details.nonpolymer_details         ? 
_pdbx_entry_details.sequence_details           ? 
_pdbx_entry_details.has_ligand_of_interest     ? 
_pdbx_entry_details.has_protein_modification   Y 
# 
loop_
_pdbx_validate_torsion.id 
_pdbx_validate_torsion.PDB_model_num 
_pdbx_validate_torsion.auth_comp_id 
_pdbx_validate_torsion.auth_asym_id 
_pdbx_validate_torsion.auth_seq_id 
_pdbx_validate_torsion.PDB_ins_code 
_pdbx_validate_torsion.label_alt_id 
_pdbx_validate_torsion.phi 
_pdbx_validate_torsion.psi 
1 1 TYR A 28  ? ? -119.75 73.30   
2 1 ASN A 47  ? ? -121.10 -149.74 
3 1 ASN A 104 ? ? -119.65 73.39   
# 
loop_
_pdbx_struct_mod_residue.id 
_pdbx_struct_mod_residue.label_asym_id 
_pdbx_struct_mod_residue.label_comp_id 
_pdbx_struct_mod_residue.label_seq_id 
_pdbx_struct_mod_residue.auth_asym_id 
_pdbx_struct_mod_residue.auth_comp_id 
_pdbx_struct_mod_residue.auth_seq_id 
_pdbx_struct_mod_residue.PDB_ins_code 
_pdbx_struct_mod_residue.parent_comp_id 
_pdbx_struct_mod_residue.details 
1 A MSE 16  A MSE 12  ? MET 'modified residue' 
2 A MSE 23  A MSE 19  ? MET 'modified residue' 
3 A MSE 72  A MSE 68  ? MET 'modified residue' 
4 A MSE 86  A MSE 82  ? MET 'modified residue' 
5 A MSE 101 A MSE 97  ? MET 'modified residue' 
6 A MSE 112 A MSE 108 ? MET 'modified residue' 
7 A MSE 136 A MSE 132 ? MET 'modified residue' 
# 
loop_
_pdbx_unobs_or_zero_occ_residues.id 
_pdbx_unobs_or_zero_occ_residues.PDB_model_num 
_pdbx_unobs_or_zero_occ_residues.polymer_flag 
_pdbx_unobs_or_zero_occ_residues.occupancy_flag 
_pdbx_unobs_or_zero_occ_residues.auth_asym_id 
_pdbx_unobs_or_zero_occ_residues.auth_comp_id 
_pdbx_unobs_or_zero_occ_residues.auth_seq_id 
_pdbx_unobs_or_zero_occ_residues.PDB_ins_code 
_pdbx_unobs_or_zero_occ_residues.label_asym_id 
_pdbx_unobs_or_zero_occ_residues.label_comp_id 
_pdbx_unobs_or_zero_occ_residues.label_seq_id 
1  1 Y 1 A GLY -3  ? A GLY 1   
2  1 Y 1 A VAL 34  ? A VAL 38  
3  1 Y 1 A HIS 35  ? A HIS 39  
4  1 Y 1 A GLY 36  ? A GLY 40  
5  1 Y 1 A ASN 37  ? A ASN 41  
6  1 Y 1 A VAL 38  ? A VAL 42  
7  1 Y 1 A ILE 39  ? A ILE 43  
8  1 Y 1 A THR 40  ? A THR 44  
9  1 Y 1 A THR 41  ? A THR 45  
10 1 Y 1 A SER 187 ? A SER 191 
11 1 Y 1 A LYS 188 ? A LYS 192 
12 1 Y 1 A GLU 189 ? A GLU 193 
13 1 Y 1 A GLU 190 ? A GLU 194 
14 1 Y 1 A PRO 191 ? A PRO 195 
15 1 Y 1 A ALA 192 ? A ALA 196 
16 1 Y 1 A THR 193 ? A THR 197 
17 1 Y 1 A ARG 194 ? A ARG 198 
# 
loop_
_chem_comp_atom.comp_id 
_chem_comp_atom.atom_id 
_chem_comp_atom.type_symbol 
_chem_comp_atom.pdbx_aromatic_flag 
_chem_comp_atom.pdbx_stereo_config 
_chem_comp_atom.pdbx_ordinal 
ALA N    N  N N 1   
ALA CA   C  N S 2   
ALA C    C  N N 3   
ALA O    O  N N 4   
ALA CB   C  N N 5   
ALA OXT  O  N N 6   
ALA H    H  N N 7   
ALA H2   H  N N 8   
ALA HA   H  N N 9   
ALA HB1  H  N N 10  
ALA HB2  H  N N 11  
ALA HB3  H  N N 12  
ALA HXT  H  N N 13  
ARG N    N  N N 14  
ARG CA   C  N S 15  
ARG C    C  N N 16  
ARG O    O  N N 17  
ARG CB   C  N N 18  
ARG CG   C  N N 19  
ARG CD   C  N N 20  
ARG NE   N  N N 21  
ARG CZ   C  N N 22  
ARG NH1  N  N N 23  
ARG NH2  N  N N 24  
ARG OXT  O  N N 25  
ARG H    H  N N 26  
ARG H2   H  N N 27  
ARG HA   H  N N 28  
ARG HB2  H  N N 29  
ARG HB3  H  N N 30  
ARG HG2  H  N N 31  
ARG HG3  H  N N 32  
ARG HD2  H  N N 33  
ARG HD3  H  N N 34  
ARG HE   H  N N 35  
ARG HH11 H  N N 36  
ARG HH12 H  N N 37  
ARG HH21 H  N N 38  
ARG HH22 H  N N 39  
ARG HXT  H  N N 40  
ASN N    N  N N 41  
ASN CA   C  N S 42  
ASN C    C  N N 43  
ASN O    O  N N 44  
ASN CB   C  N N 45  
ASN CG   C  N N 46  
ASN OD1  O  N N 47  
ASN ND2  N  N N 48  
ASN OXT  O  N N 49  
ASN H    H  N N 50  
ASN H2   H  N N 51  
ASN HA   H  N N 52  
ASN HB2  H  N N 53  
ASN HB3  H  N N 54  
ASN HD21 H  N N 55  
ASN HD22 H  N N 56  
ASN HXT  H  N N 57  
ASP N    N  N N 58  
ASP CA   C  N S 59  
ASP C    C  N N 60  
ASP O    O  N N 61  
ASP CB   C  N N 62  
ASP CG   C  N N 63  
ASP OD1  O  N N 64  
ASP OD2  O  N N 65  
ASP OXT  O  N N 66  
ASP H    H  N N 67  
ASP H2   H  N N 68  
ASP HA   H  N N 69  
ASP HB2  H  N N 70  
ASP HB3  H  N N 71  
ASP HD2  H  N N 72  
ASP HXT  H  N N 73  
CYS N    N  N N 74  
CYS CA   C  N R 75  
CYS C    C  N N 76  
CYS O    O  N N 77  
CYS CB   C  N N 78  
CYS SG   S  N N 79  
CYS OXT  O  N N 80  
CYS H    H  N N 81  
CYS H2   H  N N 82  
CYS HA   H  N N 83  
CYS HB2  H  N N 84  
CYS HB3  H  N N 85  
CYS HG   H  N N 86  
CYS HXT  H  N N 87  
GLN N    N  N N 88  
GLN CA   C  N S 89  
GLN C    C  N N 90  
GLN O    O  N N 91  
GLN CB   C  N N 92  
GLN CG   C  N N 93  
GLN CD   C  N N 94  
GLN OE1  O  N N 95  
GLN NE2  N  N N 96  
GLN OXT  O  N N 97  
GLN H    H  N N 98  
GLN H2   H  N N 99  
GLN HA   H  N N 100 
GLN HB2  H  N N 101 
GLN HB3  H  N N 102 
GLN HG2  H  N N 103 
GLN HG3  H  N N 104 
GLN HE21 H  N N 105 
GLN HE22 H  N N 106 
GLN HXT  H  N N 107 
GLU N    N  N N 108 
GLU CA   C  N S 109 
GLU C    C  N N 110 
GLU O    O  N N 111 
GLU CB   C  N N 112 
GLU CG   C  N N 113 
GLU CD   C  N N 114 
GLU OE1  O  N N 115 
GLU OE2  O  N N 116 
GLU OXT  O  N N 117 
GLU H    H  N N 118 
GLU H2   H  N N 119 
GLU HA   H  N N 120 
GLU HB2  H  N N 121 
GLU HB3  H  N N 122 
GLU HG2  H  N N 123 
GLU HG3  H  N N 124 
GLU HE2  H  N N 125 
GLU HXT  H  N N 126 
GLY N    N  N N 127 
GLY CA   C  N N 128 
GLY C    C  N N 129 
GLY O    O  N N 130 
GLY OXT  O  N N 131 
GLY H    H  N N 132 
GLY H2   H  N N 133 
GLY HA2  H  N N 134 
GLY HA3  H  N N 135 
GLY HXT  H  N N 136 
HIS N    N  N N 137 
HIS CA   C  N S 138 
HIS C    C  N N 139 
HIS O    O  N N 140 
HIS CB   C  N N 141 
HIS CG   C  Y N 142 
HIS ND1  N  Y N 143 
HIS CD2  C  Y N 144 
HIS CE1  C  Y N 145 
HIS NE2  N  Y N 146 
HIS OXT  O  N N 147 
HIS H    H  N N 148 
HIS H2   H  N N 149 
HIS HA   H  N N 150 
HIS HB2  H  N N 151 
HIS HB3  H  N N 152 
HIS HD1  H  N N 153 
HIS HD2  H  N N 154 
HIS HE1  H  N N 155 
HIS HE2  H  N N 156 
HIS HXT  H  N N 157 
HOH O    O  N N 158 
HOH H1   H  N N 159 
HOH H2   H  N N 160 
ILE N    N  N N 161 
ILE CA   C  N S 162 
ILE C    C  N N 163 
ILE O    O  N N 164 
ILE CB   C  N S 165 
ILE CG1  C  N N 166 
ILE CG2  C  N N 167 
ILE CD1  C  N N 168 
ILE OXT  O  N N 169 
ILE H    H  N N 170 
ILE H2   H  N N 171 
ILE HA   H  N N 172 
ILE HB   H  N N 173 
ILE HG12 H  N N 174 
ILE HG13 H  N N 175 
ILE HG21 H  N N 176 
ILE HG22 H  N N 177 
ILE HG23 H  N N 178 
ILE HD11 H  N N 179 
ILE HD12 H  N N 180 
ILE HD13 H  N N 181 
ILE HXT  H  N N 182 
LEU N    N  N N 183 
LEU CA   C  N S 184 
LEU C    C  N N 185 
LEU O    O  N N 186 
LEU CB   C  N N 187 
LEU CG   C  N N 188 
LEU CD1  C  N N 189 
LEU CD2  C  N N 190 
LEU OXT  O  N N 191 
LEU H    H  N N 192 
LEU H2   H  N N 193 
LEU HA   H  N N 194 
LEU HB2  H  N N 195 
LEU HB3  H  N N 196 
LEU HG   H  N N 197 
LEU HD11 H  N N 198 
LEU HD12 H  N N 199 
LEU HD13 H  N N 200 
LEU HD21 H  N N 201 
LEU HD22 H  N N 202 
LEU HD23 H  N N 203 
LEU HXT  H  N N 204 
LYS N    N  N N 205 
LYS CA   C  N S 206 
LYS C    C  N N 207 
LYS O    O  N N 208 
LYS CB   C  N N 209 
LYS CG   C  N N 210 
LYS CD   C  N N 211 
LYS CE   C  N N 212 
LYS NZ   N  N N 213 
LYS OXT  O  N N 214 
LYS H    H  N N 215 
LYS H2   H  N N 216 
LYS HA   H  N N 217 
LYS HB2  H  N N 218 
LYS HB3  H  N N 219 
LYS HG2  H  N N 220 
LYS HG3  H  N N 221 
LYS HD2  H  N N 222 
LYS HD3  H  N N 223 
LYS HE2  H  N N 224 
LYS HE3  H  N N 225 
LYS HZ1  H  N N 226 
LYS HZ2  H  N N 227 
LYS HZ3  H  N N 228 
LYS HXT  H  N N 229 
MSE N    N  N N 230 
MSE CA   C  N S 231 
MSE C    C  N N 232 
MSE O    O  N N 233 
MSE OXT  O  N N 234 
MSE CB   C  N N 235 
MSE CG   C  N N 236 
MSE SE   SE N N 237 
MSE CE   C  N N 238 
MSE H    H  N N 239 
MSE H2   H  N N 240 
MSE HA   H  N N 241 
MSE HXT  H  N N 242 
MSE HB2  H  N N 243 
MSE HB3  H  N N 244 
MSE HG2  H  N N 245 
MSE HG3  H  N N 246 
MSE HE1  H  N N 247 
MSE HE2  H  N N 248 
MSE HE3  H  N N 249 
OLC C18  C  N N 250 
OLC C10  C  N N 251 
OLC C9   C  N N 252 
OLC C17  C  N N 253 
OLC C11  C  N N 254 
OLC C8   C  N N 255 
OLC C24  C  N N 256 
OLC C16  C  N N 257 
OLC C12  C  N N 258 
OLC C7   C  N N 259 
OLC C15  C  N N 260 
OLC C13  C  N N 261 
OLC C6   C  N N 262 
OLC C14  C  N N 263 
OLC C5   C  N N 264 
OLC C4   C  N N 265 
OLC C3   C  N N 266 
OLC C2   C  N N 267 
OLC C21  C  N N 268 
OLC C1   C  N N 269 
OLC C22  C  N R 270 
OLC O19  O  N N 271 
OLC O25  O  N N 272 
OLC O23  O  N N 273 
OLC O20  O  N N 274 
OLC H18  H  N N 275 
OLC H18A H  N N 276 
OLC H18B H  N N 277 
OLC H10  H  N N 278 
OLC H9   H  N N 279 
OLC H17  H  N N 280 
OLC H17A H  N N 281 
OLC H11  H  N N 282 
OLC H11A H  N N 283 
OLC H8   H  N N 284 
OLC H8A  H  N N 285 
OLC H24  H  N N 286 
OLC H24A H  N N 287 
OLC H16  H  N N 288 
OLC H16A H  N N 289 
OLC H12  H  N N 290 
OLC H12A H  N N 291 
OLC H7   H  N N 292 
OLC H7A  H  N N 293 
OLC H15  H  N N 294 
OLC H15A H  N N 295 
OLC H13  H  N N 296 
OLC H13A H  N N 297 
OLC H6   H  N N 298 
OLC H6A  H  N N 299 
OLC H14  H  N N 300 
OLC H14A H  N N 301 
OLC H5   H  N N 302 
OLC H5A  H  N N 303 
OLC H4   H  N N 304 
OLC H4A  H  N N 305 
OLC H3   H  N N 306 
OLC H3A  H  N N 307 
OLC H2   H  N N 308 
OLC H2A  H  N N 309 
OLC H21  H  N N 310 
OLC H21A H  N N 311 
OLC H22  H  N N 312 
OLC HO25 H  N N 313 
OLC HO23 H  N N 314 
PHE N    N  N N 315 
PHE CA   C  N S 316 
PHE C    C  N N 317 
PHE O    O  N N 318 
PHE CB   C  N N 319 
PHE CG   C  Y N 320 
PHE CD1  C  Y N 321 
PHE CD2  C  Y N 322 
PHE CE1  C  Y N 323 
PHE CE2  C  Y N 324 
PHE CZ   C  Y N 325 
PHE OXT  O  N N 326 
PHE H    H  N N 327 
PHE H2   H  N N 328 
PHE HA   H  N N 329 
PHE HB2  H  N N 330 
PHE HB3  H  N N 331 
PHE HD1  H  N N 332 
PHE HD2  H  N N 333 
PHE HE1  H  N N 334 
PHE HE2  H  N N 335 
PHE HZ   H  N N 336 
PHE HXT  H  N N 337 
PRO N    N  N N 338 
PRO CA   C  N S 339 
PRO C    C  N N 340 
PRO O    O  N N 341 
PRO CB   C  N N 342 
PRO CG   C  N N 343 
PRO CD   C  N N 344 
PRO OXT  O  N N 345 
PRO H    H  N N 346 
PRO HA   H  N N 347 
PRO HB2  H  N N 348 
PRO HB3  H  N N 349 
PRO HG2  H  N N 350 
PRO HG3  H  N N 351 
PRO HD2  H  N N 352 
PRO HD3  H  N N 353 
PRO HXT  H  N N 354 
SER N    N  N N 355 
SER CA   C  N S 356 
SER C    C  N N 357 
SER O    O  N N 358 
SER CB   C  N N 359 
SER OG   O  N N 360 
SER OXT  O  N N 361 
SER H    H  N N 362 
SER H2   H  N N 363 
SER HA   H  N N 364 
SER HB2  H  N N 365 
SER HB3  H  N N 366 
SER HG   H  N N 367 
SER HXT  H  N N 368 
THR N    N  N N 369 
THR CA   C  N S 370 
THR C    C  N N 371 
THR O    O  N N 372 
THR CB   C  N R 373 
THR OG1  O  N N 374 
THR CG2  C  N N 375 
THR OXT  O  N N 376 
THR H    H  N N 377 
THR H2   H  N N 378 
THR HA   H  N N 379 
THR HB   H  N N 380 
THR HG1  H  N N 381 
THR HG21 H  N N 382 
THR HG22 H  N N 383 
THR HG23 H  N N 384 
THR HXT  H  N N 385 
TRP N    N  N N 386 
TRP CA   C  N S 387 
TRP C    C  N N 388 
TRP O    O  N N 389 
TRP CB   C  N N 390 
TRP CG   C  Y N 391 
TRP CD1  C  Y N 392 
TRP CD2  C  Y N 393 
TRP NE1  N  Y N 394 
TRP CE2  C  Y N 395 
TRP CE3  C  Y N 396 
TRP CZ2  C  Y N 397 
TRP CZ3  C  Y N 398 
TRP CH2  C  Y N 399 
TRP OXT  O  N N 400 
TRP H    H  N N 401 
TRP H2   H  N N 402 
TRP HA   H  N N 403 
TRP HB2  H  N N 404 
TRP HB3  H  N N 405 
TRP HD1  H  N N 406 
TRP HE1  H  N N 407 
TRP HE3  H  N N 408 
TRP HZ2  H  N N 409 
TRP HZ3  H  N N 410 
TRP HH2  H  N N 411 
TRP HXT  H  N N 412 
TYR N    N  N N 413 
TYR CA   C  N S 414 
TYR C    C  N N 415 
TYR O    O  N N 416 
TYR CB   C  N N 417 
TYR CG   C  Y N 418 
TYR CD1  C  Y N 419 
TYR CD2  C  Y N 420 
TYR CE1  C  Y N 421 
TYR CE2  C  Y N 422 
TYR CZ   C  Y N 423 
TYR OH   O  N N 424 
TYR OXT  O  N N 425 
TYR H    H  N N 426 
TYR H2   H  N N 427 
TYR HA   H  N N 428 
TYR HB2  H  N N 429 
TYR HB3  H  N N 430 
TYR HD1  H  N N 431 
TYR HD2  H  N N 432 
TYR HE1  H  N N 433 
TYR HE2  H  N N 434 
TYR HH   H  N N 435 
TYR HXT  H  N N 436 
VAL N    N  N N 437 
VAL CA   C  N S 438 
VAL C    C  N N 439 
VAL O    O  N N 440 
VAL CB   C  N N 441 
VAL CG1  C  N N 442 
VAL CG2  C  N N 443 
VAL OXT  O  N N 444 
VAL H    H  N N 445 
VAL H2   H  N N 446 
VAL HA   H  N N 447 
VAL HB   H  N N 448 
VAL HG11 H  N N 449 
VAL HG12 H  N N 450 
VAL HG13 H  N N 451 
VAL HG21 H  N N 452 
VAL HG22 H  N N 453 
VAL HG23 H  N N 454 
VAL HXT  H  N N 455 
# 
loop_
_chem_comp_bond.comp_id 
_chem_comp_bond.atom_id_1 
_chem_comp_bond.atom_id_2 
_chem_comp_bond.value_order 
_chem_comp_bond.pdbx_aromatic_flag 
_chem_comp_bond.pdbx_stereo_config 
_chem_comp_bond.pdbx_ordinal 
ALA N   CA   sing N N 1   
ALA N   H    sing N N 2   
ALA N   H2   sing N N 3   
ALA CA  C    sing N N 4   
ALA CA  CB   sing N N 5   
ALA CA  HA   sing N N 6   
ALA C   O    doub N N 7   
ALA C   OXT  sing N N 8   
ALA CB  HB1  sing N N 9   
ALA CB  HB2  sing N N 10  
ALA CB  HB3  sing N N 11  
ALA OXT HXT  sing N N 12  
ARG N   CA   sing N N 13  
ARG N   H    sing N N 14  
ARG N   H2   sing N N 15  
ARG CA  C    sing N N 16  
ARG CA  CB   sing N N 17  
ARG CA  HA   sing N N 18  
ARG C   O    doub N N 19  
ARG C   OXT  sing N N 20  
ARG CB  CG   sing N N 21  
ARG CB  HB2  sing N N 22  
ARG CB  HB3  sing N N 23  
ARG CG  CD   sing N N 24  
ARG CG  HG2  sing N N 25  
ARG CG  HG3  sing N N 26  
ARG CD  NE   sing N N 27  
ARG CD  HD2  sing N N 28  
ARG CD  HD3  sing N N 29  
ARG NE  CZ   sing N N 30  
ARG NE  HE   sing N N 31  
ARG CZ  NH1  sing N N 32  
ARG CZ  NH2  doub N N 33  
ARG NH1 HH11 sing N N 34  
ARG NH1 HH12 sing N N 35  
ARG NH2 HH21 sing N N 36  
ARG NH2 HH22 sing N N 37  
ARG OXT HXT  sing N N 38  
ASN N   CA   sing N N 39  
ASN N   H    sing N N 40  
ASN N   H2   sing N N 41  
ASN CA  C    sing N N 42  
ASN CA  CB   sing N N 43  
ASN CA  HA   sing N N 44  
ASN C   O    doub N N 45  
ASN C   OXT  sing N N 46  
ASN CB  CG   sing N N 47  
ASN CB  HB2  sing N N 48  
ASN CB  HB3  sing N N 49  
ASN CG  OD1  doub N N 50  
ASN CG  ND2  sing N N 51  
ASN ND2 HD21 sing N N 52  
ASN ND2 HD22 sing N N 53  
ASN OXT HXT  sing N N 54  
ASP N   CA   sing N N 55  
ASP N   H    sing N N 56  
ASP N   H2   sing N N 57  
ASP CA  C    sing N N 58  
ASP CA  CB   sing N N 59  
ASP CA  HA   sing N N 60  
ASP C   O    doub N N 61  
ASP C   OXT  sing N N 62  
ASP CB  CG   sing N N 63  
ASP CB  HB2  sing N N 64  
ASP CB  HB3  sing N N 65  
ASP CG  OD1  doub N N 66  
ASP CG  OD2  sing N N 67  
ASP OD2 HD2  sing N N 68  
ASP OXT HXT  sing N N 69  
CYS N   CA   sing N N 70  
CYS N   H    sing N N 71  
CYS N   H2   sing N N 72  
CYS CA  C    sing N N 73  
CYS CA  CB   sing N N 74  
CYS CA  HA   sing N N 75  
CYS C   O    doub N N 76  
CYS C   OXT  sing N N 77  
CYS CB  SG   sing N N 78  
CYS CB  HB2  sing N N 79  
CYS CB  HB3  sing N N 80  
CYS SG  HG   sing N N 81  
CYS OXT HXT  sing N N 82  
GLN N   CA   sing N N 83  
GLN N   H    sing N N 84  
GLN N   H2   sing N N 85  
GLN CA  C    sing N N 86  
GLN CA  CB   sing N N 87  
GLN CA  HA   sing N N 88  
GLN C   O    doub N N 89  
GLN C   OXT  sing N N 90  
GLN CB  CG   sing N N 91  
GLN CB  HB2  sing N N 92  
GLN CB  HB3  sing N N 93  
GLN CG  CD   sing N N 94  
GLN CG  HG2  sing N N 95  
GLN CG  HG3  sing N N 96  
GLN CD  OE1  doub N N 97  
GLN CD  NE2  sing N N 98  
GLN NE2 HE21 sing N N 99  
GLN NE2 HE22 sing N N 100 
GLN OXT HXT  sing N N 101 
GLU N   CA   sing N N 102 
GLU N   H    sing N N 103 
GLU N   H2   sing N N 104 
GLU CA  C    sing N N 105 
GLU CA  CB   sing N N 106 
GLU CA  HA   sing N N 107 
GLU C   O    doub N N 108 
GLU C   OXT  sing N N 109 
GLU CB  CG   sing N N 110 
GLU CB  HB2  sing N N 111 
GLU CB  HB3  sing N N 112 
GLU CG  CD   sing N N 113 
GLU CG  HG2  sing N N 114 
GLU CG  HG3  sing N N 115 
GLU CD  OE1  doub N N 116 
GLU CD  OE2  sing N N 117 
GLU OE2 HE2  sing N N 118 
GLU OXT HXT  sing N N 119 
GLY N   CA   sing N N 120 
GLY N   H    sing N N 121 
GLY N   H2   sing N N 122 
GLY CA  C    sing N N 123 
GLY CA  HA2  sing N N 124 
GLY CA  HA3  sing N N 125 
GLY C   O    doub N N 126 
GLY C   OXT  sing N N 127 
GLY OXT HXT  sing N N 128 
HIS N   CA   sing N N 129 
HIS N   H    sing N N 130 
HIS N   H2   sing N N 131 
HIS CA  C    sing N N 132 
HIS CA  CB   sing N N 133 
HIS CA  HA   sing N N 134 
HIS C   O    doub N N 135 
HIS C   OXT  sing N N 136 
HIS CB  CG   sing N N 137 
HIS CB  HB2  sing N N 138 
HIS CB  HB3  sing N N 139 
HIS CG  ND1  sing Y N 140 
HIS CG  CD2  doub Y N 141 
HIS ND1 CE1  doub Y N 142 
HIS ND1 HD1  sing N N 143 
HIS CD2 NE2  sing Y N 144 
HIS CD2 HD2  sing N N 145 
HIS CE1 NE2  sing Y N 146 
HIS CE1 HE1  sing N N 147 
HIS NE2 HE2  sing N N 148 
HIS OXT HXT  sing N N 149 
HOH O   H1   sing N N 150 
HOH O   H2   sing N N 151 
ILE N   CA   sing N N 152 
ILE N   H    sing N N 153 
ILE N   H2   sing N N 154 
ILE CA  C    sing N N 155 
ILE CA  CB   sing N N 156 
ILE CA  HA   sing N N 157 
ILE C   O    doub N N 158 
ILE C   OXT  sing N N 159 
ILE CB  CG1  sing N N 160 
ILE CB  CG2  sing N N 161 
ILE CB  HB   sing N N 162 
ILE CG1 CD1  sing N N 163 
ILE CG1 HG12 sing N N 164 
ILE CG1 HG13 sing N N 165 
ILE CG2 HG21 sing N N 166 
ILE CG2 HG22 sing N N 167 
ILE CG2 HG23 sing N N 168 
ILE CD1 HD11 sing N N 169 
ILE CD1 HD12 sing N N 170 
ILE CD1 HD13 sing N N 171 
ILE OXT HXT  sing N N 172 
LEU N   CA   sing N N 173 
LEU N   H    sing N N 174 
LEU N   H2   sing N N 175 
LEU CA  C    sing N N 176 
LEU CA  CB   sing N N 177 
LEU CA  HA   sing N N 178 
LEU C   O    doub N N 179 
LEU C   OXT  sing N N 180 
LEU CB  CG   sing N N 181 
LEU CB  HB2  sing N N 182 
LEU CB  HB3  sing N N 183 
LEU CG  CD1  sing N N 184 
LEU CG  CD2  sing N N 185 
LEU CG  HG   sing N N 186 
LEU CD1 HD11 sing N N 187 
LEU CD1 HD12 sing N N 188 
LEU CD1 HD13 sing N N 189 
LEU CD2 HD21 sing N N 190 
LEU CD2 HD22 sing N N 191 
LEU CD2 HD23 sing N N 192 
LEU OXT HXT  sing N N 193 
LYS N   CA   sing N N 194 
LYS N   H    sing N N 195 
LYS N   H2   sing N N 196 
LYS CA  C    sing N N 197 
LYS CA  CB   sing N N 198 
LYS CA  HA   sing N N 199 
LYS C   O    doub N N 200 
LYS C   OXT  sing N N 201 
LYS CB  CG   sing N N 202 
LYS CB  HB2  sing N N 203 
LYS CB  HB3  sing N N 204 
LYS CG  CD   sing N N 205 
LYS CG  HG2  sing N N 206 
LYS CG  HG3  sing N N 207 
LYS CD  CE   sing N N 208 
LYS CD  HD2  sing N N 209 
LYS CD  HD3  sing N N 210 
LYS CE  NZ   sing N N 211 
LYS CE  HE2  sing N N 212 
LYS CE  HE3  sing N N 213 
LYS NZ  HZ1  sing N N 214 
LYS NZ  HZ2  sing N N 215 
LYS NZ  HZ3  sing N N 216 
LYS OXT HXT  sing N N 217 
MSE N   CA   sing N N 218 
MSE N   H    sing N N 219 
MSE N   H2   sing N N 220 
MSE CA  C    sing N N 221 
MSE CA  CB   sing N N 222 
MSE CA  HA   sing N N 223 
MSE C   O    doub N N 224 
MSE C   OXT  sing N N 225 
MSE OXT HXT  sing N N 226 
MSE CB  CG   sing N N 227 
MSE CB  HB2  sing N N 228 
MSE CB  HB3  sing N N 229 
MSE CG  SE   sing N N 230 
MSE CG  HG2  sing N N 231 
MSE CG  HG3  sing N N 232 
MSE SE  CE   sing N N 233 
MSE CE  HE1  sing N N 234 
MSE CE  HE2  sing N N 235 
MSE CE  HE3  sing N N 236 
OLC C18 C17  sing N N 237 
OLC C10 C9   doub N N 238 
OLC C10 C11  sing N N 239 
OLC C9  C8   sing N N 240 
OLC C17 C16  sing N Z 241 
OLC C11 C12  sing N N 242 
OLC C8  C7   sing N N 243 
OLC C24 C22  sing N N 244 
OLC C24 O25  sing N N 245 
OLC C16 C15  sing N N 246 
OLC C12 C13  sing N N 247 
OLC C7  C6   sing N N 248 
OLC C15 C14  sing N N 249 
OLC C13 C14  sing N N 250 
OLC C6  C5   sing N N 251 
OLC C5  C4   sing N N 252 
OLC C4  C3   sing N N 253 
OLC C3  C2   sing N N 254 
OLC C2  C1   sing N N 255 
OLC C21 C22  sing N N 256 
OLC C21 O20  sing N N 257 
OLC C1  O19  doub N N 258 
OLC C1  O20  sing N N 259 
OLC C22 O23  sing N N 260 
OLC C18 H18  sing N N 261 
OLC C18 H18A sing N N 262 
OLC C18 H18B sing N N 263 
OLC C10 H10  sing N N 264 
OLC C9  H9   sing N N 265 
OLC C17 H17  sing N N 266 
OLC C17 H17A sing N N 267 
OLC C11 H11  sing N N 268 
OLC C11 H11A sing N N 269 
OLC C8  H8   sing N N 270 
OLC C8  H8A  sing N N 271 
OLC C24 H24  sing N N 272 
OLC C24 H24A sing N N 273 
OLC C16 H16  sing N N 274 
OLC C16 H16A sing N N 275 
OLC C12 H12  sing N N 276 
OLC C12 H12A sing N N 277 
OLC C7  H7   sing N N 278 
OLC C7  H7A  sing N N 279 
OLC C15 H15  sing N N 280 
OLC C15 H15A sing N N 281 
OLC C13 H13  sing N N 282 
OLC C13 H13A sing N N 283 
OLC C6  H6   sing N N 284 
OLC C6  H6A  sing N N 285 
OLC C14 H14  sing N N 286 
OLC C14 H14A sing N N 287 
OLC C5  H5   sing N N 288 
OLC C5  H5A  sing N N 289 
OLC C4  H4   sing N N 290 
OLC C4  H4A  sing N N 291 
OLC C3  H3   sing N N 292 
OLC C3  H3A  sing N N 293 
OLC C2  H2   sing N N 294 
OLC C2  H2A  sing N N 295 
OLC C21 H21  sing N N 296 
OLC C21 H21A sing N N 297 
OLC C22 H22  sing N N 298 
OLC O25 HO25 sing N N 299 
OLC O23 HO23 sing N N 300 
PHE N   CA   sing N N 301 
PHE N   H    sing N N 302 
PHE N   H2   sing N N 303 
PHE CA  C    sing N N 304 
PHE CA  CB   sing N N 305 
PHE CA  HA   sing N N 306 
PHE C   O    doub N N 307 
PHE C   OXT  sing N N 308 
PHE CB  CG   sing N N 309 
PHE CB  HB2  sing N N 310 
PHE CB  HB3  sing N N 311 
PHE CG  CD1  doub Y N 312 
PHE CG  CD2  sing Y N 313 
PHE CD1 CE1  sing Y N 314 
PHE CD1 HD1  sing N N 315 
PHE CD2 CE2  doub Y N 316 
PHE CD2 HD2  sing N N 317 
PHE CE1 CZ   doub Y N 318 
PHE CE1 HE1  sing N N 319 
PHE CE2 CZ   sing Y N 320 
PHE CE2 HE2  sing N N 321 
PHE CZ  HZ   sing N N 322 
PHE OXT HXT  sing N N 323 
PRO N   CA   sing N N 324 
PRO N   CD   sing N N 325 
PRO N   H    sing N N 326 
PRO CA  C    sing N N 327 
PRO CA  CB   sing N N 328 
PRO CA  HA   sing N N 329 
PRO C   O    doub N N 330 
PRO C   OXT  sing N N 331 
PRO CB  CG   sing N N 332 
PRO CB  HB2  sing N N 333 
PRO CB  HB3  sing N N 334 
PRO CG  CD   sing N N 335 
PRO CG  HG2  sing N N 336 
PRO CG  HG3  sing N N 337 
PRO CD  HD2  sing N N 338 
PRO CD  HD3  sing N N 339 
PRO OXT HXT  sing N N 340 
SER N   CA   sing N N 341 
SER N   H    sing N N 342 
SER N   H2   sing N N 343 
SER CA  C    sing N N 344 
SER CA  CB   sing N N 345 
SER CA  HA   sing N N 346 
SER C   O    doub N N 347 
SER C   OXT  sing N N 348 
SER CB  OG   sing N N 349 
SER CB  HB2  sing N N 350 
SER CB  HB3  sing N N 351 
SER OG  HG   sing N N 352 
SER OXT HXT  sing N N 353 
THR N   CA   sing N N 354 
THR N   H    sing N N 355 
THR N   H2   sing N N 356 
THR CA  C    sing N N 357 
THR CA  CB   sing N N 358 
THR CA  HA   sing N N 359 
THR C   O    doub N N 360 
THR C   OXT  sing N N 361 
THR CB  OG1  sing N N 362 
THR CB  CG2  sing N N 363 
THR CB  HB   sing N N 364 
THR OG1 HG1  sing N N 365 
THR CG2 HG21 sing N N 366 
THR CG2 HG22 sing N N 367 
THR CG2 HG23 sing N N 368 
THR OXT HXT  sing N N 369 
TRP N   CA   sing N N 370 
TRP N   H    sing N N 371 
TRP N   H2   sing N N 372 
TRP CA  C    sing N N 373 
TRP CA  CB   sing N N 374 
TRP CA  HA   sing N N 375 
TRP C   O    doub N N 376 
TRP C   OXT  sing N N 377 
TRP CB  CG   sing N N 378 
TRP CB  HB2  sing N N 379 
TRP CB  HB3  sing N N 380 
TRP CG  CD1  doub Y N 381 
TRP CG  CD2  sing Y N 382 
TRP CD1 NE1  sing Y N 383 
TRP CD1 HD1  sing N N 384 
TRP CD2 CE2  doub Y N 385 
TRP CD2 CE3  sing Y N 386 
TRP NE1 CE2  sing Y N 387 
TRP NE1 HE1  sing N N 388 
TRP CE2 CZ2  sing Y N 389 
TRP CE3 CZ3  doub Y N 390 
TRP CE3 HE3  sing N N 391 
TRP CZ2 CH2  doub Y N 392 
TRP CZ2 HZ2  sing N N 393 
TRP CZ3 CH2  sing Y N 394 
TRP CZ3 HZ3  sing N N 395 
TRP CH2 HH2  sing N N 396 
TRP OXT HXT  sing N N 397 
TYR N   CA   sing N N 398 
TYR N   H    sing N N 399 
TYR N   H2   sing N N 400 
TYR CA  C    sing N N 401 
TYR CA  CB   sing N N 402 
TYR CA  HA   sing N N 403 
TYR C   O    doub N N 404 
TYR C   OXT  sing N N 405 
TYR CB  CG   sing N N 406 
TYR CB  HB2  sing N N 407 
TYR CB  HB3  sing N N 408 
TYR CG  CD1  doub Y N 409 
TYR CG  CD2  sing Y N 410 
TYR CD1 CE1  sing Y N 411 
TYR CD1 HD1  sing N N 412 
TYR CD2 CE2  doub Y N 413 
TYR CD2 HD2  sing N N 414 
TYR CE1 CZ   doub Y N 415 
TYR CE1 HE1  sing N N 416 
TYR CE2 CZ   sing Y N 417 
TYR CE2 HE2  sing N N 418 
TYR CZ  OH   sing N N 419 
TYR OH  HH   sing N N 420 
TYR OXT HXT  sing N N 421 
VAL N   CA   sing N N 422 
VAL N   H    sing N N 423 
VAL N   H2   sing N N 424 
VAL CA  C    sing N N 425 
VAL CA  CB   sing N N 426 
VAL CA  HA   sing N N 427 
VAL C   O    doub N N 428 
VAL C   OXT  sing N N 429 
VAL CB  CG1  sing N N 430 
VAL CB  CG2  sing N N 431 
VAL CB  HB   sing N N 432 
VAL CG1 HG11 sing N N 433 
VAL CG1 HG12 sing N N 434 
VAL CG1 HG13 sing N N 435 
VAL CG2 HG21 sing N N 436 
VAL CG2 HG22 sing N N 437 
VAL CG2 HG23 sing N N 438 
VAL OXT HXT  sing N N 439 
# 
_atom_sites.entry_id                    4P79 
_atom_sites.fract_transf_matrix[1][1]   0.00022403 
_atom_sites.fract_transf_matrix[1][2]   -0.00776955 
_atom_sites.fract_transf_matrix[1][3]   -0.00279871 
_atom_sites.fract_transf_matrix[2][1]   -0.03519401 
_atom_sites.fract_transf_matrix[2][2]   -0.00098995 
_atom_sites.fract_transf_matrix[2][3]   -0.00006902 
_atom_sites.fract_transf_matrix[3][1]   -0.00004252 
_atom_sites.fract_transf_matrix[3][2]   0.00270866 
_atom_sites.fract_transf_matrix[3][3]   -0.01716657 
_atom_sites.fract_transf_vector[1]      -0.047750 
_atom_sites.fract_transf_vector[2]      0.145826 
_atom_sites.fract_transf_vector[3]      0.276852 
# 
loop_
_atom_type.symbol 
C  
N  
O  
S  
SE 
# 
loop_
_atom_site.group_PDB 
_atom_site.id 
_atom_site.type_symbol 
_atom_site.label_atom_id 
_atom_site.label_alt_id 
_atom_site.label_comp_id 
_atom_site.label_asym_id 
_atom_site.label_entity_id 
_atom_site.label_seq_id 
_atom_site.pdbx_PDB_ins_code 
_atom_site.Cartn_x 
_atom_site.Cartn_y 
_atom_site.Cartn_z 
_atom_site.occupancy 
_atom_site.B_iso_or_equiv 
_atom_site.pdbx_formal_charge 
_atom_site.auth_seq_id 
_atom_site.auth_comp_id 
_atom_site.auth_asym_id 
_atom_site.auth_atom_id 
_atom_site.pdbx_PDB_model_num 
ATOM   1    N  N   . SER A 1 2   ? -14.925 -25.789 -15.881 1.00 76.31  ? -2  SER A N   1 
ATOM   2    C  CA  . SER A 1 2   ? -14.189 -25.689 -14.626 1.00 73.87  ? -2  SER A CA  1 
ATOM   3    C  C   . SER A 1 2   ? -12.890 -24.910 -14.808 1.00 71.85  ? -2  SER A C   1 
ATOM   4    O  O   . SER A 1 2   ? -12.483 -24.152 -13.927 1.00 70.37  ? -2  SER A O   1 
ATOM   5    C  CB  . SER A 1 2   ? -13.894 -27.081 -14.062 1.00 76.80  ? -2  SER A CB  1 
ATOM   6    N  N   . GLU A 1 3   ? -12.245 -25.102 -15.954 1.00 71.55  ? -1  GLU A N   1 
ATOM   7    C  CA  . GLU A 1 3   ? -10.993 -24.416 -16.252 1.00 68.52  ? -1  GLU A CA  1 
ATOM   8    C  C   . GLU A 1 3   ? -11.219 -22.918 -16.436 1.00 65.81  ? -1  GLU A C   1 
ATOM   9    O  O   . GLU A 1 3   ? -10.354 -22.105 -16.105 1.00 62.84  ? -1  GLU A O   1 
ATOM   10   C  CB  . GLU A 1 3   ? -10.339 -25.008 -17.502 1.00 64.72  ? -1  GLU A CB  1 
ATOM   11   N  N   . PHE A 1 4   ? -12.386 -22.562 -16.965 1.00 65.37  ? 0   PHE A N   1 
ATOM   12   C  CA  . PHE A 1 4   ? -12.745 -21.163 -17.172 1.00 63.68  ? 0   PHE A CA  1 
ATOM   13   C  C   . PHE A 1 4   ? -12.839 -20.417 -15.845 1.00 62.62  ? 0   PHE A C   1 
ATOM   14   O  O   . PHE A 1 4   ? -12.379 -19.282 -15.728 1.00 59.83  ? 0   PHE A O   1 
ATOM   15   C  CB  . PHE A 1 4   ? -14.072 -21.055 -17.932 1.00 62.05  ? 0   PHE A CB  1 
ATOM   16   C  CG  . PHE A 1 4   ? -14.608 -19.653 -18.018 1.00 62.30  ? 0   PHE A CG  1 
ATOM   17   C  CD1 . PHE A 1 4   ? -14.123 -18.769 -18.967 1.00 65.01  ? 0   PHE A CD1 1 
ATOM   18   C  CD2 . PHE A 1 4   ? -15.601 -19.221 -17.153 1.00 61.63  ? 0   PHE A CD2 1 
ATOM   19   C  CE1 . PHE A 1 4   ? -14.614 -17.480 -19.050 1.00 63.70  ? 0   PHE A CE1 1 
ATOM   20   C  CE2 . PHE A 1 4   ? -16.096 -17.934 -17.229 1.00 62.12  ? 0   PHE A CE2 1 
ATOM   21   C  CZ  . PHE A 1 4   ? -15.601 -17.062 -18.179 1.00 60.98  ? 0   PHE A CZ  1 
HETATM 22   N  N   . MSE A 1 5   ? -13.441 -21.064 -14.851 1.00 64.05  ? 1   MSE A N   1 
HETATM 23   C  CA  . MSE A 1 5   ? -13.597 -20.478 -13.524 1.00 65.70  ? 1   MSE A CA  1 
HETATM 24   C  C   . MSE A 1 5   ? -12.251 -20.206 -12.868 1.00 60.51  ? 1   MSE A C   1 
HETATM 25   O  O   . MSE A 1 5   ? -12.047 -19.153 -12.264 1.00 54.01  ? 1   MSE A O   1 
HETATM 26   C  CB  . MSE A 1 5   ? -14.432 -21.395 -12.632 1.00 69.81  ? 1   MSE A CB  1 
HETATM 27   C  CG  . MSE A 1 5   ? -15.862 -20.935 -12.436 1.00 78.20  ? 1   MSE A CG  1 
HETATM 28   SE SE  . MSE A 1 5   ? -17.040 -22.430 -12.019 1.00 133.19 ? 1   MSE A SE  1 
HETATM 29   C  CE  . MSE A 1 5   ? -16.949 -23.361 -13.733 1.00 82.89  ? 1   MSE A CE  1 
ATOM   30   N  N   . SER A 1 6   ? -11.335 -21.164 -12.988 1.00 59.54  ? 2   SER A N   1 
ATOM   31   C  CA  . SER A 1 6   ? -10.003 -21.023 -12.416 1.00 61.10  ? 2   SER A CA  1 
ATOM   32   C  C   . SER A 1 6   ? -9.244  -19.885 -13.087 1.00 57.34  ? 2   SER A C   1 
ATOM   33   O  O   . SER A 1 6   ? -8.578  -19.093 -12.421 1.00 53.20  ? 2   SER A O   1 
ATOM   34   C  CB  . SER A 1 6   ? -9.222  -22.331 -12.544 1.00 62.43  ? 2   SER A CB  1 
ATOM   35   O  OG  . SER A 1 6   ? -9.167  -22.762 -13.893 1.00 65.42  ? 2   SER A OG  1 
ATOM   36   N  N   . VAL A 1 7   ? -9.360  -19.806 -14.410 1.00 57.15  ? 3   VAL A N   1 
ATOM   37   C  CA  . VAL A 1 7   ? -8.691  -18.765 -15.181 1.00 55.10  ? 3   VAL A CA  1 
ATOM   38   C  C   . VAL A 1 7   ? -9.273  -17.391 -14.867 1.00 51.95  ? 3   VAL A C   1 
ATOM   39   O  O   . VAL A 1 7   ? -8.547  -16.399 -14.808 1.00 49.58  ? 3   VAL A O   1 
ATOM   40   C  CB  . VAL A 1 7   ? -8.799  -19.025 -16.695 1.00 59.09  ? 3   VAL A CB  1 
ATOM   41   N  N   . ALA A 1 8   ? -10.587 -17.343 -14.670 1.00 51.78  ? 4   ALA A N   1 
ATOM   42   C  CA  . ALA A 1 8   ? -11.274 -16.095 -14.364 1.00 49.77  ? 4   ALA A CA  1 
ATOM   43   C  C   . ALA A 1 8   ? -10.844 -15.537 -13.010 1.00 48.72  ? 4   ALA A C   1 
ATOM   44   O  O   . ALA A 1 8   ? -10.575 -14.344 -12.884 1.00 44.94  ? 4   ALA A O   1 
ATOM   45   C  CB  . ALA A 1 8   ? -12.779 -16.300 -14.396 1.00 52.94  ? 4   ALA A CB  1 
ATOM   46   N  N   . VAL A 1 9   ? -10.787 -16.401 -12.000 1.00 46.76  ? 5   VAL A N   1 
ATOM   47   C  CA  . VAL A 1 9   ? -10.356 -15.996 -10.667 1.00 48.84  ? 5   VAL A CA  1 
ATOM   48   C  C   . VAL A 1 9   ? -8.881  -15.607 -10.683 1.00 46.77  ? 5   VAL A C   1 
ATOM   49   O  O   . VAL A 1 9   ? -8.477  -14.630 -10.051 1.00 41.50  ? 5   VAL A O   1 
ATOM   50   C  CB  . VAL A 1 9   ? -10.588 -17.117 -9.631  1.00 49.46  ? 5   VAL A CB  1 
ATOM   51   C  CG1 . VAL A 1 9   ? -10.051 -16.707 -8.267  1.00 51.02  ? 5   VAL A CG1 1 
ATOM   52   C  CG2 . VAL A 1 9   ? -12.068 -17.455 -9.541  1.00 48.51  ? 5   VAL A CG2 1 
ATOM   53   N  N   . GLU A 1 10  ? -8.087  -16.378 -11.418 1.00 47.32  ? 6   GLU A N   1 
ATOM   54   C  CA  . GLU A 1 10  ? -6.671  -16.085 -11.606 1.00 49.61  ? 6   GLU A CA  1 
ATOM   55   C  C   . GLU A 1 10  ? -6.466  -14.707 -12.227 1.00 44.55  ? 6   GLU A C   1 
ATOM   56   O  O   . GLU A 1 10  ? -5.652  -13.915 -11.752 1.00 44.73  ? 6   GLU A O   1 
ATOM   57   C  CB  . GLU A 1 10  ? -6.020  -17.156 -12.487 1.00 50.86  ? 6   GLU A CB  1 
ATOM   58   C  CG  . GLU A 1 10  ? -4.619  -16.806 -12.965 1.00 46.52  ? 6   GLU A CG  1 
ATOM   59   C  CD  . GLU A 1 10  ? -4.075  -17.812 -13.964 1.00 46.18  ? 6   GLU A CD  1 
ATOM   60   O  OE1 . GLU A 1 10  ? -3.931  -17.457 -15.153 1.00 43.25  ? 6   GLU A OE1 1 
ATOM   61   O  OE2 . GLU A 1 10  ? -3.787  -18.958 -13.559 1.00 46.74  ? 6   GLU A OE2 1 
ATOM   62   N  N   . THR A 1 11  ? -7.210  -14.432 -13.291 1.00 45.33  ? 7   THR A N   1 
ATOM   63   C  CA  . THR A 1 11  ? -7.119  -13.155 -13.986 1.00 44.77  ? 7   THR A CA  1 
ATOM   64   C  C   . THR A 1 11  ? -7.600  -12.028 -13.085 1.00 43.71  ? 7   THR A C   1 
ATOM   65   O  O   . THR A 1 11  ? -6.989  -10.961 -13.016 1.00 42.87  ? 7   THR A O   1 
ATOM   66   C  CB  . THR A 1 11  ? -7.946  -13.162 -15.282 1.00 43.59  ? 7   THR A CB  1 
ATOM   67   O  OG1 . THR A 1 11  ? -7.539  -14.265 -16.100 1.00 48.41  ? 7   THR A OG1 1 
ATOM   68   C  CG2 . THR A 1 11  ? -7.753  -11.866 -16.047 1.00 41.36  ? 7   THR A CG2 1 
ATOM   69   N  N   . PHE A 1 12  ? -8.703  -12.287 -12.391 1.00 44.24  ? 8   PHE A N   1 
ATOM   70   C  CA  . PHE A 1 12  ? -9.295  -11.334 -11.465 1.00 43.23  ? 8   PHE A CA  1 
ATOM   71   C  C   . PHE A 1 12  ? -8.333  -10.967 -10.340 1.00 42.27  ? 8   PHE A C   1 
ATOM   72   O  O   . PHE A 1 12  ? -8.134  -9.789  -10.042 1.00 44.23  ? 8   PHE A O   1 
ATOM   73   C  CB  . PHE A 1 12  ? -10.588 -11.911 -10.885 1.00 45.33  ? 8   PHE A CB  1 
ATOM   74   C  CG  . PHE A 1 12  ? -11.215 -11.055 -9.830  1.00 42.25  ? 8   PHE A CG  1 
ATOM   75   C  CD1 . PHE A 1 12  ? -11.987 -9.961  -10.179 1.00 45.54  ? 8   PHE A CD1 1 
ATOM   76   C  CD2 . PHE A 1 12  ? -11.045 -11.351 -8.490  1.00 43.96  ? 8   PHE A CD2 1 
ATOM   77   C  CE1 . PHE A 1 12  ? -12.568 -9.171  -9.209  1.00 49.69  ? 8   PHE A CE1 1 
ATOM   78   C  CE2 . PHE A 1 12  ? -11.622 -10.564 -7.516  1.00 50.71  ? 8   PHE A CE2 1 
ATOM   79   C  CZ  . PHE A 1 12  ? -12.385 -9.472  -7.877  1.00 49.94  ? 8   PHE A CZ  1 
ATOM   80   N  N   . GLY A 1 13  ? -7.741  -11.982 -9.717  1.00 41.54  ? 9   GLY A N   1 
ATOM   81   C  CA  . GLY A 1 13  ? -6.808  -11.772 -8.627  1.00 39.02  ? 9   GLY A CA  1 
ATOM   82   C  C   . GLY A 1 13  ? -5.554  -11.046 -9.069  1.00 39.56  ? 9   GLY A C   1 
ATOM   83   O  O   . GLY A 1 13  ? -4.999  -10.240 -8.321  1.00 39.22  ? 9   GLY A O   1 
ATOM   84   N  N   . PHE A 1 14  ? -5.108  -11.333 -10.287 1.00 35.94  ? 10  PHE A N   1 
ATOM   85   C  CA  . PHE A 1 14  ? -3.918  -10.697 -10.838 1.00 35.66  ? 10  PHE A CA  1 
ATOM   86   C  C   . PHE A 1 14  ? -4.128  -9.199  -11.028 1.00 36.19  ? 10  PHE A C   1 
ATOM   87   O  O   . PHE A 1 14  ? -3.264  -8.393  -10.683 1.00 35.31  ? 10  PHE A O   1 
ATOM   88   C  CB  . PHE A 1 14  ? -3.529  -11.346 -12.169 1.00 37.66  ? 10  PHE A CB  1 
ATOM   89   C  CG  . PHE A 1 14  ? -2.393  -10.656 -12.869 1.00 32.31  ? 10  PHE A CG  1 
ATOM   90   C  CD1 . PHE A 1 14  ? -1.081  -10.950 -12.542 1.00 27.82  ? 10  PHE A CD1 1 
ATOM   91   C  CD2 . PHE A 1 14  ? -2.638  -9.715  -13.857 1.00 32.54  ? 10  PHE A CD2 1 
ATOM   92   C  CE1 . PHE A 1 14  ? -0.035  -10.312 -13.179 1.00 34.71  ? 10  PHE A CE1 1 
ATOM   93   C  CE2 . PHE A 1 14  ? -1.595  -9.073  -14.497 1.00 31.35  ? 10  PHE A CE2 1 
ATOM   94   C  CZ  . PHE A 1 14  ? -0.293  -9.373  -14.159 1.00 32.74  ? 10  PHE A CZ  1 
ATOM   95   N  N   . PHE A 1 15  ? -5.273  -8.830  -11.589 1.00 35.56  ? 11  PHE A N   1 
ATOM   96   C  CA  . PHE A 1 15  ? -5.577  -7.426  -11.833 1.00 38.40  ? 11  PHE A CA  1 
ATOM   97   C  C   . PHE A 1 15  ? -5.883  -6.673  -10.540 1.00 39.38  ? 11  PHE A C   1 
ATOM   98   O  O   . PHE A 1 15  ? -5.644  -5.471  -10.446 1.00 36.91  ? 11  PHE A O   1 
ATOM   99   C  CB  . PHE A 1 15  ? -6.748  -7.295  -12.807 1.00 36.55  ? 11  PHE A CB  1 
ATOM   100  C  CG  . PHE A 1 15  ? -6.346  -7.376  -14.252 1.00 41.07  ? 11  PHE A CG  1 
ATOM   101  C  CD1 . PHE A 1 15  ? -6.273  -8.597  -14.902 1.00 39.03  ? 11  PHE A CD1 1 
ATOM   102  C  CD2 . PHE A 1 15  ? -6.050  -6.226  -14.964 1.00 42.18  ? 11  PHE A CD2 1 
ATOM   103  C  CE1 . PHE A 1 15  ? -5.908  -8.668  -16.235 1.00 36.92  ? 11  PHE A CE1 1 
ATOM   104  C  CE2 . PHE A 1 15  ? -5.686  -6.293  -16.297 1.00 40.93  ? 11  PHE A CE2 1 
ATOM   105  C  CZ  . PHE A 1 15  ? -5.615  -7.515  -16.931 1.00 37.21  ? 11  PHE A CZ  1 
HETATM 106  N  N   . MSE A 1 16  ? -6.420  -7.380  -9.549  1.00 36.64  ? 12  MSE A N   1 
HETATM 107  C  CA  . MSE A 1 16  ? -6.668  -6.779  -8.244  1.00 40.48  ? 12  MSE A CA  1 
HETATM 108  C  C   . MSE A 1 16  ? -5.346  -6.459  -7.554  1.00 37.25  ? 12  MSE A C   1 
HETATM 109  O  O   . MSE A 1 16  ? -5.186  -5.391  -6.967  1.00 37.92  ? 12  MSE A O   1 
HETATM 110  C  CB  . MSE A 1 16  ? -7.516  -7.701  -7.365  1.00 43.60  ? 12  MSE A CB  1 
HETATM 111  C  CG  . MSE A 1 16  ? -8.963  -7.257  -7.205  1.00 51.14  ? 12  MSE A CG  1 
HETATM 112  SE SE  . MSE A 1 16  ? -9.829  -8.098  -5.670  1.00 85.31  ? 12  MSE A SE  1 
HETATM 113  C  CE  . MSE A 1 16  ? -11.451 -7.015  -5.591  1.00 60.83  ? 12  MSE A CE  1 
ATOM   114  N  N   . SER A 1 17  ? -4.403  -7.392  -7.639  1.00 38.45  ? 13  SER A N   1 
ATOM   115  C  CA  . SER A 1 17  ? -3.068  -7.202  -7.084  1.00 34.04  ? 13  SER A CA  1 
ATOM   116  C  C   . SER A 1 17  ? -2.356  -6.036  -7.754  1.00 33.06  ? 13  SER A C   1 
ATOM   117  O  O   . SER A 1 17  ? -1.753  -5.196  -7.088  1.00 36.28  ? 13  SER A O   1 
ATOM   118  C  CB  . SER A 1 17  ? -2.240  -8.476  -7.240  1.00 36.53  ? 13  SER A CB  1 
ATOM   119  O  OG  . SER A 1 17  ? -2.822  -9.547  -6.520  1.00 42.98  ? 13  SER A OG  1 
ATOM   120  N  N   . ALA A 1 18  ? -2.434  -5.994  -9.080  1.00 34.66  ? 14  ALA A N   1 
ATOM   121  C  CA  . ALA A 1 18  ? -1.832  -4.918  -9.853  1.00 33.25  ? 14  ALA A CA  1 
ATOM   122  C  C   . ALA A 1 18  ? -2.447  -3.570  -9.488  1.00 33.81  ? 14  ALA A C   1 
ATOM   123  O  O   . ALA A 1 18  ? -1.753  -2.556  -9.436  1.00 35.08  ? 14  ALA A O   1 
ATOM   124  C  CB  . ALA A 1 18  ? -1.990  -5.186  -11.339 1.00 31.49  ? 14  ALA A CB  1 
ATOM   125  N  N   . LEU A 1 19  ? -3.753  -3.566  -9.239  1.00 33.95  ? 15  LEU A N   1 
ATOM   126  C  CA  . LEU A 1 19  ? -4.458  -2.343  -8.875  1.00 33.92  ? 15  LEU A CA  1 
ATOM   127  C  C   . LEU A 1 19  ? -4.026  -1.873  -7.488  1.00 33.01  ? 15  LEU A C   1 
ATOM   128  O  O   . LEU A 1 19  ? -3.786  -0.685  -7.273  1.00 31.64  ? 15  LEU A O   1 
ATOM   129  C  CB  . LEU A 1 19  ? -5.971  -2.562  -8.919  1.00 34.67  ? 15  LEU A CB  1 
ATOM   130  C  CG  . LEU A 1 19  ? -6.840  -1.352  -8.572  1.00 37.54  ? 15  LEU A CG  1 
ATOM   131  C  CD1 . LEU A 1 19  ? -6.564  -0.206  -9.529  1.00 37.05  ? 15  LEU A CD1 1 
ATOM   132  C  CD2 . LEU A 1 19  ? -8.314  -1.721  -8.583  1.00 41.48  ? 15  LEU A CD2 1 
ATOM   133  N  N   . GLY A 1 20  ? -3.921  -2.816  -6.556  1.00 30.41  ? 16  GLY A N   1 
ATOM   134  C  CA  . GLY A 1 20  ? -3.475  -2.515  -5.209  1.00 33.45  ? 16  GLY A CA  1 
ATOM   135  C  C   . GLY A 1 20  ? -2.062  -1.967  -5.164  1.00 31.13  ? 16  GLY A C   1 
ATOM   136  O  O   . GLY A 1 20  ? -1.785  -1.014  -4.436  1.00 33.70  ? 16  GLY A O   1 
ATOM   137  N  N   . LEU A 1 21  ? -1.169  -2.569  -5.943  1.00 35.27  ? 17  LEU A N   1 
ATOM   138  C  CA  . LEU A 1 21  ? 0.221   -2.125  -6.007  1.00 34.68  ? 17  LEU A CA  1 
ATOM   139  C  C   . LEU A 1 21  ? 0.312   -0.701  -6.543  1.00 34.25  ? 17  LEU A C   1 
ATOM   140  O  O   . LEU A 1 21  ? 1.003   0.144   -5.973  1.00 33.83  ? 17  LEU A O   1 
ATOM   141  C  CB  . LEU A 1 21  ? 1.050   -3.074  -6.879  1.00 37.42  ? 17  LEU A CB  1 
ATOM   142  C  CG  . LEU A 1 21  ? 2.451   -2.614  -7.301  1.00 40.10  ? 17  LEU A CG  1 
ATOM   143  C  CD1 . LEU A 1 21  ? 3.375   -2.444  -6.101  1.00 34.22  ? 17  LEU A CD1 1 
ATOM   144  C  CD2 . LEU A 1 21  ? 3.051   -3.580  -8.316  1.00 37.79  ? 17  LEU A CD2 1 
ATOM   145  N  N   . LEU A 1 22  ? -0.398  -0.445  -7.637  1.00 34.00  ? 18  LEU A N   1 
ATOM   146  C  CA  . LEU A 1 22  ? -0.429  0.873   -8.259  1.00 35.33  ? 18  LEU A CA  1 
ATOM   147  C  C   . LEU A 1 22  ? -0.943  1.944   -7.300  1.00 36.33  ? 18  LEU A C   1 
ATOM   148  O  O   . LEU A 1 22  ? -0.446  3.070   -7.285  1.00 34.54  ? 18  LEU A O   1 
ATOM   149  C  CB  . LEU A 1 22  ? -1.295  0.841   -9.518  1.00 32.21  ? 18  LEU A CB  1 
ATOM   150  C  CG  . LEU A 1 22  ? -1.542  2.172   -10.227 1.00 34.96  ? 18  LEU A CG  1 
ATOM   151  C  CD1 . LEU A 1 22  ? -0.230  2.800   -10.670 1.00 34.02  ? 18  LEU A CD1 1 
ATOM   152  C  CD2 . LEU A 1 22  ? -2.478  1.982   -11.411 1.00 36.23  ? 18  LEU A CD2 1 
HETATM 153  N  N   . MSE A 1 23  ? -1.940  1.584   -6.500  1.00 35.38  ? 19  MSE A N   1 
HETATM 154  C  CA  . MSE A 1 23  ? -2.528  2.516   -5.549  1.00 33.63  ? 19  MSE A CA  1 
HETATM 155  C  C   . MSE A 1 23  ? -1.627  2.726   -4.335  1.00 32.29  ? 19  MSE A C   1 
HETATM 156  O  O   . MSE A 1 23  ? -1.623  3.803   -3.738  1.00 33.17  ? 19  MSE A O   1 
HETATM 157  C  CB  . MSE A 1 23  ? -3.907  2.022   -5.114  1.00 34.60  ? 19  MSE A CB  1 
HETATM 158  C  CG  . MSE A 1 23  ? -4.990  2.216   -6.158  1.00 42.33  ? 19  MSE A CG  1 
HETATM 159  SE SE  . MSE A 1 23  ? -6.660  1.334   -5.675  1.00 59.25  ? 19  MSE A SE  1 
HETATM 160  C  CE  . MSE A 1 23  ? -7.834  2.170   -6.981  1.00 65.60  ? 19  MSE A CE  1 
ATOM   161  N  N   . LEU A 1 24  ? -0.872  1.691   -3.975  1.00 31.07  ? 20  LEU A N   1 
ATOM   162  C  CA  . LEU A 1 24  ? 0.129   1.802   -2.920  1.00 31.05  ? 20  LEU A CA  1 
ATOM   163  C  C   . LEU A 1 24  ? 1.183   2.834   -3.300  1.00 31.99  ? 20  LEU A C   1 
ATOM   164  O  O   . LEU A 1 24  ? 1.624   3.622   -2.466  1.00 31.44  ? 20  LEU A O   1 
ATOM   165  C  CB  . LEU A 1 24  ? 0.792   0.449   -2.651  1.00 31.63  ? 20  LEU A CB  1 
ATOM   166  C  CG  . LEU A 1 24  ? 0.040   -0.548  -1.772  1.00 35.85  ? 20  LEU A CG  1 
ATOM   167  C  CD1 . LEU A 1 24  ? 0.730   -1.905  -1.796  1.00 34.18  ? 20  LEU A CD1 1 
ATOM   168  C  CD2 . LEU A 1 24  ? -0.062  -0.022  -0.349  1.00 34.59  ? 20  LEU A CD2 1 
ATOM   169  N  N   . GLY A 1 25  ? 1.583   2.819   -4.567  1.00 34.19  ? 21  GLY A N   1 
ATOM   170  C  CA  . GLY A 1 25  ? 2.532   3.789   -5.076  1.00 37.21  ? 21  GLY A CA  1 
ATOM   171  C  C   . GLY A 1 25  ? 1.927   5.179   -5.103  1.00 35.67  ? 21  GLY A C   1 
ATOM   172  O  O   . GLY A 1 25  ? 2.618   6.172   -4.882  1.00 39.23  ? 21  GLY A O   1 
ATOM   173  N  N   . LEU A 1 26  ? 0.628   5.245   -5.378  1.00 36.24  ? 22  LEU A N   1 
ATOM   174  C  CA  . LEU A 1 26  ? -0.094  6.513   -5.371  1.00 36.66  ? 22  LEU A CA  1 
ATOM   175  C  C   . LEU A 1 26  ? -0.254  7.041   -3.949  1.00 34.93  ? 22  LEU A C   1 
ATOM   176  O  O   . LEU A 1 26  ? -0.228  8.249   -3.717  1.00 34.29  ? 22  LEU A O   1 
ATOM   177  C  CB  . LEU A 1 26  ? -1.464  6.356   -6.030  1.00 29.26  ? 22  LEU A CB  1 
ATOM   178  C  CG  . LEU A 1 26  ? -1.453  6.138   -7.544  1.00 39.61  ? 22  LEU A CG  1 
ATOM   179  C  CD1 . LEU A 1 26  ? -2.854  5.833   -8.059  1.00 39.38  ? 22  LEU A CD1 1 
ATOM   180  C  CD2 . LEU A 1 26  ? -0.869  7.350   -8.250  1.00 40.22  ? 22  LEU A CD2 1 
ATOM   181  N  N   . THR A 1 27  ? -0.421  6.125   -3.003  1.00 31.93  ? 23  THR A N   1 
ATOM   182  C  CA  . THR A 1 27  ? -0.591  6.482   -1.602  1.00 33.77  ? 23  THR A CA  1 
ATOM   183  C  C   . THR A 1 27  ? 0.684   7.093   -1.032  1.00 32.63  ? 23  THR A C   1 
ATOM   184  O  O   . THR A 1 27  ? 0.639   8.099   -0.324  1.00 28.43  ? 23  THR A O   1 
ATOM   185  C  CB  . THR A 1 27  ? -0.991  5.256   -0.756  1.00 33.12  ? 23  THR A CB  1 
ATOM   186  O  OG1 . THR A 1 27  ? -2.235  4.728   -1.233  1.00 34.35  ? 23  THR A OG1 1 
ATOM   187  C  CG2 . THR A 1 27  ? -1.133  5.636   0.709   1.00 31.47  ? 23  THR A CG2 1 
ATOM   188  N  N   . LEU A 1 28  ? 1.816   6.477   -1.352  1.00 29.96  ? 24  LEU A N   1 
ATOM   189  C  CA  . LEU A 1 28  ? 3.110   6.915   -0.841  1.00 33.04  ? 24  LEU A CA  1 
ATOM   190  C  C   . LEU A 1 28  ? 3.492   8.305   -1.346  1.00 33.72  ? 24  LEU A C   1 
ATOM   191  O  O   . LEU A 1 28  ? 4.149   9.068   -0.640  1.00 34.83  ? 24  LEU A O   1 
ATOM   192  C  CB  . LEU A 1 28  ? 4.197   5.906   -1.219  1.00 33.33  ? 24  LEU A CB  1 
ATOM   193  C  CG  . LEU A 1 28  ? 5.557   6.115   -0.557  1.00 36.42  ? 24  LEU A CG  1 
ATOM   194  C  CD1 . LEU A 1 28  ? 5.408   6.108   0.956   1.00 35.91  ? 24  LEU A CD1 1 
ATOM   195  C  CD2 . LEU A 1 28  ? 6.549   5.057   -1.007  1.00 32.88  ? 24  LEU A CD2 1 
ATOM   196  N  N   . SER A 1 29  ? 3.075   8.634   -2.564  1.00 35.76  ? 25  SER A N   1 
ATOM   197  C  CA  . SER A 1 29  ? 3.411   9.928   -3.150  1.00 36.86  ? 25  SER A CA  1 
ATOM   198  C  C   . SER A 1 29  ? 2.288   10.953  -2.982  1.00 35.48  ? 25  SER A C   1 
ATOM   199  O  O   . SER A 1 29  ? 2.405   12.088  -3.444  1.00 37.08  ? 25  SER A O   1 
ATOM   200  C  CB  . SER A 1 29  ? 3.759   9.768   -4.634  1.00 35.12  ? 25  SER A CB  1 
ATOM   201  O  OG  . SER A 1 29  ? 2.704   9.146   -5.347  1.00 39.41  ? 25  SER A OG  1 
ATOM   202  N  N   . ASN A 1 30  ? 1.208   10.555  -2.314  1.00 33.30  ? 26  ASN A N   1 
ATOM   203  C  CA  . ASN A 1 30  ? 0.079   11.452  -2.072  1.00 34.62  ? 26  ASN A CA  1 
ATOM   204  C  C   . ASN A 1 30  ? 0.378   12.477  -0.975  1.00 33.81  ? 26  ASN A C   1 
ATOM   205  O  O   . ASN A 1 30  ? 0.915   12.130  0.076   1.00 30.57  ? 26  ASN A O   1 
ATOM   206  C  CB  . ASN A 1 30  ? -1.167  10.645  -1.706  1.00 32.50  ? 26  ASN A CB  1 
ATOM   207  C  CG  . ASN A 1 30  ? -2.426  11.487  -1.695  1.00 34.78  ? 26  ASN A CG  1 
ATOM   208  O  OD1 . ASN A 1 30  ? -2.686  12.227  -0.745  1.00 31.46  ? 26  ASN A OD1 1 
ATOM   209  N  ND2 . ASN A 1 30  ? -3.222  11.374  -2.754  1.00 37.21  ? 26  ASN A ND2 1 
ATOM   210  N  N   . SER A 1 31  ? 0.008   13.733  -1.220  1.00 36.39  ? 27  SER A N   1 
ATOM   211  C  CA  . SER A 1 31  ? 0.362   14.846  -0.337  1.00 33.93  ? 27  SER A CA  1 
ATOM   212  C  C   . SER A 1 31  ? -0.429  14.899  0.966   1.00 35.50  ? 27  SER A C   1 
ATOM   213  O  O   . SER A 1 31  ? -0.059  15.625  1.889   1.00 39.06  ? 27  SER A O   1 
ATOM   214  C  CB  . SER A 1 31  ? 0.169   16.182  -1.063  1.00 35.04  ? 27  SER A CB  1 
ATOM   215  O  OG  . SER A 1 31  ? 0.719   16.157  -2.366  1.00 38.59  ? 27  SER A OG  1 
ATOM   216  N  N   . TYR A 1 32  ? -1.521  14.148  1.046   1.00 33.35  ? 28  TYR A N   1 
ATOM   217  C  CA  . TYR A 1 32  ? -2.466  14.351  2.135   1.00 29.49  ? 28  TYR A CA  1 
ATOM   218  C  C   . TYR A 1 32  ? -2.660  13.126  3.017   1.00 32.74  ? 28  TYR A C   1 
ATOM   219  O  O   . TYR A 1 32  ? -3.698  12.468  2.966   1.00 35.05  ? 28  TYR A O   1 
ATOM   220  C  CB  . TYR A 1 32  ? -3.810  14.806  1.565   1.00 33.76  ? 28  TYR A CB  1 
ATOM   221  C  CG  . TYR A 1 32  ? -3.669  15.935  0.570   1.00 36.41  ? 28  TYR A CG  1 
ATOM   222  C  CD1 . TYR A 1 32  ? -3.316  17.212  0.987   1.00 35.42  ? 28  TYR A CD1 1 
ATOM   223  C  CD2 . TYR A 1 32  ? -3.874  15.721  -0.787  1.00 34.89  ? 28  TYR A CD2 1 
ATOM   224  C  CE1 . TYR A 1 32  ? -3.177  18.247  0.080   1.00 37.47  ? 28  TYR A CE1 1 
ATOM   225  C  CE2 . TYR A 1 32  ? -3.738  16.751  -1.702  1.00 36.35  ? 28  TYR A CE2 1 
ATOM   226  C  CZ  . TYR A 1 32  ? -3.389  18.010  -1.262  1.00 38.76  ? 28  TYR A CZ  1 
ATOM   227  O  OH  . TYR A 1 32  ? -3.252  19.039  -2.167  1.00 39.10  ? 28  TYR A OH  1 
ATOM   228  N  N   . TRP A 1 33  ? -1.655  12.836  3.837   1.00 34.71  ? 29  TRP A N   1 
ATOM   229  C  CA  . TRP A 1 33  ? -1.758  11.772  4.827   1.00 34.68  ? 29  TRP A CA  1 
ATOM   230  C  C   . TRP A 1 33  ? -2.480  12.279  6.075   1.00 34.11  ? 29  TRP A C   1 
ATOM   231  O  O   . TRP A 1 33  ? -3.157  11.516  6.765   1.00 37.11  ? 29  TRP A O   1 
ATOM   232  C  CB  . TRP A 1 33  ? -0.370  11.232  5.183   1.00 30.48  ? 29  TRP A CB  1 
ATOM   233  C  CG  . TRP A 1 33  ? 0.107   10.163  4.248   1.00 32.01  ? 29  TRP A CG  1 
ATOM   234  C  CD1 . TRP A 1 33  ? 0.211   10.247  2.889   1.00 31.37  ? 29  TRP A CD1 1 
ATOM   235  C  CD2 . TRP A 1 33  ? 0.547   8.848   4.603   1.00 31.69  ? 29  TRP A CD2 1 
ATOM   236  N  NE1 . TRP A 1 33  ? 0.683   9.063   2.376   1.00 30.00  ? 29  TRP A NE1 1 
ATOM   237  C  CE2 . TRP A 1 33  ? 0.898   8.188   3.408   1.00 28.79  ? 29  TRP A CE2 1 
ATOM   238  C  CE3 . TRP A 1 33  ? 0.678   8.162   5.815   1.00 31.81  ? 29  TRP A CE3 1 
ATOM   239  C  CZ2 . TRP A 1 33  ? 1.371   6.878   3.389   1.00 30.11  ? 29  TRP A CZ2 1 
ATOM   240  C  CZ3 . TRP A 1 33  ? 1.147   6.862   5.795   1.00 30.96  ? 29  TRP A CZ3 1 
ATOM   241  C  CH2 . TRP A 1 33  ? 1.487   6.234   4.590   1.00 31.46  ? 29  TRP A CH2 1 
ATOM   242  N  N   . ARG A 1 34  ? -2.339  13.572  6.352   1.00 30.57  ? 30  ARG A N   1 
ATOM   243  C  CA  . ARG A 1 34  ? -3.057  14.206  7.454   1.00 41.16  ? 30  ARG A CA  1 
ATOM   244  C  C   . ARG A 1 34  ? -3.186  15.708  7.219   1.00 41.37  ? 30  ARG A C   1 
ATOM   245  O  O   . ARG A 1 34  ? -2.306  16.328  6.626   1.00 41.41  ? 30  ARG A O   1 
ATOM   246  C  CB  . ARG A 1 34  ? -2.362  13.933  8.793   1.00 37.66  ? 30  ARG A CB  1 
ATOM   247  C  CG  . ARG A 1 34  ? -0.981  14.556  8.946   1.00 40.47  ? 30  ARG A CG  1 
ATOM   248  C  CD  . ARG A 1 34  ? -0.410  14.252  10.324  1.00 40.20  ? 30  ARG A CD  1 
ATOM   249  N  NE  . ARG A 1 34  ? 0.870   14.912  10.562  1.00 43.99  ? 30  ARG A NE  1 
ATOM   250  C  CZ  . ARG A 1 34  ? 1.520   14.885  11.723  1.00 47.07  ? 30  ARG A CZ  1 
ATOM   251  N  NH1 . ARG A 1 34  ? 2.679   15.515  11.851  1.00 43.39  ? 30  ARG A NH1 1 
ATOM   252  N  NH2 . ARG A 1 34  ? 1.009   14.230  12.757  1.00 48.00  ? 30  ARG A NH2 1 
ATOM   253  N  N   . VAL A 1 35  ? -4.297  16.282  7.674   1.00 38.73  ? 31  VAL A N   1 
ATOM   254  C  CA  . VAL A 1 35  ? -4.560  17.706  7.490   1.00 43.89  ? 31  VAL A CA  1 
ATOM   255  C  C   . VAL A 1 35  ? -4.950  18.365  8.811   1.00 46.82  ? 31  VAL A C   1 
ATOM   256  O  O   . VAL A 1 35  ? -5.762  17.826  9.564   1.00 45.70  ? 31  VAL A O   1 
ATOM   257  C  CB  . VAL A 1 35  ? -5.683  17.945  6.453   1.00 43.48  ? 31  VAL A CB  1 
ATOM   258  C  CG1 . VAL A 1 35  ? -5.830  19.430  6.159   1.00 45.88  ? 31  VAL A CG1 1 
ATOM   259  C  CG2 . VAL A 1 35  ? -5.405  17.176  5.169   1.00 40.94  ? 31  VAL A CG2 1 
ATOM   260  N  N   . SER A 1 36  ? -4.368  19.529  9.090   1.00 49.33  ? 32  SER A N   1 
ATOM   261  C  CA  . SER A 1 36  ? -4.657  20.256  10.324  1.00 53.79  ? 32  SER A CA  1 
ATOM   262  C  C   . SER A 1 36  ? -6.122  20.672  10.385  1.00 54.81  ? 32  SER A C   1 
ATOM   263  O  O   . SER A 1 36  ? -6.649  21.262  9.442   1.00 56.91  ? 32  SER A O   1 
ATOM   264  C  CB  . SER A 1 36  ? -3.754  21.487  10.450  1.00 54.55  ? 32  SER A CB  1 
ATOM   265  O  OG  . SER A 1 36  ? -3.989  22.404  9.395   1.00 58.70  ? 32  SER A OG  1 
ATOM   266  N  N   . THR A 1 37  ? -6.774  20.359  11.502  1.00 55.60  ? 33  THR A N   1 
ATOM   267  C  CA  . THR A 1 37  ? -8.195  20.645  11.669  1.00 62.54  ? 33  THR A CA  1 
ATOM   268  C  C   . THR A 1 37  ? -8.454  22.140  11.824  1.00 65.09  ? 33  THR A C   1 
ATOM   269  O  O   . THR A 1 37  ? -7.552  22.905  12.167  1.00 68.66  ? 33  THR A O   1 
ATOM   270  C  CB  . THR A 1 37  ? -8.778  19.905  12.888  1.00 61.33  ? 33  THR A CB  1 
ATOM   271  O  OG1 . THR A 1 37  ? -10.181 20.177  12.991  1.00 60.77  ? 33  THR A OG1 1 
ATOM   272  C  CG2 . THR A 1 37  ? -8.084  20.356  14.166  1.00 58.57  ? 33  THR A CG2 1 
ATOM   273  N  N   . ASN A 1 46  ? -4.030  29.359  9.332   1.00 86.95  ? 42  ASN A N   1 
ATOM   274  C  CA  . ASN A 1 46  ? -3.274  28.579  8.357   1.00 86.38  ? 42  ASN A CA  1 
ATOM   275  C  C   . ASN A 1 46  ? -3.820  27.166  8.185   1.00 84.15  ? 42  ASN A C   1 
ATOM   276  O  O   . ASN A 1 46  ? -4.839  26.803  8.773   1.00 93.53  ? 42  ASN A O   1 
ATOM   277  C  CB  . ASN A 1 46  ? -1.799  28.516  8.755   1.00 91.15  ? 42  ASN A CB  1 
ATOM   278  C  CG  . ASN A 1 46  ? -0.972  29.602  8.096   1.00 97.59  ? 42  ASN A CG  1 
ATOM   279  O  OD1 . ASN A 1 46  ? -0.965  30.750  8.539   1.00 101.67 ? 42  ASN A OD1 1 
ATOM   280  N  ND2 . ASN A 1 46  ? -0.263  29.239  7.034   1.00 96.66  ? 42  ASN A ND2 1 
ATOM   281  N  N   . THR A 1 47  ? -3.131  26.376  7.368   1.00 82.38  ? 43  THR A N   1 
ATOM   282  C  CA  . THR A 1 47  ? -3.522  24.996  7.112   1.00 72.54  ? 43  THR A CA  1 
ATOM   283  C  C   . THR A 1 47  ? -2.293  24.132  6.852   1.00 63.80  ? 43  THR A C   1 
ATOM   284  O  O   . THR A 1 47  ? -1.542  24.377  5.910   1.00 60.35  ? 43  THR A O   1 
ATOM   285  C  CB  . THR A 1 47  ? -4.478  24.891  5.909   1.00 72.50  ? 43  THR A CB  1 
ATOM   286  O  OG1 . THR A 1 47  ? -5.616  25.735  6.121   1.00 78.80  ? 43  THR A OG1 1 
ATOM   287  C  CG2 . THR A 1 47  ? -4.943  23.454  5.725   1.00 63.24  ? 43  THR A CG2 1 
ATOM   288  N  N   . ILE A 1 48  ? -2.095  23.122  7.692   1.00 57.69  ? 44  ILE A N   1 
ATOM   289  C  CA  . ILE A 1 48  ? -0.951  22.228  7.565   1.00 51.52  ? 44  ILE A CA  1 
ATOM   290  C  C   . ILE A 1 48  ? -1.371  20.846  7.070   1.00 48.55  ? 44  ILE A C   1 
ATOM   291  O  O   . ILE A 1 48  ? -2.290  20.235  7.614   1.00 47.52  ? 44  ILE A O   1 
ATOM   292  C  CB  . ILE A 1 48  ? -0.209  22.075  8.910   1.00 50.16  ? 44  ILE A CB  1 
ATOM   293  C  CG1 . ILE A 1 48  ? 0.212   23.444  9.445   1.00 54.28  ? 44  ILE A CG1 1 
ATOM   294  C  CG2 . ILE A 1 48  ? 1.001   21.164  8.758   1.00 47.62  ? 44  ILE A CG2 1 
ATOM   295  C  CD1 . ILE A 1 48  ? 0.889   23.385  10.796  1.00 51.54  ? 44  ILE A CD1 1 
ATOM   296  N  N   . PHE A 1 49  ? -0.701  20.362  6.028   1.00 43.69  ? 45  PHE A N   1 
ATOM   297  C  CA  . PHE A 1 49  ? -0.905  18.994  5.567   1.00 41.38  ? 45  PHE A CA  1 
ATOM   298  C  C   . PHE A 1 49  ? 0.435   18.318  5.294   1.00 41.33  ? 45  PHE A C   1 
ATOM   299  O  O   . PHE A 1 49  ? 1.354   18.935  4.755   1.00 40.51  ? 45  PHE A O   1 
ATOM   300  C  CB  . PHE A 1 49  ? -1.798  18.956  4.321   1.00 39.87  ? 45  PHE A CB  1 
ATOM   301  C  CG  . PHE A 1 49  ? -1.235  19.692  3.133   1.00 41.57  ? 45  PHE A CG  1 
ATOM   302  C  CD1 . PHE A 1 49  ? -1.479  21.045  2.958   1.00 42.57  ? 45  PHE A CD1 1 
ATOM   303  C  CD2 . PHE A 1 49  ? -0.486  19.024  2.175   1.00 39.83  ? 45  PHE A CD2 1 
ATOM   304  C  CE1 . PHE A 1 49  ? -0.974  21.719  1.864   1.00 45.74  ? 45  PHE A CE1 1 
ATOM   305  C  CE2 . PHE A 1 49  ? 0.020   19.692  1.078   1.00 38.84  ? 45  PHE A CE2 1 
ATOM   306  C  CZ  . PHE A 1 49  ? -0.226  21.043  0.921   1.00 42.89  ? 45  PHE A CZ  1 
ATOM   307  N  N   . GLU A 1 50  ? 0.542   17.053  5.684   1.00 39.82  ? 46  GLU A N   1 
ATOM   308  C  CA  . GLU A 1 50  ? 1.796   16.319  5.561   1.00 38.58  ? 46  GLU A CA  1 
ATOM   309  C  C   . GLU A 1 50  ? 1.602   14.927  4.973   1.00 37.96  ? 46  GLU A C   1 
ATOM   310  O  O   . GLU A 1 50  ? 0.522   14.348  5.064   1.00 35.68  ? 46  GLU A O   1 
ATOM   311  C  CB  . GLU A 1 50  ? 2.477   16.183  6.927   1.00 37.41  ? 46  GLU A CB  1 
ATOM   312  C  CG  . GLU A 1 50  ? 2.712   17.487  7.670   1.00 41.48  ? 46  GLU A CG  1 
ATOM   313  C  CD  . GLU A 1 50  ? 3.382   17.268  9.014   1.00 44.50  ? 46  GLU A CD  1 
ATOM   314  O  OE1 . GLU A 1 50  ? 3.305   16.138  9.540   1.00 42.40  ? 46  GLU A OE1 1 
ATOM   315  O  OE2 . GLU A 1 50  ? 3.993   18.223  9.540   1.00 47.92  ? 46  GLU A OE2 1 
ATOM   316  N  N   . ASN A 1 51  ? 2.657   14.399  4.363   1.00 35.57  ? 47  ASN A N   1 
ATOM   317  C  CA  . ASN A 1 51  ? 2.732   12.969  4.102   1.00 35.89  ? 47  ASN A CA  1 
ATOM   318  C  C   . ASN A 1 51  ? 3.969   12.406  4.789   1.00 34.55  ? 47  ASN A C   1 
ATOM   319  O  O   . ASN A 1 51  ? 4.393   12.920  5.821   1.00 37.13  ? 47  ASN A O   1 
ATOM   320  C  CB  . ASN A 1 51  ? 2.740   12.663  2.598   1.00 37.14  ? 47  ASN A CB  1 
ATOM   321  C  CG  . ASN A 1 51  ? 3.864   13.358  1.847   1.00 39.62  ? 47  ASN A CG  1 
ATOM   322  O  OD1 . ASN A 1 51  ? 4.774   13.936  2.443   1.00 40.64  ? 47  ASN A OD1 1 
ATOM   323  N  ND2 . ASN A 1 51  ? 3.808   13.291  0.522   1.00 38.51  ? 47  ASN A ND2 1 
ATOM   324  N  N   . LEU A 1 52  ? 4.551   11.359  4.219   1.00 36.28  ? 48  LEU A N   1 
ATOM   325  C  CA  . LEU A 1 52  ? 5.732   10.750  4.817   1.00 39.27  ? 48  LEU A CA  1 
ATOM   326  C  C   . LEU A 1 52  ? 7.010   11.460  4.385   1.00 37.91  ? 48  LEU A C   1 
ATOM   327  O  O   . LEU A 1 52  ? 8.088   11.178  4.906   1.00 38.55  ? 48  LEU A O   1 
ATOM   328  C  CB  . LEU A 1 52  ? 5.811   9.267   4.454   1.00 37.67  ? 48  LEU A CB  1 
ATOM   329  C  CG  . LEU A 1 52  ? 4.725   8.374   5.059   1.00 35.98  ? 48  LEU A CG  1 
ATOM   330  C  CD1 . LEU A 1 52  ? 4.990   6.911   4.730   1.00 34.09  ? 48  LEU A CD1 1 
ATOM   331  C  CD2 . LEU A 1 52  ? 4.637   8.586   6.562   1.00 32.83  ? 48  LEU A CD2 1 
ATOM   332  N  N   . TRP A 1 53  ? 6.882   12.392  3.446   1.00 38.56  ? 49  TRP A N   1 
ATOM   333  C  CA  . TRP A 1 53  ? 8.053   13.015  2.837   1.00 41.00  ? 49  TRP A CA  1 
ATOM   334  C  C   . TRP A 1 53  ? 8.074   14.533  2.977   1.00 38.97  ? 49  TRP A C   1 
ATOM   335  O  O   . TRP A 1 53  ? 9.143   15.136  3.050   1.00 38.25  ? 49  TRP A O   1 
ATOM   336  C  CB  . TRP A 1 53  ? 8.132   12.639  1.355   1.00 40.54  ? 49  TRP A CB  1 
ATOM   337  C  CG  . TRP A 1 53  ? 8.048   11.166  1.111   1.00 40.17  ? 49  TRP A CG  1 
ATOM   338  C  CD1 . TRP A 1 53  ? 6.989   10.481  0.593   1.00 34.44  ? 49  TRP A CD1 1 
ATOM   339  C  CD2 . TRP A 1 53  ? 9.059   10.190  1.391   1.00 42.92  ? 49  TRP A CD2 1 
ATOM   340  N  NE1 . TRP A 1 53  ? 7.279   9.140   0.526   1.00 36.15  ? 49  TRP A NE1 1 
ATOM   341  C  CE2 . TRP A 1 53  ? 8.544   8.934   1.010   1.00 38.92  ? 49  TRP A CE2 1 
ATOM   342  C  CE3 . TRP A 1 53  ? 10.352  10.258  1.921   1.00 41.21  ? 49  TRP A CE3 1 
ATOM   343  C  CZ2 . TRP A 1 53  ? 9.277   7.756   1.141   1.00 36.30  ? 49  TRP A CZ2 1 
ATOM   344  C  CZ3 . TRP A 1 53  ? 11.077  9.086   2.051   1.00 39.86  ? 49  TRP A CZ3 1 
ATOM   345  C  CH2 . TRP A 1 53  ? 10.538  7.852   1.663   1.00 36.74  ? 49  TRP A CH2 1 
ATOM   346  N  N   . TYR A 1 54  ? 6.899   15.153  3.005   1.00 38.06  ? 50  TYR A N   1 
ATOM   347  C  CA  . TYR A 1 54  ? 6.827   16.608  3.069   1.00 40.34  ? 50  TYR A CA  1 
ATOM   348  C  C   . TYR A 1 54  ? 5.866   17.114  4.131   1.00 40.84  ? 50  TYR A C   1 
ATOM   349  O  O   . TYR A 1 54  ? 4.838   16.499  4.403   1.00 38.83  ? 50  TYR A O   1 
ATOM   350  C  CB  . TYR A 1 54  ? 6.417   17.186  1.714   1.00 42.02  ? 50  TYR A CB  1 
ATOM   351  C  CG  . TYR A 1 54  ? 7.406   16.920  0.608   1.00 45.43  ? 50  TYR A CG  1 
ATOM   352  C  CD1 . TYR A 1 54  ? 8.575   17.662  0.502   1.00 45.06  ? 50  TYR A CD1 1 
ATOM   353  C  CD2 . TYR A 1 54  ? 7.167   15.931  -0.337  1.00 46.38  ? 50  TYR A CD2 1 
ATOM   354  C  CE1 . TYR A 1 54  ? 9.480   17.422  -0.512  1.00 52.15  ? 50  TYR A CE1 1 
ATOM   355  C  CE2 . TYR A 1 54  ? 8.067   15.685  -1.353  1.00 48.08  ? 50  TYR A CE2 1 
ATOM   356  C  CZ  . TYR A 1 54  ? 9.219   16.432  -1.438  1.00 52.08  ? 50  TYR A CZ  1 
ATOM   357  O  OH  . TYR A 1 54  ? 10.114  16.185  -2.451  1.00 56.44  ? 50  TYR A OH  1 
ATOM   358  N  N   . SER A 1 55  ? 6.223   18.245  4.727   1.00 42.91  ? 51  SER A N   1 
ATOM   359  C  CA  . SER A 1 55  ? 5.329   18.975  5.611   1.00 41.22  ? 51  SER A CA  1 
ATOM   360  C  C   . SER A 1 55  ? 5.035   20.325  4.975   1.00 40.66  ? 51  SER A C   1 
ATOM   361  O  O   . SER A 1 55  ? 5.948   21.102  4.702   1.00 41.19  ? 51  SER A O   1 
ATOM   362  C  CB  . SER A 1 55  ? 5.944   19.147  6.998   1.00 44.17  ? 51  SER A CB  1 
ATOM   363  O  OG  . SER A 1 55  ? 5.088   19.897  7.841   1.00 41.53  ? 51  SER A OG  1 
ATOM   364  N  N   . CYS A 1 56  ? 3.762   20.599  4.725   1.00 40.44  ? 52  CYS A N   1 
ATOM   365  C  CA  . CYS A 1 56  ? 3.398   21.786  3.968   1.00 42.75  ? 52  CYS A CA  1 
ATOM   366  C  C   . CYS A 1 56  ? 2.464   22.712  4.741   1.00 46.66  ? 52  CYS A C   1 
ATOM   367  O  O   . CYS A 1 56  ? 1.919   22.340  5.780   1.00 43.34  ? 52  CYS A O   1 
ATOM   368  C  CB  . CYS A 1 56  ? 2.755   21.378  2.643   1.00 42.33  ? 52  CYS A CB  1 
ATOM   369  S  SG  . CYS A 1 56  ? 3.724   20.184  1.698   1.00 45.42  ? 52  CYS A SG  1 
ATOM   370  N  N   . ALA A 1 57  ? 2.288   23.922  4.221   1.00 47.71  ? 53  ALA A N   1 
ATOM   371  C  CA  . ALA A 1 57  ? 1.439   24.918  4.863   1.00 53.78  ? 53  ALA A CA  1 
ATOM   372  C  C   . ALA A 1 57  ? 0.842   25.879  3.841   1.00 65.64  ? 53  ALA A C   1 
ATOM   373  O  O   . ALA A 1 57  ? 1.554   26.429  3.001   1.00 66.61  ? 53  ALA A O   1 
ATOM   374  C  CB  . ALA A 1 57  ? 2.227   25.686  5.912   1.00 51.22  ? 53  ALA A CB  1 
ATOM   375  N  N   . THR A 1 58  ? -0.471  26.073  3.915   1.00 71.95  ? 54  THR A N   1 
ATOM   376  C  CA  . THR A 1 58  ? -1.162  27.006  3.034   1.00 81.39  ? 54  THR A CA  1 
ATOM   377  C  C   . THR A 1 58  ? -1.524  28.280  3.789   1.00 89.96  ? 54  THR A C   1 
ATOM   378  O  O   . THR A 1 58  ? -2.365  28.262  4.688   1.00 89.02  ? 54  THR A O   1 
ATOM   379  C  CB  . THR A 1 58  ? -2.437  26.389  2.436   1.00 82.98  ? 54  THR A CB  1 
ATOM   380  O  OG1 . THR A 1 58  ? -2.092  25.239  1.654   1.00 78.70  ? 54  THR A OG1 1 
ATOM   381  C  CG2 . THR A 1 58  ? -3.153  27.399  1.553   1.00 90.24  ? 54  THR A CG2 1 
ATOM   382  N  N   . ASP A 1 59  ? -0.886  29.384  3.416   1.00 99.41  ? 55  ASP A N   1 
ATOM   383  C  CA  . ASP A 1 59  ? -1.067  30.649  4.116   1.00 106.36 ? 55  ASP A CA  1 
ATOM   384  C  C   . ASP A 1 59  ? -2.127  31.518  3.444   1.00 109.67 ? 55  ASP A C   1 
ATOM   385  O  O   . ASP A 1 59  ? -2.415  31.356  2.258   1.00 107.70 ? 55  ASP A O   1 
ATOM   386  C  CB  . ASP A 1 59  ? 0.263   31.403  4.194   1.00 110.31 ? 55  ASP A CB  1 
ATOM   387  C  CG  . ASP A 1 59  ? 0.212   32.580  5.148   1.00 116.97 ? 55  ASP A CG  1 
ATOM   388  O  OD1 . ASP A 1 59  ? -0.568  32.523  6.123   1.00 116.94 ? 55  ASP A OD1 1 
ATOM   389  O  OD2 . ASP A 1 59  ? 0.951   33.562  4.924   1.00 122.78 ? 55  ASP A OD2 1 
ATOM   390  N  N   . SER A 1 60  ? -2.705  32.437  4.213   1.00 114.96 ? 56  SER A N   1 
ATOM   391  C  CA  . SER A 1 60  ? -3.704  33.362  3.692   1.00 117.16 ? 56  SER A CA  1 
ATOM   392  C  C   . SER A 1 60  ? -3.085  34.330  2.687   1.00 117.91 ? 56  SER A C   1 
ATOM   393  O  O   . SER A 1 60  ? -2.167  35.080  3.020   1.00 119.79 ? 56  SER A O   1 
ATOM   394  C  CB  . SER A 1 60  ? -4.362  34.138  4.835   1.00 116.87 ? 56  SER A CB  1 
ATOM   395  O  OG  . SER A 1 60  ? -3.402  34.875  5.571   1.00 119.14 ? 56  SER A OG  1 
ATOM   396  N  N   . LEU A 1 61  ? -3.594  34.313  1.459   1.00 114.93 ? 57  LEU A N   1 
ATOM   397  C  CA  . LEU A 1 61  ? -4.704  33.439  1.097   1.00 111.69 ? 57  LEU A CA  1 
ATOM   398  C  C   . LEU A 1 61  ? -4.368  32.554  -0.099  1.00 110.00 ? 57  LEU A C   1 
ATOM   399  O  O   . LEU A 1 61  ? -4.191  33.043  -1.213  1.00 106.04 ? 57  LEU A O   1 
ATOM   400  C  CB  . LEU A 1 61  ? -5.955  34.268  0.796   1.00 110.03 ? 57  LEU A CB  1 
ATOM   401  N  N   . GLY A 1 62  ? -4.274  31.250  0.142   1.00 108.75 ? 58  GLY A N   1 
ATOM   402  C  CA  . GLY A 1 62  ? -4.090  30.291  -0.931  1.00 104.61 ? 58  GLY A CA  1 
ATOM   403  C  C   . GLY A 1 62  ? -2.667  29.809  -1.143  1.00 101.53 ? 58  GLY A C   1 
ATOM   404  O  O   . GLY A 1 62  ? -2.452  28.651  -1.502  1.00 99.73  ? 58  GLY A O   1 
ATOM   405  N  N   . VAL A 1 63  ? -1.696  30.693  -0.928  1.00 98.85  ? 59  VAL A N   1 
ATOM   406  C  CA  . VAL A 1 63  ? -0.293  30.366  -1.172  1.00 96.84  ? 59  VAL A CA  1 
ATOM   407  C  C   . VAL A 1 63  ? 0.182   29.202  -0.299  1.00 93.11  ? 59  VAL A C   1 
ATOM   408  O  O   . VAL A 1 63  ? 0.054   29.232  0.925   1.00 90.17  ? 59  VAL A O   1 
ATOM   409  C  CB  . VAL A 1 63  ? 0.620   31.595  -0.938  1.00 100.39 ? 59  VAL A CB  1 
ATOM   410  C  CG1 . VAL A 1 63  ? 0.255   32.306  0.361   1.00 105.92 ? 59  VAL A CG1 1 
ATOM   411  C  CG2 . VAL A 1 63  ? 2.088   31.186  -0.952  1.00 94.32  ? 59  VAL A CG2 1 
ATOM   412  N  N   . SER A 1 64  ? 0.724   28.173  -0.944  1.00 88.33  ? 60  SER A N   1 
ATOM   413  C  CA  . SER A 1 64  ? 1.174   26.977  -0.241  1.00 81.36  ? 60  SER A CA  1 
ATOM   414  C  C   . SER A 1 64  ? 2.681   26.774  -0.367  1.00 74.40  ? 60  SER A C   1 
ATOM   415  O  O   . SER A 1 64  ? 3.253   26.951  -1.442  1.00 75.70  ? 60  SER A O   1 
ATOM   416  C  CB  . SER A 1 64  ? 0.440   25.742  -0.765  1.00 81.67  ? 60  SER A CB  1 
ATOM   417  O  OG  . SER A 1 64  ? -0.957  25.850  -0.555  1.00 85.20  ? 60  SER A OG  1 
ATOM   418  N  N   . ASN A 1 65  ? 3.312   26.398  0.741   1.00 68.91  ? 61  ASN A N   1 
ATOM   419  C  CA  . ASN A 1 65  ? 4.740   26.102  0.758   1.00 63.75  ? 61  ASN A CA  1 
ATOM   420  C  C   . ASN A 1 65  ? 5.000   24.729  1.364   1.00 55.81  ? 61  ASN A C   1 
ATOM   421  O  O   . ASN A 1 65  ? 4.274   24.294  2.254   1.00 53.46  ? 61  ASN A O   1 
ATOM   422  C  CB  . ASN A 1 65  ? 5.504   27.173  1.539   1.00 70.64  ? 61  ASN A CB  1 
ATOM   423  C  CG  . ASN A 1 65  ? 5.350   28.555  0.935   1.00 79.94  ? 61  ASN A CG  1 
ATOM   424  O  OD1 . ASN A 1 65  ? 5.251   28.708  -0.283  1.00 85.18  ? 61  ASN A OD1 1 
ATOM   425  N  ND2 . ASN A 1 65  ? 5.328   29.573  1.788   1.00 81.17  ? 61  ASN A ND2 1 
ATOM   426  N  N   . CYS A 1 66  ? 6.033   24.048  0.880   1.00 54.79  ? 62  CYS A N   1 
ATOM   427  C  CA  . CYS A 1 66  ? 6.363   22.718  1.379   1.00 49.87  ? 62  CYS A CA  1 
ATOM   428  C  C   . CYS A 1 66  ? 7.824   22.603  1.783   1.00 47.00  ? 62  CYS A C   1 
ATOM   429  O  O   . CYS A 1 66  ? 8.705   23.172  1.138   1.00 48.57  ? 62  CYS A O   1 
ATOM   430  C  CB  . CYS A 1 66  ? 6.034   21.654  0.331   1.00 48.17  ? 62  CYS A CB  1 
ATOM   431  S  SG  . CYS A 1 66  ? 4.271   21.343  0.120   1.00 54.38  ? 62  CYS A SG  1 
ATOM   432  N  N   . TRP A 1 67  ? 8.071   21.862  2.856   1.00 43.82  ? 63  TRP A N   1 
ATOM   433  C  CA  . TRP A 1 67  ? 9.426   21.599  3.319   1.00 45.36  ? 63  TRP A CA  1 
ATOM   434  C  C   . TRP A 1 67  ? 9.629   20.100  3.479   1.00 41.93  ? 63  TRP A C   1 
ATOM   435  O  O   . TRP A 1 67  ? 8.680   19.366  3.759   1.00 41.52  ? 63  TRP A O   1 
ATOM   436  C  CB  . TRP A 1 67  ? 9.700   22.318  4.644   1.00 47.62  ? 63  TRP A CB  1 
ATOM   437  C  CG  . TRP A 1 67  ? 9.497   23.802  4.575   1.00 49.54  ? 63  TRP A CG  1 
ATOM   438  C  CD1 . TRP A 1 67  ? 10.439  24.745  4.281   1.00 49.65  ? 63  TRP A CD1 1 
ATOM   439  C  CD2 . TRP A 1 67  ? 8.274   24.513  4.799   1.00 49.45  ? 63  TRP A CD2 1 
ATOM   440  N  NE1 . TRP A 1 67  ? 9.878   26.000  4.310   1.00 56.53  ? 63  TRP A NE1 1 
ATOM   441  C  CE2 . TRP A 1 67  ? 8.550   25.885  4.626   1.00 52.42  ? 63  TRP A CE2 1 
ATOM   442  C  CE3 . TRP A 1 67  ? 6.973   24.124  5.132   1.00 47.47  ? 63  TRP A CE3 1 
ATOM   443  C  CZ2 . TRP A 1 67  ? 7.572   26.867  4.774   1.00 56.73  ? 63  TRP A CZ2 1 
ATOM   444  C  CZ3 . TRP A 1 67  ? 6.003   25.100  5.277   1.00 49.43  ? 63  TRP A CZ3 1 
ATOM   445  C  CH2 . TRP A 1 67  ? 6.309   26.455  5.098   1.00 57.27  ? 63  TRP A CH2 1 
ATOM   446  N  N   . ASP A 1 68  ? 10.861  19.646  3.295   1.00 39.72  ? 64  ASP A N   1 
ATOM   447  C  CA  . ASP A 1 68  ? 11.170  18.230  3.441   1.00 41.14  ? 64  ASP A CA  1 
ATOM   448  C  C   . ASP A 1 68  ? 10.964  17.793  4.883   1.00 39.96  ? 64  ASP A C   1 
ATOM   449  O  O   . ASP A 1 68  ? 11.398  18.472  5.812   1.00 44.61  ? 64  ASP A O   1 
ATOM   450  C  CB  . ASP A 1 68  ? 12.602  17.940  2.995   1.00 43.69  ? 64  ASP A CB  1 
ATOM   451  C  CG  . ASP A 1 68  ? 12.844  18.306  1.546   1.00 51.20  ? 64  ASP A CG  1 
ATOM   452  O  OD1 . ASP A 1 68  ? 13.293  19.443  1.285   1.00 59.89  ? 64  ASP A OD1 1 
ATOM   453  O  OD2 . ASP A 1 68  ? 12.581  17.460  0.666   1.00 56.06  ? 64  ASP A OD2 1 
ATOM   454  N  N   . PHE A 1 69  ? 10.281  16.669  5.063   1.00 40.13  ? 65  PHE A N   1 
ATOM   455  C  CA  . PHE A 1 69  ? 10.084  16.106  6.389   1.00 40.48  ? 65  PHE A CA  1 
ATOM   456  C  C   . PHE A 1 69  ? 11.439  15.710  6.964   1.00 40.40  ? 65  PHE A C   1 
ATOM   457  O  O   . PHE A 1 69  ? 12.094  14.808  6.443   1.00 43.01  ? 65  PHE A O   1 
ATOM   458  C  CB  . PHE A 1 69  ? 9.142   14.903  6.331   1.00 38.63  ? 65  PHE A CB  1 
ATOM   459  C  CG  . PHE A 1 69  ? 8.538   14.540  7.655   1.00 38.28  ? 65  PHE A CG  1 
ATOM   460  C  CD1 . PHE A 1 69  ? 9.216   13.716  8.539   1.00 38.29  ? 65  PHE A CD1 1 
ATOM   461  C  CD2 . PHE A 1 69  ? 7.292   15.022  8.017   1.00 39.16  ? 65  PHE A CD2 1 
ATOM   462  C  CE1 . PHE A 1 69  ? 8.661   13.380  9.760   1.00 36.79  ? 65  PHE A CE1 1 
ATOM   463  C  CE2 . PHE A 1 69  ? 6.732   14.693  9.237   1.00 39.38  ? 65  PHE A CE2 1 
ATOM   464  C  CZ  . PHE A 1 69  ? 7.417   13.870  10.109  1.00 35.87  ? 65  PHE A CZ  1 
ATOM   465  N  N   . PRO A 1 70  ? 11.871  16.396  8.033   1.00 43.63  ? 66  PRO A N   1 
ATOM   466  C  CA  . PRO A 1 70  ? 13.204  16.210  8.618   1.00 41.07  ? 66  PRO A CA  1 
ATOM   467  C  C   . PRO A 1 70  ? 13.458  14.772  9.061   1.00 40.00  ? 66  PRO A C   1 
ATOM   468  O  O   . PRO A 1 70  ? 12.578  14.139  9.645   1.00 42.29  ? 66  PRO A O   1 
ATOM   469  C  CB  . PRO A 1 70  ? 13.202  17.166  9.818   1.00 42.39  ? 66  PRO A CB  1 
ATOM   470  C  CG  . PRO A 1 70  ? 11.766  17.436  10.101  1.00 42.07  ? 66  PRO A CG  1 
ATOM   471  C  CD  . PRO A 1 70  ? 11.072  17.379  8.783   1.00 43.37  ? 66  PRO A CD  1 
ATOM   472  N  N   . SER A 1 71  ? 14.658  14.271  8.784   1.00 38.27  ? 67  SER A N   1 
ATOM   473  C  CA  . SER A 1 71  ? 14.975  12.866  9.014   1.00 37.57  ? 67  SER A CA  1 
ATOM   474  C  C   . SER A 1 71  ? 15.056  12.505  10.495  1.00 39.69  ? 67  SER A C   1 
ATOM   475  O  O   . SER A 1 71  ? 14.788  11.365  10.868  1.00 40.36  ? 67  SER A O   1 
ATOM   476  C  CB  . SER A 1 71  ? 16.292  12.501  8.321   1.00 46.24  ? 67  SER A CB  1 
ATOM   477  O  OG  . SER A 1 71  ? 17.406  13.073  8.983   1.00 48.19  ? 67  SER A OG  1 
HETATM 478  N  N   . MSE A 1 72  ? 15.423  13.466  11.338  1.00 42.68  ? 68  MSE A N   1 
HETATM 479  C  CA  . MSE A 1 72  ? 15.487  13.205  12.773  1.00 42.83  ? 68  MSE A CA  1 
HETATM 480  C  C   . MSE A 1 72  ? 14.080  13.115  13.354  1.00 38.64  ? 68  MSE A C   1 
HETATM 481  O  O   . MSE A 1 72  ? 13.825  12.326  14.266  1.00 37.81  ? 68  MSE A O   1 
HETATM 482  C  CB  . MSE A 1 72  ? 16.293  14.285  13.500  1.00 42.40  ? 68  MSE A CB  1 
HETATM 483  C  CG  . MSE A 1 72  ? 17.693  14.506  12.944  1.00 44.27  ? 68  MSE A CG  1 
HETATM 484  SE SE  . MSE A 1 72  ? 18.684  12.862  12.587  1.00 62.91  ? 68  MSE A SE  1 
HETATM 485  C  CE  . MSE A 1 72  ? 19.069  12.304  14.409  1.00 44.05  ? 68  MSE A CE  1 
ATOM   486  N  N   . LEU A 1 73  ? 13.168  13.921  12.817  1.00 37.16  ? 69  LEU A N   1 
ATOM   487  C  CA  . LEU A 1 73  ? 11.770  13.888  13.241  1.00 41.89  ? 69  LEU A CA  1 
ATOM   488  C  C   . LEU A 1 73  ? 11.118  12.570  12.844  1.00 40.70  ? 69  LEU A C   1 
ATOM   489  O  O   . LEU A 1 73  ? 10.340  11.995  13.608  1.00 38.87  ? 69  LEU A O   1 
ATOM   490  C  CB  . LEU A 1 73  ? 10.993  15.060  12.638  1.00 40.65  ? 69  LEU A CB  1 
ATOM   491  C  CG  . LEU A 1 73  ? 9.527   15.213  13.058  1.00 40.45  ? 69  LEU A CG  1 
ATOM   492  C  CD1 . LEU A 1 73  ? 9.405   15.380  14.565  1.00 36.74  ? 69  LEU A CD1 1 
ATOM   493  C  CD2 . LEU A 1 73  ? 8.882   16.389  12.336  1.00 40.13  ? 69  LEU A CD2 1 
ATOM   494  N  N   . ALA A 1 74  ? 11.443  12.100  11.644  1.00 40.33  ? 70  ALA A N   1 
ATOM   495  C  CA  . ALA A 1 74  ? 10.931  10.830  11.146  1.00 42.27  ? 70  ALA A CA  1 
ATOM   496  C  C   . ALA A 1 74  ? 11.469  9.675   11.979  1.00 43.51  ? 70  ALA A C   1 
ATOM   497  O  O   . ALA A 1 74  ? 10.750  8.720   12.278  1.00 44.30  ? 70  ALA A O   1 
ATOM   498  C  CB  . ALA A 1 74  ? 11.298  10.644  9.679   1.00 35.26  ? 70  ALA A CB  1 
ATOM   499  N  N   . LEU A 1 75  ? 12.738  9.782   12.358  1.00 41.12  ? 71  LEU A N   1 
ATOM   500  C  CA  . LEU A 1 75  ? 13.417  8.731   13.102  1.00 44.97  ? 71  LEU A CA  1 
ATOM   501  C  C   . LEU A 1 75  ? 12.933  8.647   14.548  1.00 47.36  ? 71  LEU A C   1 
ATOM   502  O  O   . LEU A 1 75  ? 12.754  7.554   15.087  1.00 50.78  ? 71  LEU A O   1 
ATOM   503  C  CB  . LEU A 1 75  ? 14.929  8.960   13.069  1.00 47.03  ? 71  LEU A CB  1 
ATOM   504  C  CG  . LEU A 1 75  ? 15.809  7.805   13.544  1.00 51.39  ? 71  LEU A CG  1 
ATOM   505  C  CD1 . LEU A 1 75  ? 15.526  6.557   12.723  1.00 49.19  ? 71  LEU A CD1 1 
ATOM   506  C  CD2 . LEU A 1 75  ? 17.278  8.185   13.456  1.00 54.64  ? 71  LEU A CD2 1 
ATOM   507  N  N   . SER A 1 76  ? 12.725  9.801   15.174  1.00 45.62  ? 72  SER A N   1 
ATOM   508  C  CA  . SER A 1 76  ? 12.307  9.842   16.571  1.00 47.15  ? 72  SER A CA  1 
ATOM   509  C  C   . SER A 1 76  ? 10.840  9.454   16.719  1.00 49.92  ? 72  SER A C   1 
ATOM   510  O  O   . SER A 1 76  ? 10.387  9.106   17.809  1.00 51.76  ? 72  SER A O   1 
ATOM   511  C  CB  . SER A 1 76  ? 12.545  11.231  17.168  1.00 44.77  ? 72  SER A CB  1 
ATOM   512  O  OG  . SER A 1 76  ? 11.742  12.212  16.536  1.00 44.30  ? 72  SER A OG  1 
ATOM   513  N  N   . GLY A 1 77  ? 10.102  9.511   15.614  1.00 48.93  ? 73  GLY A N   1 
ATOM   514  C  CA  . GLY A 1 77  ? 8.693   9.167   15.627  1.00 46.50  ? 73  GLY A CA  1 
ATOM   515  C  C   . GLY A 1 77  ? 8.375   7.848   14.947  1.00 46.85  ? 73  GLY A C   1 
ATOM   516  O  O   . GLY A 1 77  ? 9.087   6.857   15.110  1.00 47.15  ? 73  GLY A O   1 
ATOM   517  N  N   . TYR A 1 78  ? 7.296   7.847   14.171  1.00 45.85  ? 74  TYR A N   1 
ATOM   518  C  CA  . TYR A 1 78  ? 6.785   6.641   13.529  1.00 42.12  ? 74  TYR A CA  1 
ATOM   519  C  C   . TYR A 1 78  ? 6.905   6.724   12.012  1.00 41.29  ? 74  TYR A C   1 
ATOM   520  O  O   . TYR A 1 78  ? 6.747   5.723   11.309  1.00 43.35  ? 74  TYR A O   1 
ATOM   521  C  CB  . TYR A 1 78  ? 5.324   6.423   13.922  1.00 45.20  ? 74  TYR A CB  1 
ATOM   522  C  CG  . TYR A 1 78  ? 4.493   7.680   13.795  1.00 45.39  ? 74  TYR A CG  1 
ATOM   523  C  CD1 . TYR A 1 78  ? 3.877   8.013   12.595  1.00 42.50  ? 74  TYR A CD1 1 
ATOM   524  C  CD2 . TYR A 1 78  ? 4.337   8.545   14.871  1.00 39.87  ? 74  TYR A CD2 1 
ATOM   525  C  CE1 . TYR A 1 78  ? 3.126   9.165   12.474  1.00 43.96  ? 74  TYR A CE1 1 
ATOM   526  C  CE2 . TYR A 1 78  ? 3.590   9.699   14.760  1.00 39.30  ? 74  TYR A CE2 1 
ATOM   527  C  CZ  . TYR A 1 78  ? 2.986   10.005  13.560  1.00 45.97  ? 74  TYR A CZ  1 
ATOM   528  O  OH  . TYR A 1 78  ? 2.239   11.154  13.447  1.00 58.60  ? 74  TYR A OH  1 
ATOM   529  N  N   . VAL A 1 79  ? 7.182   7.926   11.519  1.00 40.19  ? 75  VAL A N   1 
ATOM   530  C  CA  . VAL A 1 79  ? 7.207   8.201   10.087  1.00 40.05  ? 75  VAL A CA  1 
ATOM   531  C  C   . VAL A 1 79  ? 8.255   7.374   9.344   1.00 39.64  ? 75  VAL A C   1 
ATOM   532  O  O   . VAL A 1 79  ? 7.975   6.827   8.275   1.00 41.45  ? 75  VAL A O   1 
ATOM   533  C  CB  . VAL A 1 79  ? 7.452   9.704   9.826   1.00 39.57  ? 75  VAL A CB  1 
ATOM   534  C  CG1 . VAL A 1 79  ? 7.790   9.959   8.365   1.00 38.62  ? 75  VAL A CG1 1 
ATOM   535  C  CG2 . VAL A 1 79  ? 6.233   10.510  10.240  1.00 34.69  ? 75  VAL A CG2 1 
ATOM   536  N  N   . GLN A 1 80  ? 9.455   7.272   9.911   1.00 40.36  ? 76  GLN A N   1 
ATOM   537  C  CA  . GLN A 1 80  ? 10.527  6.508   9.276   1.00 39.37  ? 76  GLN A CA  1 
ATOM   538  C  C   . GLN A 1 80  ? 10.154  5.031   9.191   1.00 40.04  ? 76  GLN A C   1 
ATOM   539  O  O   . GLN A 1 80  ? 10.494  4.350   8.221   1.00 40.06  ? 76  GLN A O   1 
ATOM   540  C  CB  . GLN A 1 80  ? 11.845  6.680   10.034  1.00 39.48  ? 76  GLN A CB  1 
ATOM   541  C  CG  . GLN A 1 80  ? 13.034  5.989   9.377   1.00 39.42  ? 76  GLN A CG  1 
ATOM   542  C  CD  . GLN A 1 80  ? 13.324  6.519   7.984   1.00 44.59  ? 76  GLN A CD  1 
ATOM   543  O  OE1 . GLN A 1 80  ? 13.188  7.714   7.722   1.00 46.58  ? 76  GLN A OE1 1 
ATOM   544  N  NE2 . GLN A 1 80  ? 13.720  5.628   7.082   1.00 43.07  ? 76  GLN A NE2 1 
ATOM   545  N  N   . GLY A 1 81  ? 9.443   4.545   10.204  1.00 39.76  ? 77  GLY A N   1 
ATOM   546  C  CA  . GLY A 1 81  ? 8.955   3.179   10.208  1.00 39.70  ? 77  GLY A CA  1 
ATOM   547  C  C   . GLY A 1 81  ? 7.860   2.964   9.179   1.00 42.08  ? 77  GLY A C   1 
ATOM   548  O  O   . GLY A 1 81  ? 7.800   1.919   8.530   1.00 37.26  ? 77  GLY A O   1 
ATOM   549  N  N   . CYS A 1 82  ? 6.986   3.955   9.036   1.00 38.27  ? 78  CYS A N   1 
ATOM   550  C  CA  . CYS A 1 82  ? 5.911   3.883   8.055   1.00 39.05  ? 78  CYS A CA  1 
ATOM   551  C  C   . CYS A 1 82  ? 6.486   3.948   6.645   1.00 38.87  ? 78  CYS A C   1 
ATOM   552  O  O   . CYS A 1 82  ? 5.968   3.318   5.725   1.00 37.38  ? 78  CYS A O   1 
ATOM   553  C  CB  . CYS A 1 82  ? 4.893   5.002   8.283   1.00 37.60  ? 78  CYS A CB  1 
ATOM   554  S  SG  . CYS A 1 82  ? 3.921   4.817   9.800   1.00 39.28  ? 78  CYS A SG  1 
ATOM   555  N  N   . ARG A 1 83  ? 7.564   4.711   6.487   1.00 37.41  ? 79  ARG A N   1 
ATOM   556  C  CA  . ARG A 1 83  ? 8.301   4.749   5.230   1.00 37.82  ? 79  ARG A CA  1 
ATOM   557  C  C   . ARG A 1 83  ? 8.795   3.357   4.851   1.00 40.46  ? 79  ARG A C   1 
ATOM   558  O  O   . ARG A 1 83  ? 8.631   2.914   3.716   1.00 38.80  ? 79  ARG A O   1 
ATOM   559  C  CB  . ARG A 1 83  ? 9.493   5.706   5.325   1.00 38.50  ? 79  ARG A CB  1 
ATOM   560  C  CG  . ARG A 1 83  ? 9.142   7.181   5.305   1.00 37.47  ? 79  ARG A CG  1 
ATOM   561  C  CD  . ARG A 1 83  ? 10.393  8.013   5.553   1.00 41.77  ? 79  ARG A CD  1 
ATOM   562  N  NE  . ARG A 1 83  ? 10.143  9.447   5.461   1.00 38.94  ? 79  ARG A NE  1 
ATOM   563  C  CZ  . ARG A 1 83  ? 11.073  10.376  5.651   1.00 34.64  ? 79  ARG A CZ  1 
ATOM   564  N  NH1 . ARG A 1 83  ? 12.316  10.019  5.947   1.00 35.53  ? 79  ARG A NH1 1 
ATOM   565  N  NH2 . ARG A 1 83  ? 10.763  11.662  5.547   1.00 33.16  ? 79  ARG A NH2 1 
ATOM   566  N  N   . ALA A 1 84  ? 9.396   2.674   5.822   1.00 40.38  ? 80  ALA A N   1 
ATOM   567  C  CA  . ALA A 1 84  ? 9.992   1.361   5.598   1.00 38.05  ? 80  ALA A CA  1 
ATOM   568  C  C   . ALA A 1 84  ? 8.944   0.313   5.234   1.00 33.93  ? 80  ALA A C   1 
ATOM   569  O  O   . ALA A 1 84  ? 9.196   -0.563  4.407   1.00 38.57  ? 80  ALA A O   1 
ATOM   570  C  CB  . ALA A 1 84  ? 10.771  0.922   6.830   1.00 33.71  ? 80  ALA A CB  1 
ATOM   571  N  N   . LEU A 1 85  ? 7.772   0.403   5.855   1.00 34.36  ? 81  LEU A N   1 
ATOM   572  C  CA  . LEU A 1 85  ? 6.699   -0.548  5.593   1.00 37.00  ? 81  LEU A CA  1 
ATOM   573  C  C   . LEU A 1 85  ? 6.058   -0.315  4.227   1.00 36.84  ? 81  LEU A C   1 
ATOM   574  O  O   . LEU A 1 85  ? 5.672   -1.263  3.545   1.00 36.92  ? 81  LEU A O   1 
ATOM   575  C  CB  . LEU A 1 85  ? 5.642   -0.474  6.694   1.00 36.75  ? 81  LEU A CB  1 
ATOM   576  C  CG  . LEU A 1 85  ? 6.012   -1.154  8.014   1.00 34.69  ? 81  LEU A CG  1 
ATOM   577  C  CD1 . LEU A 1 85  ? 5.014   -0.795  9.104   1.00 33.03  ? 81  LEU A CD1 1 
ATOM   578  C  CD2 . LEU A 1 85  ? 6.078   -2.659  7.825   1.00 34.56  ? 81  LEU A CD2 1 
HETATM 579  N  N   . MSE A 1 86  ? 5.951   0.949   3.829   1.00 36.05  ? 82  MSE A N   1 
HETATM 580  C  CA  . MSE A 1 86  ? 5.369   1.294   2.538   1.00 32.19  ? 82  MSE A CA  1 
HETATM 581  C  C   . MSE A 1 86  ? 6.302   0.924   1.389   1.00 35.24  ? 82  MSE A C   1 
HETATM 582  O  O   . MSE A 1 86  ? 5.859   0.395   0.368   1.00 33.57  ? 82  MSE A O   1 
HETATM 583  C  CB  . MSE A 1 86  ? 5.029   2.784   2.483   1.00 34.62  ? 82  MSE A CB  1 
HETATM 584  C  CG  . MSE A 1 86  ? 3.846   3.178   3.354   1.00 38.36  ? 82  MSE A CG  1 
HETATM 585  SE SE  . MSE A 1 86  ? 2.156   2.389   2.761   1.00 44.74  ? 82  MSE A SE  1 
HETATM 586  C  CE  . MSE A 1 86  ? 1.904   3.399   1.109   1.00 31.31  ? 82  MSE A CE  1 
ATOM   587  N  N   . ILE A 1 87  ? 7.590   1.208   1.560   1.00 37.87  ? 83  ILE A N   1 
ATOM   588  C  CA  . ILE A 1 87  ? 8.596   0.876   0.555   1.00 35.08  ? 83  ILE A CA  1 
ATOM   589  C  C   . ILE A 1 87  ? 8.692   -0.635  0.371   1.00 34.40  ? 83  ILE A C   1 
ATOM   590  O  O   . ILE A 1 87  ? 8.771   -1.127  -0.755  1.00 35.74  ? 83  ILE A O   1 
ATOM   591  C  CB  . ILE A 1 87  ? 9.981   1.446   0.928   1.00 36.59  ? 83  ILE A CB  1 
ATOM   592  C  CG1 . ILE A 1 87  ? 9.967   2.970   0.821   1.00 34.44  ? 83  ILE A CG1 1 
ATOM   593  C  CG2 . ILE A 1 87  ? 11.066  0.880   0.024   1.00 34.05  ? 83  ILE A CG2 1 
ATOM   594  C  CD1 . ILE A 1 87  ? 11.268  3.622   1.213   1.00 35.00  ? 83  ILE A CD1 1 
ATOM   595  N  N   . THR A 1 88  ? 8.668   -1.364  1.483   1.00 34.68  ? 84  THR A N   1 
ATOM   596  C  CA  . THR A 1 88  ? 8.694   -2.822  1.447   1.00 34.32  ? 84  THR A CA  1 
ATOM   597  C  C   . THR A 1 88  ? 7.470   -3.368  0.718   1.00 35.19  ? 84  THR A C   1 
ATOM   598  O  O   . THR A 1 88  ? 7.579   -4.284  -0.097  1.00 36.49  ? 84  THR A O   1 
ATOM   599  C  CB  . THR A 1 88  ? 8.751   -3.420  2.867   1.00 34.95  ? 84  THR A CB  1 
ATOM   600  O  OG1 . THR A 1 88  ? 9.924   -2.946  3.540   1.00 39.60  ? 84  THR A OG1 1 
ATOM   601  C  CG2 . THR A 1 88  ? 8.785   -4.941  2.812   1.00 34.43  ? 84  THR A CG2 1 
ATOM   602  N  N   . ALA A 1 89  ? 6.310   -2.789  1.010   1.00 36.54  ? 85  ALA A N   1 
ATOM   603  C  CA  . ALA A 1 89  ? 5.056   -3.207  0.392   1.00 37.29  ? 85  ALA A CA  1 
ATOM   604  C  C   . ALA A 1 89  ? 5.099   -3.074  -1.128  1.00 35.98  ? 85  ALA A C   1 
ATOM   605  O  O   . ALA A 1 89  ? 4.643   -3.958  -1.852  1.00 35.38  ? 85  ALA A O   1 
ATOM   606  C  CB  . ALA A 1 89  ? 3.900   -2.401  0.958   1.00 32.91  ? 85  ALA A CB  1 
ATOM   607  N  N   . ILE A 1 90  ? 5.652   -1.964  -1.603  1.00 34.27  ? 86  ILE A N   1 
ATOM   608  C  CA  . ILE A 1 90  ? 5.728   -1.698  -3.036  1.00 36.45  ? 86  ILE A CA  1 
ATOM   609  C  C   . ILE A 1 90  ? 6.739   -2.626  -3.713  1.00 37.64  ? 86  ILE A C   1 
ATOM   610  O  O   . ILE A 1 90  ? 6.497   -3.126  -4.813  1.00 39.76  ? 86  ILE A O   1 
ATOM   611  C  CB  . ILE A 1 90  ? 6.087   -0.221  -3.298  1.00 35.46  ? 86  ILE A CB  1 
ATOM   612  C  CG1 . ILE A 1 90  ? 4.898   0.669   -2.931  1.00 36.78  ? 86  ILE A CG1 1 
ATOM   613  C  CG2 . ILE A 1 90  ? 6.471   0.000   -4.751  1.00 36.90  ? 86  ILE A CG2 1 
ATOM   614  C  CD1 . ILE A 1 90  ? 5.240   2.135   -2.800  1.00 38.90  ? 86  ILE A CD1 1 
ATOM   615  N  N   . LEU A 1 91  ? 7.860   -2.872  -3.042  1.00 37.07  ? 87  LEU A N   1 
ATOM   616  C  CA  . LEU A 1 91  ? 8.867   -3.795  -3.554  1.00 35.91  ? 87  LEU A CA  1 
ATOM   617  C  C   . LEU A 1 91  ? 8.327   -5.219  -3.622  1.00 35.84  ? 87  LEU A C   1 
ATOM   618  O  O   . LEU A 1 91  ? 8.580   -5.941  -4.587  1.00 36.71  ? 87  LEU A O   1 
ATOM   619  C  CB  . LEU A 1 91  ? 10.127  -3.753  -2.687  1.00 37.72  ? 87  LEU A CB  1 
ATOM   620  C  CG  . LEU A 1 91  ? 10.947  -2.465  -2.760  1.00 37.25  ? 87  LEU A CG  1 
ATOM   621  C  CD1 . LEU A 1 91  ? 12.189  -2.571  -1.889  1.00 39.22  ? 87  LEU A CD1 1 
ATOM   622  C  CD2 . LEU A 1 91  ? 11.319  -2.162  -4.203  1.00 37.12  ? 87  LEU A CD2 1 
ATOM   623  N  N   . LEU A 1 92  ? 7.588   -5.621  -2.591  1.00 35.56  ? 88  LEU A N   1 
ATOM   624  C  CA  . LEU A 1 92  ? 6.976   -6.945  -2.559  1.00 38.40  ? 88  LEU A CA  1 
ATOM   625  C  C   . LEU A 1 92  ? 5.912   -7.081  -3.641  1.00 37.56  ? 88  LEU A C   1 
ATOM   626  O  O   . LEU A 1 92  ? 5.770   -8.139  -4.253  1.00 38.81  ? 88  LEU A O   1 
ATOM   627  C  CB  . LEU A 1 92  ? 6.360   -7.225  -1.187  1.00 36.87  ? 88  LEU A CB  1 
ATOM   628  C  CG  . LEU A 1 92  ? 7.320   -7.461  -0.022  1.00 38.61  ? 88  LEU A CG  1 
ATOM   629  C  CD1 . LEU A 1 92  ? 6.551   -7.598  1.284   1.00 40.61  ? 88  LEU A CD1 1 
ATOM   630  C  CD2 . LEU A 1 92  ? 8.175   -8.688  -0.275  1.00 38.22  ? 88  LEU A CD2 1 
ATOM   631  N  N   . GLY A 1 93  ? 5.166   -6.004  -3.866  1.00 38.90  ? 89  GLY A N   1 
ATOM   632  C  CA  . GLY A 1 93  ? 4.118   -5.990  -4.870  1.00 34.29  ? 89  GLY A CA  1 
ATOM   633  C  C   . GLY A 1 93  ? 4.672   -6.051  -6.278  1.00 38.45  ? 89  GLY A C   1 
ATOM   634  O  O   . GLY A 1 93  ? 4.050   -6.622  -7.172  1.00 35.18  ? 89  GLY A O   1 
ATOM   635  N  N   . PHE A 1 94  ? 5.845   -5.456  -6.477  1.00 36.90  ? 90  PHE A N   1 
ATOM   636  C  CA  . PHE A 1 94  ? 6.509   -5.498  -7.775  1.00 40.13  ? 90  PHE A CA  1 
ATOM   637  C  C   . PHE A 1 94  ? 7.024   -6.897  -8.079  1.00 40.58  ? 90  PHE A C   1 
ATOM   638  O  O   . PHE A 1 94  ? 6.901   -7.386  -9.205  1.00 36.52  ? 90  PHE A O   1 
ATOM   639  C  CB  . PHE A 1 94  ? 7.660   -4.491  -7.830  1.00 40.57  ? 90  PHE A CB  1 
ATOM   640  C  CG  . PHE A 1 94  ? 7.297   -3.198  -8.504  1.00 44.99  ? 90  PHE A CG  1 
ATOM   641  C  CD1 . PHE A 1 94  ? 7.145   -3.141  -9.879  1.00 46.02  ? 90  PHE A CD1 1 
ATOM   642  C  CD2 . PHE A 1 94  ? 7.114   -2.040  -7.766  1.00 47.30  ? 90  PHE A CD2 1 
ATOM   643  C  CE1 . PHE A 1 94  ? 6.813   -1.957  -10.506 1.00 48.86  ? 90  PHE A CE1 1 
ATOM   644  C  CE2 . PHE A 1 94  ? 6.783   -0.851  -8.388  1.00 49.63  ? 90  PHE A CE2 1 
ATOM   645  C  CZ  . PHE A 1 94  ? 6.631   -0.810  -9.760  1.00 53.32  ? 90  PHE A CZ  1 
ATOM   646  N  N   . LEU A 1 95  ? 7.603   -7.540  -7.070  1.00 38.46  ? 91  LEU A N   1 
ATOM   647  C  CA  . LEU A 1 95  ? 8.095   -8.901  -7.218  1.00 39.17  ? 91  LEU A CA  1 
ATOM   648  C  C   . LEU A 1 95  ? 6.925   -9.854  -7.450  1.00 38.25  ? 91  LEU A C   1 
ATOM   649  O  O   . LEU A 1 95  ? 7.037   -10.814 -8.211  1.00 40.91  ? 91  LEU A O   1 
ATOM   650  C  CB  . LEU A 1 95  ? 8.899   -9.324  -5.987  1.00 36.77  ? 91  LEU A CB  1 
ATOM   651  C  CG  . LEU A 1 95  ? 9.623   -10.668 -6.068  1.00 40.95  ? 91  LEU A CG  1 
ATOM   652  C  CD1 . LEU A 1 95  ? 10.586  -10.683 -7.241  1.00 44.79  ? 91  LEU A CD1 1 
ATOM   653  C  CD2 . LEU A 1 95  ? 10.355  -10.965 -4.771  1.00 38.85  ? 91  LEU A CD2 1 
ATOM   654  N  N   . GLY A 1 96  ? 5.801   -9.572  -6.797  1.00 34.91  ? 92  GLY A N   1 
ATOM   655  C  CA  . GLY A 1 96  ? 4.607   -10.388 -6.935  1.00 36.52  ? 92  GLY A CA  1 
ATOM   656  C  C   . GLY A 1 96  ? 3.938   -10.218 -8.284  1.00 36.03  ? 92  GLY A C   1 
ATOM   657  O  O   . GLY A 1 96  ? 3.489   -11.191 -8.889  1.00 37.32  ? 92  GLY A O   1 
ATOM   658  N  N   . LEU A 1 97  ? 3.867   -8.978  -8.757  1.00 34.65  ? 93  LEU A N   1 
ATOM   659  C  CA  . LEU A 1 97  ? 3.300   -8.688  -10.069 1.00 32.85  ? 93  LEU A CA  1 
ATOM   660  C  C   . LEU A 1 97  ? 4.110   -9.367  -11.168 1.00 37.37  ? 93  LEU A C   1 
ATOM   661  O  O   . LEU A 1 97  ? 3.551   -9.975  -12.080 1.00 38.20  ? 93  LEU A O   1 
ATOM   662  C  CB  . LEU A 1 97  ? 3.242   -7.179  -10.310 1.00 36.38  ? 93  LEU A CB  1 
ATOM   663  C  CG  . LEU A 1 97  ? 2.712   -6.722  -11.671 1.00 41.64  ? 93  LEU A CG  1 
ATOM   664  C  CD1 . LEU A 1 97  ? 1.221   -6.995  -11.787 1.00 37.77  ? 93  LEU A CD1 1 
ATOM   665  C  CD2 . LEU A 1 97  ? 3.013   -5.248  -11.902 1.00 44.72  ? 93  LEU A CD2 1 
ATOM   666  N  N   . PHE A 1 98  ? 5.431   -9.265  -11.064 1.00 39.91  ? 94  PHE A N   1 
ATOM   667  C  CA  . PHE A 1 98  ? 6.331   -9.857  -12.045 1.00 36.87  ? 94  PHE A CA  1 
ATOM   668  C  C   . PHE A 1 98  ? 6.200   -11.376 -12.087 1.00 40.05  ? 94  PHE A C   1 
ATOM   669  O  O   . PHE A 1 98  ? 5.995   -11.958 -13.152 1.00 36.68  ? 94  PHE A O   1 
ATOM   670  C  CB  . PHE A 1 98  ? 7.780   -9.460  -11.745 1.00 39.80  ? 94  PHE A CB  1 
ATOM   671  C  CG  . PHE A 1 98  ? 8.800   -10.337 -12.412 1.00 45.77  ? 94  PHE A CG  1 
ATOM   672  C  CD1 . PHE A 1 98  ? 9.040   -10.235 -13.772 1.00 46.68  ? 94  PHE A CD1 1 
ATOM   673  C  CD2 . PHE A 1 98  ? 9.524   -11.262 -11.676 1.00 47.39  ? 94  PHE A CD2 1 
ATOM   674  C  CE1 . PHE A 1 98  ? 9.979   -11.042 -14.388 1.00 50.28  ? 94  PHE A CE1 1 
ATOM   675  C  CE2 . PHE A 1 98  ? 10.463  -12.072 -12.286 1.00 49.25  ? 94  PHE A CE2 1 
ATOM   676  C  CZ  . PHE A 1 98  ? 10.690  -11.962 -13.643 1.00 50.25  ? 94  PHE A CZ  1 
ATOM   677  N  N   . LEU A 1 99  ? 6.315   -12.014 -10.926 1.00 34.18  ? 95  LEU A N   1 
ATOM   678  C  CA  . LEU A 1 99  ? 6.218   -13.467 -10.840 1.00 35.78  ? 95  LEU A CA  1 
ATOM   679  C  C   . LEU A 1 99  ? 4.814   -13.957 -11.177 1.00 41.45  ? 95  LEU A C   1 
ATOM   680  O  O   . LEU A 1 99  ? 4.642   -15.049 -11.722 1.00 39.17  ? 95  LEU A O   1 
ATOM   681  C  CB  . LEU A 1 99  ? 6.623   -13.948 -9.447  1.00 34.24  ? 95  LEU A CB  1 
ATOM   682  C  CG  . LEU A 1 99  ? 8.102   -13.756 -9.107  1.00 41.82  ? 95  LEU A CG  1 
ATOM   683  C  CD1 . LEU A 1 99  ? 8.385   -14.170 -7.673  1.00 42.41  ? 95  LEU A CD1 1 
ATOM   684  C  CD2 . LEU A 1 99  ? 8.975   -14.532 -10.081 1.00 42.33  ? 95  LEU A CD2 1 
ATOM   685  N  N   . GLY A 1 100 ? 3.815   -13.143 -10.853 1.00 39.51  ? 96  GLY A N   1 
ATOM   686  C  CA  . GLY A 1 100 ? 2.436   -13.472 -11.158 1.00 38.11  ? 96  GLY A CA  1 
ATOM   687  C  C   . GLY A 1 100 ? 2.172   -13.440 -12.648 1.00 38.39  ? 96  GLY A C   1 
ATOM   688  O  O   . GLY A 1 100 ? 1.416   -14.256 -13.173 1.00 37.15  ? 96  GLY A O   1 
HETATM 689  N  N   . MSE A 1 101 ? 2.805   -12.489 -13.329 1.00 37.36  ? 97  MSE A N   1 
HETATM 690  C  CA  . MSE A 1 101 ? 2.655   -12.341 -14.769 1.00 35.26  ? 97  MSE A CA  1 
HETATM 691  C  C   . MSE A 1 101 ? 3.251   -13.542 -15.500 1.00 41.64  ? 97  MSE A C   1 
HETATM 692  O  O   . MSE A 1 101 ? 2.694   -14.021 -16.487 1.00 40.46  ? 97  MSE A O   1 
HETATM 693  C  CB  . MSE A 1 101 ? 3.316   -11.047 -15.245 1.00 41.09  ? 97  MSE A CB  1 
HETATM 694  C  CG  . MSE A 1 101 ? 2.945   -10.648 -16.662 1.00 50.23  ? 97  MSE A CG  1 
HETATM 695  SE SE  . MSE A 1 101 ? 3.791   -8.983  -17.226 1.00 121.82 ? 97  MSE A SE  1 
HETATM 696  C  CE  . MSE A 1 101 ? 3.397   -7.899  -15.650 1.00 54.09  ? 97  MSE A CE  1 
ATOM   697  N  N   . VAL A 1 102 ? 4.382   -14.027 -14.998 1.00 40.72  ? 98  VAL A N   1 
ATOM   698  C  CA  . VAL A 1 102 ? 5.049   -15.191 -15.570 1.00 37.75  ? 98  VAL A CA  1 
ATOM   699  C  C   . VAL A 1 102 ? 4.253   -16.463 -15.268 1.00 38.73  ? 98  VAL A C   1 
ATOM   700  O  O   . VAL A 1 102 ? 4.296   -17.436 -16.024 1.00 44.49  ? 98  VAL A O   1 
ATOM   701  C  CB  . VAL A 1 102 ? 6.493   -15.329 -15.032 1.00 43.85  ? 98  VAL A CB  1 
ATOM   702  C  CG1 . VAL A 1 102 ? 7.222   -16.479 -15.709 1.00 45.13  ? 98  VAL A CG1 1 
ATOM   703  C  CG2 . VAL A 1 102 ? 7.261   -14.034 -15.239 1.00 42.02  ? 98  VAL A CG2 1 
ATOM   704  N  N   . GLY A 1 103 ? 3.504   -16.439 -14.170 1.00 38.04  ? 99  GLY A N   1 
ATOM   705  C  CA  . GLY A 1 103 ? 2.781   -17.614 -13.718 1.00 38.79  ? 99  GLY A CA  1 
ATOM   706  C  C   . GLY A 1 103 ? 1.410   -17.821 -14.333 1.00 36.09  ? 99  GLY A C   1 
ATOM   707  O  O   . GLY A 1 103 ? 0.782   -18.855 -14.106 1.00 34.88  ? 99  GLY A O   1 
ATOM   708  N  N   . LEU A 1 104 ? 0.937   -16.848 -15.107 1.00 32.73  ? 100 LEU A N   1 
ATOM   709  C  CA  . LEU A 1 104 ? -0.382  -16.952 -15.729 1.00 36.19  ? 100 LEU A CA  1 
ATOM   710  C  C   . LEU A 1 104 ? -0.406  -18.076 -16.763 1.00 38.28  ? 100 LEU A C   1 
ATOM   711  O  O   . LEU A 1 104 ? 0.630   -18.439 -17.318 1.00 37.04  ? 100 LEU A O   1 
ATOM   712  C  CB  . LEU A 1 104 ? -0.786  -15.624 -16.374 1.00 36.55  ? 100 LEU A CB  1 
ATOM   713  C  CG  . LEU A 1 104 ? -0.906  -14.419 -15.436 1.00 38.25  ? 100 LEU A CG  1 
ATOM   714  C  CD1 . LEU A 1 104 ? -1.403  -13.189 -16.184 1.00 36.28  ? 100 LEU A CD1 1 
ATOM   715  C  CD2 . LEU A 1 104 ? -1.812  -14.739 -14.259 1.00 37.17  ? 100 LEU A CD2 1 
ATOM   716  N  N   . ARG A 1 105 ? -1.593  -18.621 -17.015 1.00 38.28  ? 101 ARG A N   1 
ATOM   717  C  CA  . ARG A 1 105 ? -1.737  -19.786 -17.886 1.00 40.92  ? 101 ARG A CA  1 
ATOM   718  C  C   . ARG A 1 105 ? -1.273  -19.516 -19.313 1.00 35.59  ? 101 ARG A C   1 
ATOM   719  O  O   . ARG A 1 105 ? -0.539  -20.315 -19.894 1.00 39.34  ? 101 ARG A O   1 
ATOM   720  C  CB  . ARG A 1 105 ? -3.193  -20.261 -17.900 1.00 40.43  ? 101 ARG A CB  1 
ATOM   721  N  N   . ALA A 1 106 ? -1.690  -18.385 -19.872 1.00 36.06  ? 102 ALA A N   1 
ATOM   722  C  CA  . ALA A 1 106 ? -1.388  -18.068 -21.264 1.00 37.10  ? 102 ALA A CA  1 
ATOM   723  C  C   . ALA A 1 106 ? 0.024   -17.516 -21.463 1.00 38.43  ? 102 ALA A C   1 
ATOM   724  O  O   . ALA A 1 106 ? 0.497   -17.409 -22.594 1.00 38.75  ? 102 ALA A O   1 
ATOM   725  C  CB  . ALA A 1 106 ? -2.411  -17.083 -21.806 1.00 38.21  ? 102 ALA A CB  1 
ATOM   726  N  N   . THR A 1 107 ? 0.697   -17.168 -20.369 1.00 38.74  ? 103 THR A N   1 
ATOM   727  C  CA  . THR A 1 107 ? 2.018   -16.548 -20.452 1.00 38.93  ? 103 THR A CA  1 
ATOM   728  C  C   . THR A 1 107 ? 3.100   -17.526 -20.904 1.00 36.76  ? 103 THR A C   1 
ATOM   729  O  O   . THR A 1 107 ? 3.204   -18.637 -20.384 1.00 35.13  ? 103 THR A O   1 
ATOM   730  C  CB  . THR A 1 107 ? 2.436   -15.942 -19.098 1.00 39.15  ? 103 THR A CB  1 
ATOM   731  O  OG1 . THR A 1 107 ? 1.541   -14.877 -18.755 1.00 37.08  ? 103 THR A OG1 1 
ATOM   732  C  CG2 . THR A 1 107 ? 3.859   -15.398 -19.167 1.00 34.19  ? 103 THR A CG2 1 
ATOM   733  N  N   . ASN A 1 108 ? 3.906   -17.097 -21.873 1.00 39.55  ? 104 ASN A N   1 
ATOM   734  C  CA  . ASN A 1 108 ? 5.016   -17.899 -22.375 1.00 43.53  ? 104 ASN A CA  1 
ATOM   735  C  C   . ASN A 1 108 ? 6.363   -17.201 -22.181 1.00 46.15  ? 104 ASN A C   1 
ATOM   736  O  O   . ASN A 1 108 ? 6.955   -16.695 -23.135 1.00 46.51  ? 104 ASN A O   1 
ATOM   737  C  CB  . ASN A 1 108 ? 4.807   -18.225 -23.857 1.00 39.91  ? 104 ASN A CB  1 
ATOM   738  C  CG  . ASN A 1 108 ? 5.497   -19.512 -24.279 1.00 47.28  ? 104 ASN A CG  1 
ATOM   739  O  OD1 . ASN A 1 108 ? 6.405   -19.997 -23.604 1.00 51.36  ? 104 ASN A OD1 1 
ATOM   740  N  ND2 . ASN A 1 108 ? 5.066   -20.071 -25.405 1.00 43.67  ? 104 ASN A ND2 1 
ATOM   741  N  N   . VAL A 1 109 ? 6.830   -17.159 -20.939 1.00 52.04  ? 105 VAL A N   1 
ATOM   742  C  CA  . VAL A 1 109 ? 8.159   -16.642 -20.633 1.00 55.50  ? 105 VAL A CA  1 
ATOM   743  C  C   . VAL A 1 109 ? 9.040   -17.804 -20.198 1.00 59.81  ? 105 VAL A C   1 
ATOM   744  O  O   . VAL A 1 109 ? 8.896   -18.326 -19.090 1.00 61.49  ? 105 VAL A O   1 
ATOM   745  C  CB  . VAL A 1 109 ? 8.125   -15.563 -19.536 1.00 54.07  ? 105 VAL A CB  1 
ATOM   746  C  CG1 . VAL A 1 109 ? 9.537   -15.154 -19.150 1.00 60.58  ? 105 VAL A CG1 1 
ATOM   747  C  CG2 . VAL A 1 109 ? 7.331   -14.358 -20.008 1.00 51.93  ? 105 VAL A CG2 1 
ATOM   748  N  N   . GLY A 1 110 ? 9.949   -18.208 -21.078 1.00 59.57  ? 106 GLY A N   1 
ATOM   749  C  CA  . GLY A 1 110 ? 10.657  -19.460 -20.906 1.00 66.38  ? 106 GLY A CA  1 
ATOM   750  C  C   . GLY A 1 110 ? 9.746   -20.573 -21.384 1.00 70.52  ? 106 GLY A C   1 
ATOM   751  O  O   . GLY A 1 110 ? 8.880   -20.348 -22.229 1.00 68.98  ? 106 GLY A O   1 
ATOM   752  N  N   . ASN A 1 111 ? 9.933   -21.772 -20.848 1.00 79.01  ? 107 ASN A N   1 
ATOM   753  C  CA  . ASN A 1 111 ? 9.064   -22.892 -21.184 1.00 75.06  ? 107 ASN A CA  1 
ATOM   754  C  C   . ASN A 1 111 ? 8.787   -23.754 -19.965 1.00 78.15  ? 107 ASN A C   1 
ATOM   755  O  O   . ASN A 1 111 ? 9.195   -24.914 -19.901 1.00 84.60  ? 107 ASN A O   1 
ATOM   756  C  CB  . ASN A 1 111 ? 9.677   -23.739 -22.301 1.00 83.01  ? 107 ASN A CB  1 
ATOM   757  C  CG  . ASN A 1 111 ? 9.755   -22.993 -23.617 1.00 76.65  ? 107 ASN A CG  1 
ATOM   758  O  OD1 . ASN A 1 111 ? 8.732   -22.630 -24.197 1.00 72.95  ? 107 ASN A OD1 1 
ATOM   759  N  ND2 . ASN A 1 111 ? 10.972  -22.767 -24.100 1.00 81.04  ? 107 ASN A ND2 1 
HETATM 760  N  N   . MSE A 1 112 ? 8.089   -23.175 -18.996 1.00 78.03  ? 108 MSE A N   1 
HETATM 761  C  CA  . MSE A 1 112 ? 7.810   -23.859 -17.743 1.00 77.24  ? 108 MSE A CA  1 
HETATM 762  C  C   . MSE A 1 112 ? 6.479   -24.593 -17.800 1.00 72.78  ? 108 MSE A C   1 
HETATM 763  O  O   . MSE A 1 112 ? 5.516   -24.108 -18.393 1.00 70.41  ? 108 MSE A O   1 
HETATM 764  C  CB  . MSE A 1 112 ? 7.803   -22.867 -16.583 1.00 80.94  ? 108 MSE A CB  1 
HETATM 765  C  CG  . MSE A 1 112 ? 8.967   -21.894 -16.593 1.00 89.42  ? 108 MSE A CG  1 
HETATM 766  SE SE  . MSE A 1 112 ? 8.710   -20.504 -15.260 1.00 107.91 ? 108 MSE A SE  1 
HETATM 767  C  CE  . MSE A 1 112 ? 6.843   -20.096 -15.659 1.00 68.73  ? 108 MSE A CE  1 
ATOM   768  N  N   . ASP A 1 113 ? 6.433   -25.763 -17.176 1.00 71.60  ? 109 ASP A N   1 
ATOM   769  C  CA  . ASP A 1 113 ? 5.204   -26.535 -17.091 1.00 69.10  ? 109 ASP A CA  1 
ATOM   770  C  C   . ASP A 1 113 ? 4.214   -25.870 -16.138 1.00 67.25  ? 109 ASP A C   1 
ATOM   771  O  O   . ASP A 1 113 ? 4.545   -24.889 -15.470 1.00 66.85  ? 109 ASP A O   1 
ATOM   772  C  CB  . ASP A 1 113 ? 5.504   -27.964 -16.639 1.00 71.38  ? 109 ASP A CB  1 
ATOM   773  C  CG  . ASP A 1 113 ? 6.428   -28.012 -15.441 1.00 72.30  ? 109 ASP A CG  1 
ATOM   774  O  OD1 . ASP A 1 113 ? 5.922   -28.040 -14.302 1.00 74.98  ? 109 ASP A OD1 1 
ATOM   775  O  OD2 . ASP A 1 113 ? 7.662   -28.016 -15.636 1.00 76.04  ? 109 ASP A OD2 1 
ATOM   776  N  N   . LEU A 1 114 ? 3.001   -26.411 -16.083 1.00 65.73  ? 110 LEU A N   1 
ATOM   777  C  CA  . LEU A 1 114 ? 1.935   -25.845 -15.264 1.00 61.28  ? 110 LEU A CA  1 
ATOM   778  C  C   . LEU A 1 114 ? 2.262   -25.890 -13.775 1.00 59.45  ? 110 LEU A C   1 
ATOM   779  O  O   . LEU A 1 114 ? 1.808   -25.040 -13.008 1.00 57.39  ? 110 LEU A O   1 
ATOM   780  C  CB  . LEU A 1 114 ? 0.618   -26.577 -15.529 1.00 61.88  ? 110 LEU A CB  1 
ATOM   781  N  N   . SER A 1 115 ? 3.047   -26.885 -13.371 1.00 60.52  ? 111 SER A N   1 
ATOM   782  C  CA  . SER A 1 115 ? 3.417   -27.052 -11.970 1.00 59.90  ? 111 SER A CA  1 
ATOM   783  C  C   . SER A 1 115 ? 4.317   -25.916 -11.499 1.00 58.74  ? 111 SER A C   1 
ATOM   784  O  O   . SER A 1 115 ? 4.104   -25.344 -10.430 1.00 55.68  ? 111 SER A O   1 
ATOM   785  C  CB  . SER A 1 115 ? 4.118   -28.393 -11.755 1.00 60.03  ? 111 SER A CB  1 
ATOM   786  O  OG  . SER A 1 115 ? 3.463   -29.429 -12.466 1.00 78.49  ? 111 SER A OG  1 
ATOM   787  N  N   . LYS A 1 116 ? 5.327   -25.605 -12.304 1.00 60.59  ? 112 LYS A N   1 
ATOM   788  C  CA  . LYS A 1 116 ? 6.245   -24.513 -12.006 1.00 58.52  ? 112 LYS A CA  1 
ATOM   789  C  C   . LYS A 1 116 ? 5.518   -23.173 -12.005 1.00 53.64  ? 112 LYS A C   1 
ATOM   790  O  O   . LYS A 1 116 ? 5.860   -22.273 -11.239 1.00 54.24  ? 112 LYS A O   1 
ATOM   791  C  CB  . LYS A 1 116 ? 7.395   -24.491 -13.014 1.00 68.34  ? 112 LYS A CB  1 
ATOM   792  C  CG  . LYS A 1 116 ? 8.380   -25.636 -12.849 1.00 75.68  ? 112 LYS A CG  1 
ATOM   793  C  CD  . LYS A 1 116 ? 9.411   -25.646 -13.966 1.00 83.16  ? 112 LYS A CD  1 
ATOM   794  C  CE  . LYS A 1 116 ? 10.533  -26.628 -13.673 1.00 89.12  ? 112 LYS A CE  1 
ATOM   795  N  NZ  . LYS A 1 116 ? 10.016  -27.993 -13.378 1.00 92.25  ? 112 LYS A NZ  1 
ATOM   796  N  N   . LYS A 1 117 ? 4.515   -23.046 -12.867 1.00 54.95  ? 113 LYS A N   1 
ATOM   797  C  CA  . LYS A 1 117 ? 3.685   -21.849 -12.896 1.00 51.76  ? 113 LYS A CA  1 
ATOM   798  C  C   . LYS A 1 117 ? 2.883   -21.729 -11.608 1.00 49.44  ? 113 LYS A C   1 
ATOM   799  O  O   . LYS A 1 117 ? 2.753   -20.641 -11.048 1.00 49.74  ? 113 LYS A O   1 
ATOM   800  C  CB  . LYS A 1 117 ? 2.744   -21.865 -14.102 1.00 51.93  ? 113 LYS A CB  1 
ATOM   801  C  CG  . LYS A 1 117 ? 3.425   -21.584 -15.428 1.00 52.95  ? 113 LYS A CG  1 
ATOM   802  C  CD  . LYS A 1 117 ? 2.416   -21.137 -16.471 1.00 47.63  ? 113 LYS A CD  1 
ATOM   803  C  CE  . LYS A 1 117 ? 3.107   -20.683 -17.745 1.00 44.75  ? 113 LYS A CE  1 
ATOM   804  N  NZ  . LYS A 1 117 ? 2.172   -19.949 -18.643 1.00 41.86  ? 113 LYS A NZ  1 
ATOM   805  N  N   . ALA A 1 118 ? 2.349   -22.855 -11.145 1.00 48.59  ? 114 ALA A N   1 
ATOM   806  C  CA  . ALA A 1 118 ? 1.562   -22.886 -9.919  1.00 49.20  ? 114 ALA A CA  1 
ATOM   807  C  C   . ALA A 1 118 ? 2.400   -22.461 -8.717  1.00 50.05  ? 114 ALA A C   1 
ATOM   808  O  O   . ALA A 1 118 ? 1.910   -21.772 -7.820  1.00 49.54  ? 114 ALA A O   1 
ATOM   809  C  CB  . ALA A 1 118 ? 0.986   -24.273 -9.697  1.00 53.33  ? 114 ALA A CB  1 
ATOM   810  N  N   . LYS A 1 119 ? 3.662   -22.879 -8.703  1.00 46.04  ? 115 LYS A N   1 
ATOM   811  C  CA  . LYS A 1 119 ? 4.582   -22.496 -7.641  1.00 46.70  ? 115 LYS A CA  1 
ATOM   812  C  C   . LYS A 1 119 ? 4.814   -20.991 -7.664  1.00 47.38  ? 115 LYS A C   1 
ATOM   813  O  O   . LYS A 1 119 ? 4.825   -20.341 -6.619  1.00 48.28  ? 115 LYS A O   1 
ATOM   814  C  CB  . LYS A 1 119 ? 5.912   -23.241 -7.779  1.00 48.53  ? 115 LYS A CB  1 
ATOM   815  N  N   . LEU A 1 120 ? 4.989   -20.443 -8.864  1.00 46.94  ? 116 LEU A N   1 
ATOM   816  C  CA  . LEU A 1 120 ? 5.201   -19.010 -9.031  1.00 46.55  ? 116 LEU A CA  1 
ATOM   817  C  C   . LEU A 1 120 ? 3.982   -18.199 -8.605  1.00 44.26  ? 116 LEU A C   1 
ATOM   818  O  O   . LEU A 1 120 ? 4.119   -17.136 -8.001  1.00 42.40  ? 116 LEU A O   1 
ATOM   819  C  CB  . LEU A 1 120 ? 5.556   -18.683 -10.482 1.00 46.23  ? 116 LEU A CB  1 
ATOM   820  C  CG  . LEU A 1 120 ? 6.983   -19.016 -10.920 1.00 51.06  ? 116 LEU A CG  1 
ATOM   821  C  CD1 . LEU A 1 120 ? 7.216   -18.575 -12.355 1.00 57.45  ? 116 LEU A CD1 1 
ATOM   822  C  CD2 . LEU A 1 120 ? 7.986   -18.363 -9.987  1.00 44.56  ? 116 LEU A CD2 1 
ATOM   823  N  N   . LEU A 1 121 ? 2.793   -18.703 -8.924  1.00 45.42  ? 117 LEU A N   1 
ATOM   824  C  CA  . LEU A 1 121 ? 1.557   -18.021 -8.554  1.00 45.57  ? 117 LEU A CA  1 
ATOM   825  C  C   . LEU A 1 121 ? 1.345   -18.035 -7.044  1.00 42.55  ? 117 LEU A C   1 
ATOM   826  O  O   . LEU A 1 121 ? 0.812   -17.083 -6.476  1.00 45.05  ? 117 LEU A O   1 
ATOM   827  C  CB  . LEU A 1 121 ? 0.356   -18.657 -9.257  1.00 45.50  ? 117 LEU A CB  1 
ATOM   828  C  CG  . LEU A 1 121 ? 0.215   -18.352 -10.748 1.00 43.36  ? 117 LEU A CG  1 
ATOM   829  C  CD1 . LEU A 1 121 ? -1.078  -18.938 -11.294 1.00 39.19  ? 117 LEU A CD1 1 
ATOM   830  C  CD2 . LEU A 1 121 ? 0.280   -16.851 -10.996 1.00 39.83  ? 117 LEU A CD2 1 
ATOM   831  N  N   . ALA A 1 122 ? 1.763   -19.119 -6.399  1.00 44.37  ? 118 ALA A N   1 
ATOM   832  C  CA  . ALA A 1 122 ? 1.667   -19.227 -4.949  1.00 44.35  ? 118 ALA A CA  1 
ATOM   833  C  C   . ALA A 1 122 ? 2.626   -18.248 -4.282  1.00 44.99  ? 118 ALA A C   1 
ATOM   834  O  O   . ALA A 1 122 ? 2.282   -17.603 -3.291  1.00 49.09  ? 118 ALA A O   1 
ATOM   835  C  CB  . ALA A 1 122 ? 1.955   -20.650 -4.501  1.00 45.50  ? 118 ALA A CB  1 
ATOM   836  N  N   . ILE A 1 123 ? 3.832   -18.143 -4.833  1.00 41.94  ? 119 ILE A N   1 
ATOM   837  C  CA  . ILE A 1 123 ? 4.821   -17.189 -4.344  1.00 43.61  ? 119 ILE A CA  1 
ATOM   838  C  C   . ILE A 1 123 ? 4.343   -15.761 -4.575  1.00 41.57  ? 119 ILE A C   1 
ATOM   839  O  O   . ILE A 1 123 ? 4.411   -14.921 -3.678  1.00 44.82  ? 119 ILE A O   1 
ATOM   840  C  CB  . ILE A 1 123 ? 6.189   -17.387 -5.025  1.00 45.21  ? 119 ILE A CB  1 
ATOM   841  C  CG1 . ILE A 1 123 ? 6.767   -18.759 -4.673  1.00 46.51  ? 119 ILE A CG1 1 
ATOM   842  C  CG2 . ILE A 1 123 ? 7.157   -16.293 -4.609  1.00 43.49  ? 119 ILE A CG2 1 
ATOM   843  C  CD1 . ILE A 1 123 ? 8.052   -19.087 -5.402  1.00 49.59  ? 119 ILE A CD1 1 
ATOM   844  N  N   . ALA A 1 124 ? 3.852   -15.495 -5.781  1.00 42.06  ? 120 ALA A N   1 
ATOM   845  C  CA  . ALA A 1 124 ? 3.339   -14.176 -6.125  1.00 40.49  ? 120 ALA A CA  1 
ATOM   846  C  C   . ALA A 1 124 ? 2.133   -13.815 -5.265  1.00 42.49  ? 120 ALA A C   1 
ATOM   847  O  O   . ALA A 1 124 ? 1.976   -12.664 -4.856  1.00 38.43  ? 120 ALA A O   1 
ATOM   848  C  CB  . ALA A 1 124 ? 2.975   -14.122 -7.596  1.00 37.47  ? 120 ALA A CB  1 
ATOM   849  N  N   . GLY A 1 125 ? 1.286   -14.804 -4.997  1.00 43.43  ? 121 GLY A N   1 
ATOM   850  C  CA  . GLY A 1 125 ? 0.113   -14.605 -4.167  1.00 40.63  ? 121 GLY A CA  1 
ATOM   851  C  C   . GLY A 1 125 ? 0.491   -14.206 -2.756  1.00 40.84  ? 121 GLY A C   1 
ATOM   852  O  O   . GLY A 1 125 ? -0.091  -13.285 -2.184  1.00 41.61  ? 121 GLY A O   1 
ATOM   853  N  N   . THR A 1 126 ? 1.477   -14.902 -2.198  1.00 44.96  ? 122 THR A N   1 
ATOM   854  C  CA  . THR A 1 126 ? 1.976   -14.604 -0.861  1.00 41.28  ? 122 THR A CA  1 
ATOM   855  C  C   . THR A 1 126 ? 2.588   -13.209 -0.808  1.00 40.39  ? 122 THR A C   1 
ATOM   856  O  O   . THR A 1 126 ? 2.389   -12.472 0.158   1.00 44.01  ? 122 THR A O   1 
ATOM   857  C  CB  . THR A 1 126 ? 3.028   -15.636 -0.408  1.00 44.21  ? 122 THR A CB  1 
ATOM   858  O  OG1 . THR A 1 126 ? 2.488   -16.958 -0.515  1.00 43.74  ? 122 THR A OG1 1 
ATOM   859  C  CG2 . THR A 1 126 ? 3.448   -15.379 1.032   1.00 41.14  ? 122 THR A CG2 1 
ATOM   860  N  N   . LEU A 1 127 ? 3.330   -12.855 -1.852  1.00 38.41  ? 123 LEU A N   1 
ATOM   861  C  CA  . LEU A 1 127 ? 3.986   -11.554 -1.922  1.00 37.58  ? 123 LEU A CA  1 
ATOM   862  C  C   . LEU A 1 127 ? 2.975   -10.412 -1.882  1.00 39.27  ? 123 LEU A C   1 
ATOM   863  O  O   . LEU A 1 127 ? 3.209   -9.394  -1.234  1.00 39.99  ? 123 LEU A O   1 
ATOM   864  C  CB  . LEU A 1 127 ? 4.844   -11.457 -3.186  1.00 42.07  ? 123 LEU A CB  1 
ATOM   865  C  CG  . LEU A 1 127 ? 6.150   -12.257 -3.196  1.00 41.46  ? 123 LEU A CG  1 
ATOM   866  C  CD1 . LEU A 1 127 ? 6.741   -12.316 -4.596  1.00 35.19  ? 123 LEU A CD1 1 
ATOM   867  C  CD2 . LEU A 1 127 ? 7.148   -11.655 -2.219  1.00 38.07  ? 123 LEU A CD2 1 
ATOM   868  N  N   . HIS A 1 128 ? 1.850   -10.587 -2.569  1.00 36.20  ? 124 HIS A N   1 
ATOM   869  C  CA  . HIS A 1 128 ? 0.803   -9.568  -2.585  1.00 39.69  ? 124 HIS A CA  1 
ATOM   870  C  C   . HIS A 1 128 ? 0.091   -9.473  -1.241  1.00 37.07  ? 124 HIS A C   1 
ATOM   871  O  O   . HIS A 1 128 ? -0.299  -8.386  -0.816  1.00 38.95  ? 124 HIS A O   1 
ATOM   872  C  CB  . HIS A 1 128 ? -0.211  -9.849  -3.694  1.00 39.81  ? 124 HIS A CB  1 
ATOM   873  C  CG  . HIS A 1 128 ? 0.325   -9.620  -5.072  1.00 40.43  ? 124 HIS A CG  1 
ATOM   874  N  ND1 . HIS A 1 128 ? 0.863   -8.411  -5.467  1.00 41.59  ? 124 HIS A ND1 1 
ATOM   875  C  CD2 . HIS A 1 128 ? 0.402   -10.434 -6.147  1.00 37.73  ? 124 HIS A CD2 1 
ATOM   876  C  CE1 . HIS A 1 128 ? 1.251   -8.498  -6.724  1.00 37.32  ? 124 HIS A CE1 1 
ATOM   877  N  NE2 . HIS A 1 128 ? 0.983   -9.715  -7.164  1.00 35.54  ? 124 HIS A NE2 1 
ATOM   878  N  N   . ILE A 1 129 ? -0.088  -10.611 -0.579  1.00 37.83  ? 125 ILE A N   1 
ATOM   879  C  CA  . ILE A 1 129 ? -0.690  -10.626 0.747   1.00 34.33  ? 125 ILE A CA  1 
ATOM   880  C  C   . ILE A 1 129 ? 0.223   -9.921  1.746   1.00 40.12  ? 125 ILE A C   1 
ATOM   881  O  O   . ILE A 1 129 ? -0.230  -9.096  2.539   1.00 41.98  ? 125 ILE A O   1 
ATOM   882  C  CB  . ILE A 1 129 ? -0.979  -12.063 1.224   1.00 37.69  ? 125 ILE A CB  1 
ATOM   883  C  CG1 . ILE A 1 129 ? -2.015  -12.729 0.315   1.00 38.99  ? 125 ILE A CG1 1 
ATOM   884  C  CG2 . ILE A 1 129 ? -1.474  -12.058 2.659   1.00 35.49  ? 125 ILE A CG2 1 
ATOM   885  C  CD1 . ILE A 1 129 ? -2.340  -14.158 0.699   1.00 35.71  ? 125 ILE A CD1 1 
ATOM   886  N  N   . LEU A 1 130 ? 1.514   -10.239 1.690   1.00 41.05  ? 126 LEU A N   1 
ATOM   887  C  CA  . LEU A 1 130 ? 2.502   -9.608  2.560   1.00 41.20  ? 126 LEU A CA  1 
ATOM   888  C  C   . LEU A 1 130 ? 2.612   -8.113  2.275   1.00 39.64  ? 126 LEU A C   1 
ATOM   889  O  O   . LEU A 1 130 ? 2.800   -7.309  3.188   1.00 43.79  ? 126 LEU A O   1 
ATOM   890  C  CB  . LEU A 1 130 ? 3.871   -10.273 2.396   1.00 43.22  ? 126 LEU A CB  1 
ATOM   891  C  CG  . LEU A 1 130 ? 4.001   -11.724 2.865   1.00 47.49  ? 126 LEU A CG  1 
ATOM   892  C  CD1 . LEU A 1 130 ? 5.404   -12.242 2.589   1.00 41.37  ? 126 LEU A CD1 1 
ATOM   893  C  CD2 . LEU A 1 130 ? 3.661   -11.849 4.343   1.00 42.83  ? 126 LEU A CD2 1 
ATOM   894  N  N   . ALA A 1 131 ? 2.491   -7.748  1.003   1.00 38.06  ? 127 ALA A N   1 
ATOM   895  C  CA  . ALA A 1 131 ? 2.534   -6.347  0.599   1.00 38.72  ? 127 ALA A CA  1 
ATOM   896  C  C   . ALA A 1 131 ? 1.344   -5.586  1.171   1.00 39.57  ? 127 ALA A C   1 
ATOM   897  O  O   . ALA A 1 131 ? 1.481   -4.461  1.652   1.00 36.39  ? 127 ALA A O   1 
ATOM   898  C  CB  . ALA A 1 131 ? 2.561   -6.231  -0.912  1.00 36.42  ? 127 ALA A CB  1 
ATOM   899  N  N   . GLY A 1 132 ? 0.173   -6.213  1.112   1.00 37.67  ? 128 GLY A N   1 
ATOM   900  C  CA  . GLY A 1 132 ? -1.033  -5.619  1.651   1.00 37.41  ? 128 GLY A CA  1 
ATOM   901  C  C   . GLY A 1 132 ? -0.966  -5.504  3.159   1.00 37.93  ? 128 GLY A C   1 
ATOM   902  O  O   . GLY A 1 132 ? -1.490  -4.556  3.741   1.00 34.30  ? 128 GLY A O   1 
ATOM   903  N  N   . ALA A 1 133 ? -0.314  -6.475  3.790   1.00 38.63  ? 129 ALA A N   1 
ATOM   904  C  CA  . ALA A 1 133 ? -0.154  -6.485  5.239   1.00 38.28  ? 129 ALA A CA  1 
ATOM   905  C  C   . ALA A 1 133 ? 0.755   -5.348  5.697   1.00 38.55  ? 129 ALA A C   1 
ATOM   906  O  O   . ALA A 1 133 ? 0.449   -4.651  6.664   1.00 37.36  ? 129 ALA A O   1 
ATOM   907  C  CB  . ALA A 1 133 ? 0.394   -7.824  5.702   1.00 36.93  ? 129 ALA A CB  1 
ATOM   908  N  N   . CYS A 1 134 ? 1.872   -5.166  4.998   1.00 37.90  ? 130 CYS A N   1 
ATOM   909  C  CA  . CYS A 1 134 ? 2.812   -4.094  5.309   1.00 35.35  ? 130 CYS A CA  1 
ATOM   910  C  C   . CYS A 1 134 ? 2.157   -2.729  5.152   1.00 38.25  ? 130 CYS A C   1 
ATOM   911  O  O   . CYS A 1 134 ? 2.339   -1.843  5.989   1.00 42.94  ? 130 CYS A O   1 
ATOM   912  C  CB  . CYS A 1 134 ? 4.053   -4.186  4.420   1.00 38.19  ? 130 CYS A CB  1 
ATOM   913  S  SG  . CYS A 1 134 ? 5.160   -5.561  4.812   1.00 42.74  ? 130 CYS A SG  1 
ATOM   914  N  N   . GLY A 1 135 ? 1.396   -2.563  4.074   1.00 33.08  ? 131 GLY A N   1 
ATOM   915  C  CA  . GLY A 1 135 ? 0.675   -1.328  3.838   1.00 35.27  ? 131 GLY A CA  1 
ATOM   916  C  C   . GLY A 1 135 ? -0.415  -1.111  4.869   1.00 39.59  ? 131 GLY A C   1 
ATOM   917  O  O   . GLY A 1 135 ? -0.694  0.019   5.262   1.00 39.62  ? 131 GLY A O   1 
HETATM 918  N  N   . MSE A 1 136 ? -1.023  -2.205  5.310   1.00 38.60  ? 132 MSE A N   1 
HETATM 919  C  CA  . MSE A 1 136 ? -2.099  -2.150  6.290   1.00 38.76  ? 132 MSE A CA  1 
HETATM 920  C  C   . MSE A 1 136 ? -1.585  -1.659  7.641   1.00 43.33  ? 132 MSE A C   1 
HETATM 921  O  O   . MSE A 1 136 ? -2.227  -0.842  8.307   1.00 42.90  ? 132 MSE A O   1 
HETATM 922  C  CB  . MSE A 1 136 ? -2.740  -3.529  6.439   1.00 42.62  ? 132 MSE A CB  1 
HETATM 923  C  CG  . MSE A 1 136 ? -4.051  -3.525  7.188   1.00 54.86  ? 132 MSE A CG  1 
HETATM 924  SE SE  . MSE A 1 136 ? -5.461  -2.633  6.177   1.00 85.26  ? 132 MSE A SE  1 
HETATM 925  C  CE  . MSE A 1 136 ? -5.779  -3.976  4.794   1.00 50.22  ? 132 MSE A CE  1 
ATOM   926  N  N   . VAL A 1 137 ? -0.419  -2.162  8.034   1.00 41.70  ? 133 VAL A N   1 
ATOM   927  C  CA  . VAL A 1 137 ? 0.199   -1.801  9.300   1.00 38.34  ? 133 VAL A CA  1 
ATOM   928  C  C   . VAL A 1 137 ? 0.652   -0.345  9.296   1.00 39.20  ? 133 VAL A C   1 
ATOM   929  O  O   . VAL A 1 137 ? 0.424   0.382   10.259  1.00 41.05  ? 133 VAL A O   1 
ATOM   930  C  CB  . VAL A 1 137 ? 1.399   -2.721  9.612   1.00 41.28  ? 133 VAL A CB  1 
ATOM   931  C  CG1 . VAL A 1 137 ? 2.131   -2.251  10.862  1.00 37.42  ? 133 VAL A CG1 1 
ATOM   932  C  CG2 . VAL A 1 137 ? 0.930   -4.157  9.777   1.00 39.00  ? 133 VAL A CG2 1 
ATOM   933  N  N   . ALA A 1 138 ? 1.278   0.079   8.203   1.00 38.90  ? 134 ALA A N   1 
ATOM   934  C  CA  . ALA A 1 138 ? 1.775   1.446   8.083   1.00 36.64  ? 134 ALA A CA  1 
ATOM   935  C  C   . ALA A 1 138 ? 0.651   2.479   8.167   1.00 37.01  ? 134 ALA A C   1 
ATOM   936  O  O   . ALA A 1 138 ? 0.758   3.462   8.900   1.00 37.15  ? 134 ALA A O   1 
ATOM   937  C  CB  . ALA A 1 138 ? 2.541   1.616   6.784   1.00 34.43  ? 134 ALA A CB  1 
ATOM   938  N  N   . ILE A 1 139 ? -0.417  2.254   7.409   1.00 40.06  ? 135 ILE A N   1 
ATOM   939  C  CA  . ILE A 1 139 ? -1.567  3.151   7.414   1.00 34.80  ? 135 ILE A CA  1 
ATOM   940  C  C   . ILE A 1 139 ? -2.211  3.209   8.797   1.00 35.98  ? 135 ILE A C   1 
ATOM   941  O  O   . ILE A 1 139 ? -2.538  4.287   9.292   1.00 35.98  ? 135 ILE A O   1 
ATOM   942  C  CB  . ILE A 1 139 ? -2.627  2.718   6.375   1.00 35.98  ? 135 ILE A CB  1 
ATOM   943  C  CG1 . ILE A 1 139 ? -2.084  2.873   4.953   1.00 38.05  ? 135 ILE A CG1 1 
ATOM   944  C  CG2 . ILE A 1 139 ? -3.902  3.531   6.535   1.00 28.78  ? 135 ILE A CG2 1 
ATOM   945  C  CD1 . ILE A 1 139 ? -1.806  4.309   4.555   1.00 35.40  ? 135 ILE A CD1 1 
ATOM   946  N  N   . SER A 1 140 ? -2.382  2.047   9.417   1.00 38.88  ? 136 SER A N   1 
ATOM   947  C  CA  . SER A 1 140 ? -3.019  1.956   10.727  1.00 36.16  ? 136 SER A CA  1 
ATOM   948  C  C   . SER A 1 140 ? -2.159  2.568   11.826  1.00 39.51  ? 136 SER A C   1 
ATOM   949  O  O   . SER A 1 140 ? -2.667  3.265   12.706  1.00 39.92  ? 136 SER A O   1 
ATOM   950  C  CB  . SER A 1 140 ? -3.330  0.498   11.064  1.00 40.50  ? 136 SER A CB  1 
ATOM   951  O  OG  . SER A 1 140 ? -4.211  -0.068  10.111  1.00 50.31  ? 136 SER A OG  1 
ATOM   952  N  N   . TRP A 1 141 ? -0.860  2.290   11.777  1.00 40.01  ? 137 TRP A N   1 
ATOM   953  C  CA  . TRP A 1 141 ? 0.089   2.860   12.729  1.00 38.30  ? 137 TRP A CA  1 
ATOM   954  C  C   . TRP A 1 141 ? 0.035   4.382   12.669  1.00 39.27  ? 137 TRP A C   1 
ATOM   955  O  O   . TRP A 1 141 ? -0.057  5.055   13.697  1.00 41.51  ? 137 TRP A O   1 
ATOM   956  C  CB  . TRP A 1 141 ? 1.505   2.358   12.435  1.00 40.36  ? 137 TRP A CB  1 
ATOM   957  C  CG  . TRP A 1 141 ? 2.519   2.698   13.478  1.00 42.66  ? 137 TRP A CG  1 
ATOM   958  C  CD1 . TRP A 1 141 ? 2.292   3.304   14.679  1.00 42.16  ? 137 TRP A CD1 1 
ATOM   959  C  CD2 . TRP A 1 141 ? 3.926   2.450   13.412  1.00 45.68  ? 137 TRP A CD2 1 
ATOM   960  N  NE1 . TRP A 1 141 ? 3.471   3.451   15.364  1.00 43.60  ? 137 TRP A NE1 1 
ATOM   961  C  CE2 . TRP A 1 141 ? 4.490   2.934   14.609  1.00 45.41  ? 137 TRP A CE2 1 
ATOM   962  C  CE3 . TRP A 1 141 ? 4.765   1.864   12.459  1.00 48.38  ? 137 TRP A CE3 1 
ATOM   963  C  CZ2 . TRP A 1 141 ? 5.856   2.852   14.877  1.00 46.04  ? 137 TRP A CZ2 1 
ATOM   964  C  CZ3 . TRP A 1 141 ? 6.119   1.784   12.727  1.00 45.54  ? 137 TRP A CZ3 1 
ATOM   965  C  CH2 . TRP A 1 141 ? 6.650   2.275   13.926  1.00 45.15  ? 137 TRP A CH2 1 
ATOM   966  N  N   . TYR A 1 142 ? 0.078   4.909   11.451  1.00 36.79  ? 138 TYR A N   1 
ATOM   967  C  CA  . TYR A 1 142 ? -0.021  6.342   11.212  1.00 35.09  ? 138 TYR A CA  1 
ATOM   968  C  C   . TYR A 1 142 ? -1.353  6.891   11.713  1.00 38.92  ? 138 TYR A C   1 
ATOM   969  O  O   . TYR A 1 142 ? -1.398  7.938   12.351  1.00 41.34  ? 138 TYR A O   1 
ATOM   970  C  CB  . TYR A 1 142 ? 0.146   6.635   9.720   1.00 34.12  ? 138 TYR A CB  1 
ATOM   971  C  CG  . TYR A 1 142 ? 0.377   8.090   9.363   1.00 33.35  ? 138 TYR A CG  1 
ATOM   972  C  CD1 . TYR A 1 142 ? -0.689  8.949   9.125   1.00 31.03  ? 138 TYR A CD1 1 
ATOM   973  C  CD2 . TYR A 1 142 ? 1.666   8.595   9.237   1.00 30.94  ? 138 TYR A CD2 1 
ATOM   974  C  CE1 . TYR A 1 142 ? -0.475  10.276  8.785   1.00 33.86  ? 138 TYR A CE1 1 
ATOM   975  C  CE2 . TYR A 1 142 ? 1.888   9.918   8.897   1.00 29.83  ? 138 TYR A CE2 1 
ATOM   976  C  CZ  . TYR A 1 142 ? 0.816   10.754  8.674   1.00 33.38  ? 138 TYR A CZ  1 
ATOM   977  O  OH  . TYR A 1 142 ? 1.037   12.068  8.336   1.00 34.37  ? 138 TYR A OH  1 
ATOM   978  N  N   . ALA A 1 143 ? -2.435  6.169   11.427  1.00 39.56  ? 139 ALA A N   1 
ATOM   979  C  CA  . ALA A 1 143 ? -3.783  6.631   11.754  1.00 37.29  ? 139 ALA A CA  1 
ATOM   980  C  C   . ALA A 1 143 ? -4.045  6.705   13.258  1.00 40.54  ? 139 ALA A C   1 
ATOM   981  O  O   . ALA A 1 143 ? -4.622  7.678   13.744  1.00 37.71  ? 139 ALA A O   1 
ATOM   982  C  CB  . ALA A 1 143 ? -4.813  5.733   11.096  1.00 35.15  ? 139 ALA A CB  1 
ATOM   983  N  N   . VAL A 1 144 ? -3.632  5.670   13.985  1.00 42.56  ? 140 VAL A N   1 
ATOM   984  C  CA  . VAL A 1 144 ? -3.835  5.609   15.430  1.00 42.42  ? 140 VAL A CA  1 
ATOM   985  C  C   . VAL A 1 144 ? -3.129  6.760   16.143  1.00 42.09  ? 140 VAL A C   1 
ATOM   986  O  O   . VAL A 1 144 ? -3.677  7.348   17.076  1.00 42.68  ? 140 VAL A O   1 
ATOM   987  C  CB  . VAL A 1 144 ? -3.346  4.260   16.006  1.00 47.50  ? 140 VAL A CB  1 
ATOM   988  C  CG1 . VAL A 1 144 ? -3.291  4.305   17.528  1.00 53.13  ? 140 VAL A CG1 1 
ATOM   989  C  CG2 . VAL A 1 144 ? -4.249  3.129   15.540  1.00 43.14  ? 140 VAL A CG2 1 
ATOM   990  N  N   . ASN A 1 145 ? -1.921  7.087   15.691  1.00 42.38  ? 141 ASN A N   1 
ATOM   991  C  CA  . ASN A 1 145 ? -1.175  8.209   16.250  1.00 41.76  ? 141 ASN A CA  1 
ATOM   992  C  C   . ASN A 1 145 ? -1.924  9.529   16.099  1.00 44.15  ? 141 ASN A C   1 
ATOM   993  O  O   . ASN A 1 145 ? -1.948  10.348  17.018  1.00 44.61  ? 141 ASN A O   1 
ATOM   994  C  CB  . ASN A 1 145 ? 0.202   8.323   15.592  1.00 39.28  ? 141 ASN A CB  1 
ATOM   995  C  CG  . ASN A 1 145 ? 1.236   7.431   16.247  1.00 41.34  ? 141 ASN A CG  1 
ATOM   996  O  OD1 . ASN A 1 145 ? 1.756   7.748   17.316  1.00 48.45  ? 141 ASN A OD1 1 
ATOM   997  N  ND2 . ASN A 1 145 ? 1.547   6.313   15.603  1.00 43.52  ? 141 ASN A ND2 1 
ATOM   998  N  N   . ILE A 1 146 ? -2.532  9.731   14.936  1.00 38.21  ? 142 ILE A N   1 
ATOM   999  C  CA  . ILE A 1 146 ? -3.284  10.950  14.668  1.00 40.77  ? 142 ILE A CA  1 
ATOM   1000 C  C   . ILE A 1 146 ? -4.579  10.978  15.475  1.00 40.81  ? 142 ILE A C   1 
ATOM   1001 O  O   . ILE A 1 146 ? -4.951  12.008  16.037  1.00 36.25  ? 142 ILE A O   1 
ATOM   1002 C  CB  . ILE A 1 146 ? -3.623  11.093  13.170  1.00 44.22  ? 142 ILE A CB  1 
ATOM   1003 C  CG1 . ILE A 1 146 ? -2.368  10.910  12.316  1.00 44.54  ? 142 ILE A CG1 1 
ATOM   1004 C  CG2 . ILE A 1 146 ? -4.278  12.436  12.895  1.00 41.28  ? 142 ILE A CG2 1 
ATOM   1005 C  CD1 . ILE A 1 146 ? -1.200  11.763  12.758  1.00 51.15  ? 142 ILE A CD1 1 
ATOM   1006 N  N   . THR A 1 147 ? -5.254  9.836   15.527  1.00 41.38  ? 143 THR A N   1 
ATOM   1007 C  CA  . THR A 1 147 ? -6.547  9.727   16.194  1.00 40.76  ? 143 THR A CA  1 
ATOM   1008 C  C   . THR A 1 147 ? -6.422  9.912   17.706  1.00 39.10  ? 143 THR A C   1 
ATOM   1009 O  O   . THR A 1 147 ? -7.270  10.549  18.329  1.00 35.78  ? 143 THR A O   1 
ATOM   1010 C  CB  . THR A 1 147 ? -7.211  8.367   15.899  1.00 38.56  ? 143 THR A CB  1 
ATOM   1011 O  OG1 . THR A 1 147 ? -7.309  8.180   14.482  1.00 39.44  ? 143 THR A OG1 1 
ATOM   1012 C  CG2 . THR A 1 147 ? -8.604  8.305   16.509  1.00 42.14  ? 143 THR A CG2 1 
ATOM   1013 N  N   . THR A 1 148 ? -5.363  9.357   18.287  1.00 38.36  ? 144 THR A N   1 
ATOM   1014 C  CA  . THR A 1 148 ? -5.119  9.479   19.720  1.00 39.95  ? 144 THR A CA  1 
ATOM   1015 C  C   . THR A 1 148 ? -4.899  10.937  20.118  1.00 37.25  ? 144 THR A C   1 
ATOM   1016 O  O   . THR A 1 148 ? -5.442  11.403  21.118  1.00 40.05  ? 144 THR A O   1 
ATOM   1017 C  CB  . THR A 1 148 ? -3.906  8.637   20.158  1.00 39.40  ? 144 THR A CB  1 
ATOM   1018 O  OG1 . THR A 1 148 ? -4.191  7.248   19.956  1.00 37.23  ? 144 THR A OG1 1 
ATOM   1019 C  CG2 . THR A 1 148 ? -3.589  8.870   21.627  1.00 37.26  ? 144 THR A CG2 1 
ATOM   1020 N  N   . ASP A 1 149 ? -4.112  11.656  19.323  1.00 37.18  ? 145 ASP A N   1 
ATOM   1021 C  CA  . ASP A 1 149 ? -3.848  13.063  19.595  1.00 38.57  ? 145 ASP A CA  1 
ATOM   1022 C  C   . ASP A 1 149 ? -5.108  13.917  19.464  1.00 37.89  ? 145 ASP A C   1 
ATOM   1023 O  O   . ASP A 1 149 ? -5.378  14.762  20.316  1.00 41.00  ? 145 ASP A O   1 
ATOM   1024 C  CB  . ASP A 1 149 ? -2.761  13.598  18.657  1.00 39.31  ? 145 ASP A CB  1 
ATOM   1025 C  CG  . ASP A 1 149 ? -1.411  12.945  18.888  1.00 43.16  ? 145 ASP A CG  1 
ATOM   1026 O  OD1 . ASP A 1 149 ? -1.192  12.390  19.986  1.00 42.04  ? 145 ASP A OD1 1 
ATOM   1027 O  OD2 . ASP A 1 149 ? -0.565  12.992  17.970  1.00 43.92  ? 145 ASP A OD2 1 
ATOM   1028 N  N   . PHE A 1 150 ? -5.870  13.687  18.399  1.00 38.69  ? 146 PHE A N   1 
ATOM   1029 C  CA  . PHE A 1 150 ? -7.052  14.494  18.099  1.00 39.90  ? 146 PHE A CA  1 
ATOM   1030 C  C   . PHE A 1 150 ? -8.088  14.478  19.222  1.00 39.89  ? 146 PHE A C   1 
ATOM   1031 O  O   . PHE A 1 150 ? -8.658  15.513  19.564  1.00 38.45  ? 146 PHE A O   1 
ATOM   1032 C  CB  . PHE A 1 150 ? -7.705  14.018  16.794  1.00 36.25  ? 146 PHE A CB  1 
ATOM   1033 C  CG  . PHE A 1 150 ? -8.856  14.878  16.343  1.00 38.66  ? 146 PHE A CG  1 
ATOM   1034 C  CD1 . PHE A 1 150 ? -8.637  15.974  15.524  1.00 40.24  ? 146 PHE A CD1 1 
ATOM   1035 C  CD2 . PHE A 1 150 ? -10.155 14.594  16.738  1.00 39.74  ? 146 PHE A CD2 1 
ATOM   1036 C  CE1 . PHE A 1 150 ? -9.690  16.772  15.109  1.00 41.29  ? 146 PHE A CE1 1 
ATOM   1037 C  CE2 . PHE A 1 150 ? -11.212 15.390  16.329  1.00 40.94  ? 146 PHE A CE2 1 
ATOM   1038 C  CZ  . PHE A 1 150 ? -10.979 16.479  15.511  1.00 40.48  ? 146 PHE A CZ  1 
ATOM   1039 N  N   . PHE A 1 151 ? -8.334  13.300  19.788  1.00 38.75  ? 147 PHE A N   1 
ATOM   1040 C  CA  . PHE A 1 151 ? -9.380  13.141  20.793  1.00 40.31  ? 147 PHE A CA  1 
ATOM   1041 C  C   . PHE A 1 151 ? -8.851  13.258  22.216  1.00 41.69  ? 147 PHE A C   1 
ATOM   1042 O  O   . PHE A 1 151 ? -9.590  13.052  23.179  1.00 44.26  ? 147 PHE A O   1 
ATOM   1043 C  CB  . PHE A 1 151 ? -10.087 11.797  20.615  1.00 41.34  ? 147 PHE A CB  1 
ATOM   1044 C  CG  . PHE A 1 151 ? -10.939 11.725  19.383  1.00 40.56  ? 147 PHE A CG  1 
ATOM   1045 C  CD1 . PHE A 1 151 ? -12.167 12.363  19.339  1.00 42.57  ? 147 PHE A CD1 1 
ATOM   1046 C  CD2 . PHE A 1 151 ? -10.516 11.018  18.272  1.00 40.36  ? 147 PHE A CD2 1 
ATOM   1047 C  CE1 . PHE A 1 151 ? -12.958 12.301  18.207  1.00 45.72  ? 147 PHE A CE1 1 
ATOM   1048 C  CE2 . PHE A 1 151 ? -11.302 10.951  17.138  1.00 42.30  ? 147 PHE A CE2 1 
ATOM   1049 C  CZ  . PHE A 1 151 ? -12.523 11.594  17.104  1.00 42.15  ? 147 PHE A CZ  1 
ATOM   1050 N  N   . ASN A 1 152 ? -7.570  13.583  22.342  1.00 43.75  ? 148 ASN A N   1 
ATOM   1051 C  CA  . ASN A 1 152 ? -6.974  13.837  23.646  1.00 40.79  ? 148 ASN A CA  1 
ATOM   1052 C  C   . ASN A 1 152 ? -7.184  15.297  24.030  1.00 39.43  ? 148 ASN A C   1 
ATOM   1053 O  O   . ASN A 1 152 ? -6.711  16.196  23.335  1.00 38.37  ? 148 ASN A O   1 
ATOM   1054 C  CB  . ASN A 1 152 ? -5.483  13.492  23.637  1.00 42.21  ? 148 ASN A CB  1 
ATOM   1055 C  CG  . ASN A 1 152 ? -4.869  13.472  25.032  1.00 50.82  ? 148 ASN A CG  1 
ATOM   1056 O  OD1 . ASN A 1 152 ? -5.376  14.098  25.963  1.00 47.40  ? 148 ASN A OD1 1 
ATOM   1057 N  ND2 . ASN A 1 152 ? -3.764  12.747  25.177  1.00 48.43  ? 148 ASN A ND2 1 
ATOM   1058 N  N   . PRO A 1 153 ? -7.910  15.537  25.132  1.00 45.26  ? 149 PRO A N   1 
ATOM   1059 C  CA  . PRO A 1 153 ? -8.160  16.891  25.636  1.00 41.62  ? 149 PRO A CA  1 
ATOM   1060 C  C   . PRO A 1 153 ? -6.870  17.585  26.046  1.00 39.74  ? 149 PRO A C   1 
ATOM   1061 O  O   . PRO A 1 153 ? -6.732  18.793  25.862  1.00 42.60  ? 149 PRO A O   1 
ATOM   1062 C  CB  . PRO A 1 153 ? -9.052  16.657  26.859  1.00 40.00  ? 149 PRO A CB  1 
ATOM   1063 C  CG  . PRO A 1 153 ? -9.637  15.318  26.653  1.00 41.46  ? 149 PRO A CG  1 
ATOM   1064 C  CD  . PRO A 1 153 ? -8.594  14.521  25.948  1.00 41.63  ? 149 PRO A CD  1 
ATOM   1065 N  N   . LEU A 1 154 ? -5.937  16.810  26.590  1.00 42.49  ? 150 LEU A N   1 
ATOM   1066 C  CA  . LEU A 1 154 ? -4.698  17.347  27.137  1.00 44.26  ? 150 LEU A CA  1 
ATOM   1067 C  C   . LEU A 1 154 ? -3.662  17.672  26.065  1.00 43.85  ? 150 LEU A C   1 
ATOM   1068 O  O   . LEU A 1 154 ? -2.728  18.433  26.317  1.00 47.07  ? 150 LEU A O   1 
ATOM   1069 C  CB  . LEU A 1 154 ? -4.103  16.360  28.143  1.00 45.83  ? 150 LEU A CB  1 
ATOM   1070 C  CG  . LEU A 1 154 ? -5.017  15.951  29.300  1.00 49.85  ? 150 LEU A CG  1 
ATOM   1071 C  CD1 . LEU A 1 154 ? -4.385  14.836  30.123  1.00 49.21  ? 150 LEU A CD1 1 
ATOM   1072 C  CD2 . LEU A 1 154 ? -5.358  17.149  30.179  1.00 46.55  ? 150 LEU A CD2 1 
ATOM   1073 N  N   . TYR A 1 155 ? -3.822  17.092  24.878  1.00 42.90  ? 151 TYR A N   1 
ATOM   1074 C  CA  . TYR A 1 155 ? -2.847  17.273  23.806  1.00 40.62  ? 151 TYR A CA  1 
ATOM   1075 C  C   . TYR A 1 155 ? -2.789  18.723  23.339  1.00 38.66  ? 151 TYR A C   1 
ATOM   1076 O  O   . TYR A 1 155 ? -3.748  19.243  22.771  1.00 37.51  ? 151 TYR A O   1 
ATOM   1077 C  CB  . TYR A 1 155 ? -3.165  16.353  22.626  1.00 44.10  ? 151 TYR A CB  1 
ATOM   1078 C  CG  . TYR A 1 155 ? -2.132  16.422  21.525  1.00 40.23  ? 151 TYR A CG  1 
ATOM   1079 C  CD1 . TYR A 1 155 ? -0.877  15.849  21.689  1.00 40.05  ? 151 TYR A CD1 1 
ATOM   1080 C  CD2 . TYR A 1 155 ? -2.408  17.063  20.326  1.00 40.79  ? 151 TYR A CD2 1 
ATOM   1081 C  CE1 . TYR A 1 155 ? 0.074   15.913  20.689  1.00 38.76  ? 151 TYR A CE1 1 
ATOM   1082 C  CE2 . TYR A 1 155 ? -1.465  17.128  19.320  1.00 47.09  ? 151 TYR A CE2 1 
ATOM   1083 C  CZ  . TYR A 1 155 ? -0.226  16.553  19.508  1.00 44.05  ? 151 TYR A CZ  1 
ATOM   1084 O  OH  . TYR A 1 155 ? 0.718   16.618  18.509  1.00 46.62  ? 151 TYR A OH  1 
ATOM   1085 N  N   . ALA A 1 156 ? -1.647  19.364  23.571  1.00 42.62  ? 152 ALA A N   1 
ATOM   1086 C  CA  . ALA A 1 156 ? -1.496  20.793  23.316  1.00 44.20  ? 152 ALA A CA  1 
ATOM   1087 C  C   . ALA A 1 156 ? -1.056  21.097  21.889  1.00 46.42  ? 152 ALA A C   1 
ATOM   1088 O  O   . ALA A 1 156 ? -1.231  22.216  21.403  1.00 51.90  ? 152 ALA A O   1 
ATOM   1089 C  CB  . ALA A 1 156 ? -0.504  21.394  24.303  1.00 42.58  ? 152 ALA A CB  1 
ATOM   1090 N  N   . GLY A 1 157 ? -0.480  20.104  21.222  1.00 43.98  ? 153 GLY A N   1 
ATOM   1091 C  CA  . GLY A 1 157 ? 0.054   20.296  19.888  1.00 42.20  ? 153 GLY A CA  1 
ATOM   1092 C  C   . GLY A 1 157 ? -1.004  20.420  18.807  1.00 48.51  ? 153 GLY A C   1 
ATOM   1093 O  O   . GLY A 1 157 ? -2.204  20.393  19.082  1.00 47.46  ? 153 GLY A O   1 
ATOM   1094 N  N   . THR A 1 158 ? -0.548  20.557  17.566  1.00 53.12  ? 154 THR A N   1 
ATOM   1095 C  CA  . THR A 1 158 ? -1.441  20.661  16.422  1.00 50.97  ? 154 THR A CA  1 
ATOM   1096 C  C   . THR A 1 158 ? -2.215  19.362  16.224  1.00 48.56  ? 154 THR A C   1 
ATOM   1097 O  O   . THR A 1 158 ? -1.643  18.274  16.282  1.00 49.24  ? 154 THR A O   1 
ATOM   1098 C  CB  . THR A 1 158 ? -0.662  21.001  15.136  1.00 52.34  ? 154 THR A CB  1 
ATOM   1099 O  OG1 . THR A 1 158 ? 0.021   22.249  15.309  1.00 56.70  ? 154 THR A OG1 1 
ATOM   1100 C  CG2 . THR A 1 158 ? -1.602  21.105  13.946  1.00 47.69  ? 154 THR A CG2 1 
ATOM   1101 N  N   . LYS A 1 159 ? -3.522  19.478  16.003  1.00 49.95  ? 155 LYS A N   1 
ATOM   1102 C  CA  . LYS A 1 159 ? -4.369  18.308  15.812  1.00 47.01  ? 155 LYS A CA  1 
ATOM   1103 C  C   . LYS A 1 159 ? -4.714  18.128  14.339  1.00 48.91  ? 155 LYS A C   1 
ATOM   1104 O  O   . LYS A 1 159 ? -5.102  19.078  13.660  1.00 52.24  ? 155 LYS A O   1 
ATOM   1105 C  CB  . LYS A 1 159 ? -5.643  18.420  16.654  1.00 43.95  ? 155 LYS A CB  1 
ATOM   1106 C  CG  . LYS A 1 159 ? -5.389  18.346  18.156  1.00 44.17  ? 155 LYS A CG  1 
ATOM   1107 C  CD  . LYS A 1 159 ? -6.683  18.236  18.946  1.00 42.50  ? 155 LYS A CD  1 
ATOM   1108 C  CE  . LYS A 1 159 ? -6.402  17.935  20.409  1.00 36.57  ? 155 LYS A CE  1 
ATOM   1109 N  NZ  . LYS A 1 159 ? -7.650  17.648  21.169  1.00 39.25  ? 155 LYS A NZ  1 
ATOM   1110 N  N   . TYR A 1 160 ? -4.563  16.900  13.852  1.00 48.65  ? 156 TYR A N   1 
ATOM   1111 C  CA  . TYR A 1 160 ? -4.766  16.612  12.438  1.00 47.98  ? 156 TYR A CA  1 
ATOM   1112 C  C   . TYR A 1 160 ? -5.978  15.730  12.189  1.00 42.05  ? 156 TYR A C   1 
ATOM   1113 O  O   . TYR A 1 160 ? -6.358  14.919  13.031  1.00 41.41  ? 156 TYR A O   1 
ATOM   1114 C  CB  . TYR A 1 160 ? -3.525  15.939  11.846  1.00 43.03  ? 156 TYR A CB  1 
ATOM   1115 C  CG  . TYR A 1 160 ? -2.315  16.835  11.749  1.00 41.11  ? 156 TYR A CG  1 
ATOM   1116 C  CD1 . TYR A 1 160 ? -2.134  17.671  10.657  1.00 43.98  ? 156 TYR A CD1 1 
ATOM   1117 C  CD2 . TYR A 1 160 ? -1.351  16.838  12.746  1.00 44.01  ? 156 TYR A CD2 1 
ATOM   1118 C  CE1 . TYR A 1 160 ? -1.029  18.491  10.563  1.00 44.98  ? 156 TYR A CE1 1 
ATOM   1119 C  CE2 . TYR A 1 160 ? -0.241  17.653  12.661  1.00 43.15  ? 156 TYR A CE2 1 
ATOM   1120 C  CZ  . TYR A 1 160 ? -0.085  18.478  11.568  1.00 43.49  ? 156 TYR A CZ  1 
ATOM   1121 O  OH  . TYR A 1 160 ? 1.019   19.292  11.478  1.00 45.13  ? 156 TYR A OH  1 
ATOM   1122 N  N   . GLU A 1 161 ? -6.576  15.904  11.017  1.00 45.71  ? 157 GLU A N   1 
ATOM   1123 C  CA  . GLU A 1 161 ? -7.634  15.029  10.538  1.00 46.77  ? 157 GLU A CA  1 
ATOM   1124 C  C   . GLU A 1 161 ? -7.000  13.904  9.726   1.00 44.56  ? 157 GLU A C   1 
ATOM   1125 O  O   . GLU A 1 161 ? -5.885  14.053  9.225   1.00 37.80  ? 157 GLU A O   1 
ATOM   1126 C  CB  . GLU A 1 161 ? -8.636  15.813  9.687   1.00 46.90  ? 157 GLU A CB  1 
ATOM   1127 C  CG  . GLU A 1 161 ? -10.015 15.193  9.588   1.00 47.71  ? 157 GLU A CG  1 
ATOM   1128 C  CD  . GLU A 1 161 ? -11.041 15.935  10.420  1.00 52.77  ? 157 GLU A CD  1 
ATOM   1129 O  OE1 . GLU A 1 161 ? -10.699 17.004  10.969  1.00 59.71  ? 157 GLU A OE1 1 
ATOM   1130 O  OE2 . GLU A 1 161 ? -12.186 15.447  10.530  1.00 48.59  ? 157 GLU A OE2 1 
ATOM   1131 N  N   . LEU A 1 162 ? -7.696  12.778  9.608   1.00 44.70  ? 158 LEU A N   1 
ATOM   1132 C  CA  . LEU A 1 162 ? -7.228  11.700  8.745   1.00 42.01  ? 158 LEU A CA  1 
ATOM   1133 C  C   . LEU A 1 162 ? -7.273  12.164  7.296   1.00 39.88  ? 158 LEU A C   1 
ATOM   1134 O  O   . LEU A 1 162 ? -8.312  12.614  6.814   1.00 43.05  ? 158 LEU A O   1 
ATOM   1135 C  CB  . LEU A 1 162 ? -8.072  10.435  8.924   1.00 45.29  ? 158 LEU A CB  1 
ATOM   1136 C  CG  . LEU A 1 162 ? -8.042  9.743   10.287  1.00 45.35  ? 158 LEU A CG  1 
ATOM   1137 C  CD1 . LEU A 1 162 ? -9.010  8.572   10.304  1.00 43.24  ? 158 LEU A CD1 1 
ATOM   1138 C  CD2 . LEU A 1 162 ? -6.642  9.278   10.637  1.00 43.68  ? 158 LEU A CD2 1 
ATOM   1139 N  N   . GLY A 1 163 ? -6.141  12.067  6.611   1.00 35.90  ? 159 GLY A N   1 
ATOM   1140 C  CA  . GLY A 1 163 ? -6.059  12.483  5.225   1.00 36.32  ? 159 GLY A CA  1 
ATOM   1141 C  C   . GLY A 1 163 ? -6.603  11.450  4.258   1.00 34.26  ? 159 GLY A C   1 
ATOM   1142 O  O   . GLY A 1 163 ? -6.668  10.264  4.582   1.00 34.61  ? 159 GLY A O   1 
ATOM   1143 N  N   . PRO A 1 164 ? -7.001  11.899  3.057   1.00 32.64  ? 160 PRO A N   1 
ATOM   1144 C  CA  . PRO A 1 164 ? -7.530  11.043  1.988   1.00 35.78  ? 160 PRO A CA  1 
ATOM   1145 C  C   . PRO A 1 164 ? -6.600  9.886   1.626   1.00 36.15  ? 160 PRO A C   1 
ATOM   1146 O  O   . PRO A 1 164 ? -7.074  8.793   1.309   1.00 36.74  ? 160 PRO A O   1 
ATOM   1147 C  CB  . PRO A 1 164 ? -7.662  12.008  0.807   1.00 35.54  ? 160 PRO A CB  1 
ATOM   1148 C  CG  . PRO A 1 164 ? -7.859  13.330  1.434   1.00 31.00  ? 160 PRO A CG  1 
ATOM   1149 C  CD  . PRO A 1 164 ? -7.016  13.321  2.673   1.00 32.71  ? 160 PRO A CD  1 
ATOM   1150 N  N   . ALA A 1 165 ? -5.293  10.131  1.678   1.00 36.23  ? 161 ALA A N   1 
ATOM   1151 C  CA  . ALA A 1 165 ? -4.298  9.131   1.310   1.00 35.25  ? 161 ALA A CA  1 
ATOM   1152 C  C   . ALA A 1 165 ? -4.402  7.875   2.170   1.00 34.01  ? 161 ALA A C   1 
ATOM   1153 O  O   . ALA A 1 165 ? -4.137  6.770   1.698   1.00 37.62  ? 161 ALA A O   1 
ATOM   1154 C  CB  . ALA A 1 165 ? -2.899  9.722   1.409   1.00 31.63  ? 161 ALA A CB  1 
ATOM   1155 N  N   . LEU A 1 166 ? -4.781  8.047   3.432   1.00 34.00  ? 162 LEU A N   1 
ATOM   1156 C  CA  . LEU A 1 166 ? -4.924  6.916   4.340   1.00 31.36  ? 162 LEU A CA  1 
ATOM   1157 C  C   . LEU A 1 166 ? -6.072  6.008   3.904   1.00 34.06  ? 162 LEU A C   1 
ATOM   1158 O  O   . LEU A 1 166 ? -6.000  4.789   4.053   1.00 34.76  ? 162 LEU A O   1 
ATOM   1159 C  CB  . LEU A 1 166 ? -5.143  7.400   5.775   1.00 28.99  ? 162 LEU A CB  1 
ATOM   1160 C  CG  . LEU A 1 166 ? -4.022  8.239   6.394   1.00 35.37  ? 162 LEU A CG  1 
ATOM   1161 C  CD1 . LEU A 1 166 ? -4.359  8.608   7.831   1.00 34.67  ? 162 LEU A CD1 1 
ATOM   1162 C  CD2 . LEU A 1 166 ? -2.699  7.496   6.330   1.00 31.86  ? 162 LEU A CD2 1 
ATOM   1163 N  N   . TYR A 1 167 ? -7.127  6.604   3.359   1.00 29.34  ? 163 TYR A N   1 
ATOM   1164 C  CA  . TYR A 1 167 ? -8.263  5.832   2.871   1.00 34.44  ? 163 TYR A CA  1 
ATOM   1165 C  C   . TYR A 1 167 ? -7.918  5.170   1.540   1.00 33.70  ? 163 TYR A C   1 
ATOM   1166 O  O   . TYR A 1 167 ? -8.438  4.108   1.210   1.00 34.14  ? 163 TYR A O   1 
ATOM   1167 C  CB  . TYR A 1 167 ? -9.499  6.726   2.735   1.00 37.34  ? 163 TYR A CB  1 
ATOM   1168 C  CG  . TYR A 1 167 ? -10.005 7.239   4.064   1.00 38.54  ? 163 TYR A CG  1 
ATOM   1169 C  CD1 . TYR A 1 167 ? -9.475  8.391   4.633   1.00 39.95  ? 163 TYR A CD1 1 
ATOM   1170 C  CD2 . TYR A 1 167 ? -10.998 6.563   4.758   1.00 39.00  ? 163 TYR A CD2 1 
ATOM   1171 C  CE1 . TYR A 1 167 ? -9.928  8.859   5.853   1.00 44.27  ? 163 TYR A CE1 1 
ATOM   1172 C  CE2 . TYR A 1 167 ? -11.459 7.023   5.978   1.00 41.92  ? 163 TYR A CE2 1 
ATOM   1173 C  CZ  . TYR A 1 167 ? -10.919 8.172   6.520   1.00 50.15  ? 163 TYR A CZ  1 
ATOM   1174 O  OH  . TYR A 1 167 ? -11.370 8.637   7.736   1.00 52.15  ? 163 TYR A OH  1 
ATOM   1175 N  N   . LEU A 1 168 ? -7.024  5.803   0.789   1.00 35.48  ? 164 LEU A N   1 
ATOM   1176 C  CA  . LEU A 1 168 ? -6.516  5.231   -0.450  1.00 35.37  ? 164 LEU A CA  1 
ATOM   1177 C  C   . LEU A 1 168 ? -5.577  4.066   -0.150  1.00 35.84  ? 164 LEU A C   1 
ATOM   1178 O  O   . LEU A 1 168 ? -5.601  3.042   -0.832  1.00 36.63  ? 164 LEU A O   1 
ATOM   1179 C  CB  . LEU A 1 168 ? -5.786  6.293   -1.273  1.00 37.87  ? 164 LEU A CB  1 
ATOM   1180 C  CG  . LEU A 1 168 ? -5.303  5.836   -2.653  1.00 39.58  ? 164 LEU A CG  1 
ATOM   1181 C  CD1 . LEU A 1 168 ? -6.495  5.520   -3.544  1.00 38.68  ? 164 LEU A CD1 1 
ATOM   1182 C  CD2 . LEU A 1 168 ? -4.391  6.873   -3.299  1.00 40.39  ? 164 LEU A CD2 1 
ATOM   1183 N  N   . GLY A 1 169 ? -4.753  4.232   0.881   1.00 31.68  ? 165 GLY A N   1 
ATOM   1184 C  CA  . GLY A 1 169 ? -3.790  3.216   1.259   1.00 32.09  ? 165 GLY A CA  1 
ATOM   1185 C  C   . GLY A 1 169 ? -4.459  2.004   1.867   1.00 32.18  ? 165 GLY A C   1 
ATOM   1186 O  O   . GLY A 1 169 ? -4.039  0.868   1.643   1.00 36.59  ? 165 GLY A O   1 
ATOM   1187 N  N   . TRP A 1 170 ? -5.507  2.249   2.644   1.00 31.96  ? 166 TRP A N   1 
ATOM   1188 C  CA  . TRP A 1 170 ? -6.260  1.168   3.259   1.00 38.30  ? 166 TRP A CA  1 
ATOM   1189 C  C   . TRP A 1 170 ? -6.974  0.339   2.197   1.00 37.31  ? 166 TRP A C   1 
ATOM   1190 O  O   . TRP A 1 170 ? -7.024  -0.887  2.283   1.00 36.66  ? 166 TRP A O   1 
ATOM   1191 C  CB  . TRP A 1 170 ? -7.263  1.725   4.265   1.00 39.06  ? 166 TRP A CB  1 
ATOM   1192 C  CG  . TRP A 1 170 ? -7.829  0.690   5.182   1.00 48.27  ? 166 TRP A CG  1 
ATOM   1193 C  CD1 . TRP A 1 170 ? -7.357  0.345   6.413   1.00 57.09  ? 166 TRP A CD1 1 
ATOM   1194 C  CD2 . TRP A 1 170 ? -8.979  -0.133  4.947   1.00 49.55  ? 166 TRP A CD2 1 
ATOM   1195 N  NE1 . TRP A 1 170 ? -8.142  -0.643  6.962   1.00 65.31  ? 166 TRP A NE1 1 
ATOM   1196 C  CE2 . TRP A 1 170 ? -9.144  -0.954  6.081   1.00 53.52  ? 166 TRP A CE2 1 
ATOM   1197 C  CE3 . TRP A 1 170 ? -9.887  -0.253  3.889   1.00 50.99  ? 166 TRP A CE3 1 
ATOM   1198 C  CZ2 . TRP A 1 170 ? -10.177 -1.882  6.188   1.00 59.27  ? 166 TRP A CZ2 1 
ATOM   1199 C  CZ3 . TRP A 1 170 ? -10.911 -1.179  3.995   1.00 57.10  ? 166 TRP A CZ3 1 
ATOM   1200 C  CH2 . TRP A 1 170 ? -11.048 -1.981  5.138   1.00 65.24  ? 166 TRP A CH2 1 
ATOM   1201 N  N   . SER A 1 171 ? -7.524  1.020   1.197   1.00 35.48  ? 167 SER A N   1 
ATOM   1202 C  CA  . SER A 1 171 ? -8.143  0.348   0.061   1.00 40.03  ? 167 SER A CA  1 
ATOM   1203 C  C   . SER A 1 171 ? -7.106  -0.426  -0.745  1.00 34.87  ? 167 SER A C   1 
ATOM   1204 O  O   . SER A 1 171 ? -7.305  -1.595  -1.067  1.00 34.51  ? 167 SER A O   1 
ATOM   1205 C  CB  . SER A 1 171 ? -8.856  1.360   -0.836  1.00 32.75  ? 167 SER A CB  1 
ATOM   1206 O  OG  . SER A 1 171 ? -9.828  2.083   -0.105  1.00 34.75  ? 167 SER A OG  1 
ATOM   1207 N  N   . ALA A 1 172 ? -6.001  0.244   -1.060  1.00 37.00  ? 168 ALA A N   1 
ATOM   1208 C  CA  . ALA A 1 172 ? -4.900  -0.355  -1.810  1.00 38.00  ? 168 ALA A CA  1 
ATOM   1209 C  C   . ALA A 1 172 ? -4.418  -1.653  -1.175  1.00 36.89  ? 168 ALA A C   1 
ATOM   1210 O  O   . ALA A 1 172 ? -4.234  -2.662  -1.857  1.00 35.75  ? 168 ALA A O   1 
ATOM   1211 C  CB  . ALA A 1 172 ? -3.748  0.624   -1.915  1.00 34.54  ? 168 ALA A CB  1 
ATOM   1212 N  N   . SER A 1 173 ? -4.217  -1.611  0.137   1.00 31.35  ? 169 SER A N   1 
ATOM   1213 C  CA  . SER A 1 173 ? -3.766  -2.774  0.887   1.00 35.87  ? 169 SER A CA  1 
ATOM   1214 C  C   . SER A 1 173 ? -4.775  -3.910  0.798   1.00 37.49  ? 169 SER A C   1 
ATOM   1215 O  O   . SER A 1 173 ? -4.402  -5.062  0.585   1.00 39.08  ? 169 SER A O   1 
ATOM   1216 C  CB  . SER A 1 173 ? -3.525  -2.406  2.351   1.00 32.62  ? 169 SER A CB  1 
ATOM   1217 O  OG  . SER A 1 173 ? -2.573  -1.364  2.459   1.00 37.46  ? 169 SER A OG  1 
ATOM   1218 N  N   . LEU A 1 174 ? -6.051  -3.574  0.965   1.00 38.25  ? 170 LEU A N   1 
ATOM   1219 C  CA  . LEU A 1 174 ? -7.121  -4.562  0.899   1.00 38.26  ? 170 LEU A CA  1 
ATOM   1220 C  C   . LEU A 1 174 ? -7.178  -5.215  -0.479  1.00 40.34  ? 170 LEU A C   1 
ATOM   1221 O  O   . LEU A 1 174 ? -7.320  -6.432  -0.590  1.00 41.06  ? 170 LEU A O   1 
ATOM   1222 C  CB  . LEU A 1 174 ? -8.468  -3.918  1.234   1.00 43.55  ? 170 LEU A CB  1 
ATOM   1223 C  CG  . LEU A 1 174 ? -9.666  -4.865  1.329   1.00 47.48  ? 170 LEU A CG  1 
ATOM   1224 C  CD1 . LEU A 1 174 ? -9.470  -5.853  2.467   1.00 47.37  ? 170 LEU A CD1 1 
ATOM   1225 C  CD2 . LEU A 1 174 ? -10.959 -4.081  1.506   1.00 51.43  ? 170 LEU A CD2 1 
ATOM   1226 N  N   . LEU A 1 175 ? -7.065  -4.399  -1.522  1.00 36.91  ? 171 LEU A N   1 
ATOM   1227 C  CA  . LEU A 1 175 ? -7.029  -4.905  -2.888  1.00 37.70  ? 171 LEU A CA  1 
ATOM   1228 C  C   . LEU A 1 175 ? -5.857  -5.867  -3.090  1.00 39.94  ? 171 LEU A C   1 
ATOM   1229 O  O   . LEU A 1 175 ? -5.996  -6.895  -3.751  1.00 40.81  ? 171 LEU A O   1 
ATOM   1230 C  CB  . LEU A 1 175 ? -6.943  -3.751  -3.891  1.00 37.21  ? 171 LEU A CB  1 
ATOM   1231 C  CG  . LEU A 1 175 ? -8.253  -3.224  -4.488  1.00 40.94  ? 171 LEU A CG  1 
ATOM   1232 C  CD1 . LEU A 1 175 ? -9.061  -4.360  -5.082  1.00 42.60  ? 171 LEU A CD1 1 
ATOM   1233 C  CD2 . LEU A 1 175 ? -9.083  -2.466  -3.468  1.00 46.83  ? 171 LEU A CD2 1 
ATOM   1234 N  N   . SER A 1 176 ? -4.710  -5.533  -2.507  1.00 38.40  ? 172 SER A N   1 
ATOM   1235 C  CA  . SER A 1 176 ? -3.528  -6.385  -2.611  1.00 38.69  ? 172 SER A CA  1 
ATOM   1236 C  C   . SER A 1 176 ? -3.723  -7.711  -1.883  1.00 37.88  ? 172 SER A C   1 
ATOM   1237 O  O   . SER A 1 176 ? -3.357  -8.768  -2.397  1.00 38.78  ? 172 SER A O   1 
ATOM   1238 C  CB  . SER A 1 176 ? -2.295  -5.663  -2.062  1.00 39.48  ? 172 SER A CB  1 
ATOM   1239 O  OG  . SER A 1 176 ? -1.912  -4.594  -2.910  1.00 40.07  ? 172 SER A OG  1 
ATOM   1240 N  N   . ILE A 1 177 ? -4.297  -7.651  -0.684  1.00 37.77  ? 173 ILE A N   1 
ATOM   1241 C  CA  . ILE A 1 177 ? -4.545  -8.854  0.104   1.00 38.88  ? 173 ILE A CA  1 
ATOM   1242 C  C   . ILE A 1 177 ? -5.571  -9.757  -0.573  1.00 40.27  ? 173 ILE A C   1 
ATOM   1243 O  O   . ILE A 1 177 ? -5.328  -10.949 -0.757  1.00 42.93  ? 173 ILE A O   1 
ATOM   1244 C  CB  . ILE A 1 177 ? -5.038  -8.516  1.524   1.00 40.61  ? 173 ILE A CB  1 
ATOM   1245 C  CG1 . ILE A 1 177 ? -3.976  -7.721  2.283   1.00 39.43  ? 173 ILE A CG1 1 
ATOM   1246 C  CG2 . ILE A 1 177 ? -5.371  -9.786  2.286   1.00 41.93  ? 173 ILE A CG2 1 
ATOM   1247 C  CD1 . ILE A 1 177 ? -4.419  -7.259  3.656   1.00 38.27  ? 173 ILE A CD1 1 
ATOM   1248 N  N   . LEU A 1 178 ? -6.712  -9.184  -0.946  1.00 39.28  ? 174 LEU A N   1 
ATOM   1249 C  CA  . LEU A 1 178 ? -7.776  -9.946  -1.591  1.00 40.97  ? 174 LEU A CA  1 
ATOM   1250 C  C   . LEU A 1 178 ? -7.316  -10.507 -2.932  1.00 41.08  ? 174 LEU A C   1 
ATOM   1251 O  O   . LEU A 1 178 ? -7.641  -11.641 -3.283  1.00 41.46  ? 174 LEU A O   1 
ATOM   1252 C  CB  . LEU A 1 178 ? -9.023  -9.078  -1.783  1.00 40.38  ? 174 LEU A CB  1 
ATOM   1253 C  CG  . LEU A 1 178 ? -9.723  -8.580  -0.514  1.00 42.78  ? 174 LEU A CG  1 
ATOM   1254 C  CD1 . LEU A 1 178 ? -10.921 -7.710  -0.865  1.00 41.05  ? 174 LEU A CD1 1 
ATOM   1255 C  CD2 . LEU A 1 178 ? -10.139 -9.742  0.382   1.00 38.69  ? 174 LEU A CD2 1 
ATOM   1256 N  N   . GLY A 1 179 ? -6.558  -9.709  -3.677  1.00 40.01  ? 175 GLY A N   1 
ATOM   1257 C  CA  . GLY A 1 179 ? -6.012  -10.155 -4.946  1.00 41.28  ? 175 GLY A CA  1 
ATOM   1258 C  C   . GLY A 1 179 ? -5.017  -11.286 -4.768  1.00 39.56  ? 175 GLY A C   1 
ATOM   1259 O  O   . GLY A 1 179 ? -5.025  -12.254 -5.526  1.00 42.59  ? 175 GLY A O   1 
ATOM   1260 N  N   . GLY A 1 180 ? -4.163  -11.164 -3.757  1.00 37.24  ? 176 GLY A N   1 
ATOM   1261 C  CA  . GLY A 1 180 ? -3.179  -12.188 -3.458  1.00 38.64  ? 176 GLY A CA  1 
ATOM   1262 C  C   . GLY A 1 180 ? -3.817  -13.494 -3.029  1.00 39.52  ? 176 GLY A C   1 
ATOM   1263 O  O   . GLY A 1 180 ? -3.311  -14.573 -3.337  1.00 41.67  ? 176 GLY A O   1 
ATOM   1264 N  N   . ILE A 1 181 ? -4.932  -13.393 -2.312  1.00 40.45  ? 177 ILE A N   1 
ATOM   1265 C  CA  . ILE A 1 181 ? -5.679  -14.568 -1.879  1.00 40.80  ? 177 ILE A CA  1 
ATOM   1266 C  C   . ILE A 1 181 ? -6.236  -15.327 -3.081  1.00 44.81  ? 177 ILE A C   1 
ATOM   1267 O  O   . ILE A 1 181 ? -6.131  -16.553 -3.155  1.00 47.87  ? 177 ILE A O   1 
ATOM   1268 C  CB  . ILE A 1 181 ? -6.833  -14.181 -0.933  1.00 43.09  ? 177 ILE A CB  1 
ATOM   1269 C  CG1 . ILE A 1 181 ? -6.284  -13.666 0.400   1.00 41.63  ? 177 ILE A CG1 1 
ATOM   1270 C  CG2 . ILE A 1 181 ? -7.764  -15.366 -0.699  1.00 41.98  ? 177 ILE A CG2 1 
ATOM   1271 C  CD1 . ILE A 1 181 ? -7.343  -13.065 1.301   1.00 40.94  ? 177 ILE A CD1 1 
ATOM   1272 N  N   . CYS A 1 182 ? -6.820  -14.590 -4.020  1.00 43.43  ? 178 CYS A N   1 
ATOM   1273 C  CA  . CYS A 1 182 ? -7.378  -15.180 -5.235  1.00 43.58  ? 178 CYS A CA  1 
ATOM   1274 C  C   . CYS A 1 182 ? -6.318  -15.913 -6.048  1.00 44.11  ? 178 CYS A C   1 
ATOM   1275 O  O   . CYS A 1 182 ? -6.522  -17.054 -6.460  1.00 48.08  ? 178 CYS A O   1 
ATOM   1276 C  CB  . CYS A 1 182 ? -8.036  -14.105 -6.103  1.00 41.38  ? 178 CYS A CB  1 
ATOM   1277 S  SG  . CYS A 1 182 ? -9.556  -13.408 -5.431  1.00 48.72  ? 178 CYS A SG  1 
ATOM   1278 N  N   . VAL A 1 183 ? -5.195  -15.244 -6.286  1.00 44.79  ? 179 VAL A N   1 
ATOM   1279 C  CA  . VAL A 1 183 ? -4.087  -15.826 -7.034  1.00 44.36  ? 179 VAL A CA  1 
ATOM   1280 C  C   . VAL A 1 183 ? -3.559  -17.074 -6.337  1.00 45.95  ? 179 VAL A C   1 
ATOM   1281 O  O   . VAL A 1 183 ? -3.267  -18.082 -6.979  1.00 49.04  ? 179 VAL A O   1 
ATOM   1282 C  CB  . VAL A 1 183 ? -2.940  -14.812 -7.215  1.00 44.04  ? 179 VAL A CB  1 
ATOM   1283 C  CG1 . VAL A 1 183 ? -1.724  -15.473 -7.852  1.00 44.51  ? 179 VAL A CG1 1 
ATOM   1284 C  CG2 . VAL A 1 183 ? -3.410  -13.628 -8.046  1.00 42.07  ? 179 VAL A CG2 1 
ATOM   1285 N  N   . PHE A 1 184 ? -3.452  -17.004 -5.015  1.00 46.72  ? 180 PHE A N   1 
ATOM   1286 C  CA  . PHE A 1 184 ? -2.960  -18.129 -4.233  1.00 49.04  ? 180 PHE A CA  1 
ATOM   1287 C  C   . PHE A 1 184 ? -3.929  -19.307 -4.284  1.00 49.69  ? 180 PHE A C   1 
ATOM   1288 O  O   . PHE A 1 184 ? -3.506  -20.460 -4.340  1.00 52.53  ? 180 PHE A O   1 
ATOM   1289 C  CB  . PHE A 1 184 ? -2.719  -17.707 -2.782  1.00 44.57  ? 180 PHE A CB  1 
ATOM   1290 C  CG  . PHE A 1 184 ? -2.031  -18.756 -1.955  1.00 49.16  ? 180 PHE A CG  1 
ATOM   1291 C  CD1 . PHE A 1 184 ? -0.649  -18.853 -1.950  1.00 52.04  ? 180 PHE A CD1 1 
ATOM   1292 C  CD2 . PHE A 1 184 ? -2.764  -19.643 -1.183  1.00 49.89  ? 180 PHE A CD2 1 
ATOM   1293 C  CE1 . PHE A 1 184 ? -0.011  -19.818 -1.194  1.00 49.89  ? 180 PHE A CE1 1 
ATOM   1294 C  CE2 . PHE A 1 184 ? -2.130  -20.611 -0.424  1.00 51.04  ? 180 PHE A CE2 1 
ATOM   1295 C  CZ  . PHE A 1 184 ? -0.751  -20.697 -0.430  1.00 50.15  ? 180 PHE A CZ  1 
ATOM   1296 N  N   . SER A 1 185 ? -5.226  -19.013 -4.260  1.00 49.12  ? 181 SER A N   1 
ATOM   1297 C  CA  . SER A 1 185 ? -6.251  -20.052 -4.292  1.00 51.48  ? 181 SER A CA  1 
ATOM   1298 C  C   . SER A 1 185 ? -6.207  -20.853 -5.589  1.00 53.38  ? 181 SER A C   1 
ATOM   1299 O  O   . SER A 1 185 ? -6.298  -22.080 -5.571  1.00 57.30  ? 181 SER A O   1 
ATOM   1300 C  CB  . SER A 1 185 ? -7.642  -19.442 -4.104  1.00 49.92  ? 181 SER A CB  1 
ATOM   1301 O  OG  . SER A 1 185 ? -7.814  -18.955 -2.784  1.00 52.76  ? 181 SER A OG  1 
ATOM   1302 N  N   . THR A 1 186 ? -6.067  -20.154 -6.711  1.00 52.01  ? 182 THR A N   1 
ATOM   1303 C  CA  . THR A 1 186 ? -5.979  -20.801 -8.015  1.00 55.44  ? 182 THR A CA  1 
ATOM   1304 C  C   . THR A 1 186 ? -4.689  -21.598 -8.151  1.00 57.70  ? 182 THR A C   1 
ATOM   1305 O  O   . THR A 1 186 ? -4.636  -22.594 -8.870  1.00 64.02  ? 182 THR A O   1 
ATOM   1306 C  CB  . THR A 1 186 ? -6.051  -19.776 -9.161  1.00 55.25  ? 182 THR A CB  1 
ATOM   1307 O  OG1 . THR A 1 186 ? -4.946  -18.870 -9.060  1.00 55.04  ? 182 THR A OG1 1 
ATOM   1308 C  CG2 . THR A 1 186 ? -7.350  -18.996 -9.097  1.00 54.42  ? 182 THR A CG2 1 
ATOM   1309 N  N   . ALA A 1 187 ? -3.648  -21.146 -7.459  1.00 54.81  ? 183 ALA A N   1 
ATOM   1310 C  CA  . ALA A 1 187 ? -2.352  -21.811 -7.495  1.00 57.20  ? 183 ALA A CA  1 
ATOM   1311 C  C   . ALA A 1 187 ? -2.419  -23.162 -6.795  1.00 61.84  ? 183 ALA A C   1 
ATOM   1312 O  O   . ALA A 1 187 ? -1.806  -24.134 -7.238  1.00 64.18  ? 183 ALA A O   1 
ATOM   1313 C  CB  . ALA A 1 187 ? -1.285  -20.933 -6.856  1.00 52.44  ? 183 ALA A CB  1 
ATOM   1314 N  N   . ALA A 1 188 ? -3.171  -23.216 -5.701  1.00 62.22  ? 184 ALA A N   1 
ATOM   1315 C  CA  . ALA A 1 188 ? -3.316  -24.441 -4.922  1.00 65.16  ? 184 ALA A CA  1 
ATOM   1316 C  C   . ALA A 1 188 ? -4.060  -25.516 -5.708  1.00 70.45  ? 184 ALA A C   1 
ATOM   1317 O  O   . ALA A 1 188 ? -3.958  -26.704 -5.401  1.00 71.09  ? 184 ALA A O   1 
ATOM   1318 C  CB  . ALA A 1 188 ? -4.032  -24.152 -3.614  1.00 66.03  ? 184 ALA A CB  1 
ATOM   1319 N  N   . ALA A 1 189 ? -4.805  -25.092 -6.723  1.00 70.42  ? 185 ALA A N   1 
ATOM   1320 C  CA  . ALA A 1 189 ? -5.551  -26.014 -7.569  1.00 70.85  ? 185 ALA A CA  1 
ATOM   1321 C  C   . ALA A 1 189 ? -4.693  -26.531 -8.723  1.00 74.94  ? 185 ALA A C   1 
ATOM   1322 O  O   . ALA A 1 189 ? -5.214  -26.930 -9.764  1.00 80.86  ? 185 ALA A O   1 
ATOM   1323 C  CB  . ALA A 1 189 ? -6.806  -25.342 -8.104  1.00 72.16  ? 185 ALA A CB  1 
ATOM   1324 N  N   . SER A 1 190 ? -3.377  -26.520 -8.531  1.00 73.51  ? 186 SER A N   1 
ATOM   1325 C  CA  . SER A 1 190 ? -2.448  -27.000 -9.548  1.00 75.40  ? 186 SER A CA  1 
ATOM   1326 C  C   . SER A 1 190 ? -1.121  -27.425 -8.928  1.00 76.40  ? 186 SER A C   1 
ATOM   1327 O  O   . SER A 1 190 ? -1.008  -27.557 -7.709  1.00 74.25  ? 186 SER A O   1 
ATOM   1328 C  CB  . SER A 1 190 ? -2.211  -25.924 -10.611 1.00 71.84  ? 186 SER A CB  1 
HETATM 1329 C  C18 . OLC B 2 .   ? 2.570   -1.076  -11.409 1.00 47.04  ? 201 OLC A C18 1 
HETATM 1330 C  C10 . OLC B 2 .   ? 5.616   5.403   -6.460  1.00 58.03  ? 201 OLC A C10 1 
HETATM 1331 C  C9  . OLC B 2 .   ? 5.788   6.121   -5.354  1.00 50.58  ? 201 OLC A C9  1 
HETATM 1332 C  C17 . OLC B 2 .   ? 2.925   -0.336  -10.138 1.00 49.05  ? 201 OLC A C17 1 
HETATM 1333 C  C11 . OLC B 2 .   ? 6.708   4.481   -6.949  1.00 57.88  ? 201 OLC A C11 1 
HETATM 1334 C  C8  . OLC B 2 .   ? 7.082   6.017   -4.584  1.00 57.14  ? 201 OLC A C8  1 
HETATM 1335 C  C24 . OLC B 2 .   ? 11.625  13.651  1.806   1.00 51.29  ? 201 OLC A C24 1 
HETATM 1336 C  C16 . OLC B 2 .   ? 3.045   1.160   -10.394 1.00 48.31  ? 201 OLC A C16 1 
HETATM 1337 C  C12 . OLC B 2 .   ? 6.124   3.092   -7.176  1.00 56.65  ? 201 OLC A C12 1 
HETATM 1338 C  C7  . OLC B 2 .   ? 7.642   7.415   -4.354  1.00 47.51  ? 201 OLC A C7  1 
HETATM 1339 C  C15 . OLC B 2 .   ? 2.979   1.946   -9.089  1.00 47.09  ? 201 OLC A C15 1 
HETATM 1340 C  C13 . OLC B 2 .   ? 4.912   3.168   -8.094  1.00 53.53  ? 201 OLC A C13 1 
HETATM 1341 C  C6  . OLC B 2 .   ? 6.782   8.184   -3.359  1.00 42.57  ? 201 OLC A C6  1 
HETATM 1342 C  C14 . OLC B 2 .   ? 4.258   1.804   -8.274  1.00 49.26  ? 201 OLC A C14 1 
HETATM 1343 C  C5  . OLC B 2 .   ? 7.199   9.647   -3.299  1.00 46.88  ? 201 OLC A C5  1 
HETATM 1344 C  C4  . OLC B 2 .   ? 8.704   9.764   -3.095  1.00 48.36  ? 201 OLC A C4  1 
HETATM 1345 C  C3  . OLC B 2 .   ? 9.111   11.201  -2.797  1.00 48.52  ? 201 OLC A C3  1 
HETATM 1346 C  C2  . OLC B 2 .   ? 10.628  11.332  -2.819  1.00 54.55  ? 201 OLC A C2  1 
HETATM 1347 C  C21 . OLC B 2 .   ? 11.913  14.234  -0.598  1.00 57.68  ? 201 OLC A C21 1 
HETATM 1348 C  C1  . OLC B 2 .   ? 11.018  12.718  -2.369  1.00 58.07  ? 201 OLC A C1  1 
HETATM 1349 C  C22 . OLC B 2 .   ? 12.613  14.135  0.753   1.00 59.73  ? 201 OLC A C22 1 
HETATM 1350 O  O19 . OLC B 2 .   ? 10.945  13.662  -3.139  1.00 64.83  ? 201 OLC A O19 1 
HETATM 1351 O  O25 . OLC B 2 .   ? 12.228  13.738  3.101   1.00 53.57  ? 201 OLC A O25 1 
HETATM 1352 O  O23 . OLC B 2 .   ? 13.698  13.205  0.661   1.00 64.31  ? 201 OLC A O23 1 
HETATM 1353 O  O20 . OLC B 2 .   ? 11.500  12.934  -1.014  1.00 62.39  ? 201 OLC A O20 1 
HETATM 1354 C  C10 . OLC C 2 .   ? -9.807  -3.799  -13.197 1.00 54.82  ? 202 OLC A C10 1 
HETATM 1355 C  C9  . OLC C 2 .   ? -10.530 -4.677  -13.890 1.00 54.69  ? 202 OLC A C9  1 
HETATM 1356 C  C8  . OLC C 2 .   ? -10.174 -4.983  -15.325 1.00 49.25  ? 202 OLC A C8  1 
HETATM 1357 C  C24 . OLC C 2 .   ? -2.751  -13.605 -19.988 1.00 44.72  ? 202 OLC A C24 1 
HETATM 1358 C  C7  . OLC C 2 .   ? -10.078 -6.491  -15.535 1.00 47.63  ? 202 OLC A C7  1 
HETATM 1359 C  C6  . OLC C 2 .   ? -9.716  -6.806  -16.982 1.00 46.01  ? 202 OLC A C6  1 
HETATM 1360 C  C5  . OLC C 2 .   ? -9.593  -8.303  -17.243 1.00 47.31  ? 202 OLC A C5  1 
HETATM 1361 C  C4  . OLC C 2 .   ? -9.019  -8.550  -18.636 1.00 49.23  ? 202 OLC A C4  1 
HETATM 1362 C  C3  . OLC C 2 .   ? -8.877  -10.035 -18.948 1.00 50.43  ? 202 OLC A C3  1 
HETATM 1363 C  C2  . OLC C 2 .   ? -8.064  -10.245 -20.219 1.00 46.28  ? 202 OLC A C2  1 
HETATM 1364 C  C21 . OLC C 2 .   ? -4.577  -11.899 -19.854 1.00 48.15  ? 202 OLC A C21 1 
HETATM 1365 C  C1  . OLC C 2 .   ? -6.601  -10.426 -19.879 1.00 51.51  ? 202 OLC A C1  1 
HETATM 1366 C  C22 . OLC C 2 .   ? -4.212  -13.307 -20.310 1.00 48.15  ? 202 OLC A C22 1 
HETATM 1367 O  O19 . OLC C 2 .   ? -5.913  -9.484  -19.522 1.00 52.46  ? 202 OLC A O19 1 
HETATM 1368 O  O25 . OLC C 2 .   ? -1.910  -13.017 -20.988 1.00 38.37  ? 202 OLC A O25 1 
HETATM 1369 O  O23 . OLC C 2 .   ? -5.061  -14.251 -19.649 1.00 60.00  ? 202 OLC A O23 1 
HETATM 1370 O  O20 . OLC C 2 .   ? -5.988  -11.739 -19.992 1.00 53.44  ? 202 OLC A O20 1 
HETATM 1371 O  O   . HOH D 3 .   ? 6.481   -14.972 -24.568 1.00 44.65  ? 301 HOH A O   1 
HETATM 1372 O  O   . HOH D 3 .   ? -4.121  20.934  21.123  1.00 38.77  ? 302 HOH A O   1 
HETATM 1373 O  O   . HOH D 3 .   ? 0.596   -13.083 -20.756 1.00 32.64  ? 303 HOH A O   1 
HETATM 1374 O  O   . HOH D 3 .   ? -10.437 17.468  18.987  1.00 43.93  ? 304 HOH A O   1 
HETATM 1375 O  O   . HOH D 3 .   ? -0.049  18.440  -4.127  1.00 45.52  ? 305 HOH A O   1 
HETATM 1376 O  O   . HOH D 3 .   ? 5.039   17.330  12.303  1.00 43.96  ? 306 HOH A O   1 
HETATM 1377 O  O   . HOH D 3 .   ? 3.943   -19.115 -28.079 1.00 41.60  ? 307 HOH A O   1 
HETATM 1378 O  O   . HOH D 3 .   ? -6.451  12.288  -2.710  1.00 45.85  ? 308 HOH A O   1 
HETATM 1379 O  O   . HOH D 3 .   ? 13.775  7.542   4.071   1.00 46.33  ? 309 HOH A O   1 
HETATM 1380 O  O   . HOH D 3 .   ? -2.532  24.385  17.993  1.00 53.05  ? 310 HOH A O   1 
HETATM 1381 O  O   . HOH D 3 .   ? 0.061   -5.726  -4.803  1.00 35.34  ? 311 HOH A O   1 
HETATM 1382 O  O   . HOH D 3 .   ? 3.686   9.588   1.894   1.00 31.81  ? 312 HOH A O   1 
HETATM 1383 O  O   . HOH D 3 .   ? 3.817   22.412  7.552   1.00 45.97  ? 313 HOH A O   1 
HETATM 1384 O  O   . HOH D 3 .   ? 2.490   13.178  15.291  1.00 47.23  ? 314 HOH A O   1 
HETATM 1385 O  O   . HOH D 3 .   ? 7.966   10.783  12.923  1.00 41.28  ? 315 HOH A O   1 
HETATM 1386 O  O   . HOH D 3 .   ? 9.858   5.304   12.865  1.00 41.26  ? 316 HOH A O   1 
HETATM 1387 O  O   . HOH D 3 .   ? -4.228  14.547  15.437  1.00 43.34  ? 317 HOH A O   1 
HETATM 1388 O  O   . HOH D 3 .   ? 3.511   13.018  8.091   1.00 36.85  ? 318 HOH A O   1 
HETATM 1389 O  O   . HOH D 3 .   ? 6.101   5.313   17.323  1.00 54.57  ? 319 HOH A O   1 
HETATM 1390 O  O   . HOH D 3 .   ? 0.052   9.810   19.560  1.00 51.86  ? 320 HOH A O   1 
HETATM 1391 O  O   . HOH D 3 .   ? 13.699  10.745  -0.420  1.00 53.99  ? 321 HOH A O   1 
# 
